data_3L8Q
#
_entry.id   3L8Q
#
_cell.length_a   59.225
_cell.length_b   73.912
_cell.length_c   90.793
_cell.angle_alpha   100.25
_cell.angle_beta   94.26
_cell.angle_gamma   112.15
#
_symmetry.space_group_name_H-M   'P 1'
#
loop_
_entity.id
_entity.type
_entity.pdbx_description
1 polymer 'Cellulosomal scaffoldin adaptor protein B'
2 non-polymer 1,2-ETHANEDIOL
3 non-polymer 1,3-PROPANDIOL
4 non-polymer HEXANE-1,6-DIOL
5 water water
#
_entity_poly.entity_id   1
_entity_poly.type   'polypeptide(L)'
_entity_poly.pdbx_seq_one_letter_code
;MAPTSSIEIVLDKTTASVGEIVTASINIKNITNFSGCQLNMKYDPAVLQPVTSSGVAYTKSTMPGAGTILNSDFNLRQVA
DNDLEKGILNFSKAYVSLDDYRTAAAPEQTGTVAVVKFKVLKEETSSISFEDTTSVPNAIDGTVLFDWNGDRIQSGYSVI
QPAVINLDMTKASYITMGYDKNAAEVGEIIKATVKINKITNFSGYQVNIKYDPTVLQAVNPKTGVAYTNSSLPTSGELLV
SEDYGPIVQGVHKISEGILNLSRSYTALEVYRASESPEETGTLAVVGFKVLQKKATTVVFEDSETMPNGITGTTLFNWYG
NRIQSGYFVIQPGEINSAPIATLEHHHHHH
;
_entity_poly.pdbx_strand_id   A,B,C,D
#
loop_
_chem_comp.id
_chem_comp.type
_chem_comp.name
_chem_comp.formula
EDO non-polymer 1,2-ETHANEDIOL 'C2 H6 O2'
HEZ non-polymer HEXANE-1,6-DIOL 'C6 H14 O2'
PDO non-polymer 1,3-PROPANDIOL 'C3 H8 O2'
#
# COMPACT_ATOMS: atom_id res chain seq x y z
N MET A 1 24.47 15.33 21.43
N MET A 1 23.98 15.61 21.48
CA MET A 1 24.76 15.60 22.86
CA MET A 1 24.57 15.73 22.84
C MET A 1 25.23 17.05 23.02
C MET A 1 25.10 17.14 23.04
N ALA A 2 25.48 17.48 24.26
CA ALA A 2 26.12 18.78 24.50
C ALA A 2 27.51 18.81 23.86
N PRO A 3 27.92 19.94 23.29
CA PRO A 3 27.27 21.25 23.26
C PRO A 3 26.43 21.54 22.00
N THR A 4 26.16 20.52 21.18
CA THR A 4 25.21 20.64 20.07
C THR A 4 23.84 21.06 20.59
N SER A 5 23.45 20.46 21.73
CA SER A 5 22.34 20.93 22.56
C SER A 5 22.88 22.01 23.47
N SER A 6 22.32 23.21 23.38
CA SER A 6 22.87 24.34 24.10
C SER A 6 21.86 25.46 24.32
N ILE A 7 22.21 26.33 25.26
CA ILE A 7 21.67 27.66 25.36
C ILE A 7 22.87 28.63 25.30
N GLU A 8 22.69 29.74 24.59
CA GLU A 8 23.77 30.67 24.28
C GLU A 8 23.25 32.10 24.25
N ILE A 9 24.09 33.05 24.63
CA ILE A 9 23.79 34.47 24.51
C ILE A 9 24.59 34.97 23.30
N VAL A 10 23.87 35.45 22.29
CA VAL A 10 24.47 35.86 21.02
C VAL A 10 24.20 37.34 20.81
N LEU A 11 25.27 38.11 20.64
CA LEU A 11 25.18 39.54 20.35
C LEU A 11 25.12 39.79 18.86
N ASP A 12 24.35 40.80 18.45
CA ASP A 12 24.25 41.13 17.03
C ASP A 12 25.46 41.90 16.52
N LYS A 13 26.20 42.52 17.44
CA LYS A 13 27.41 43.25 17.13
C LYS A 13 28.37 43.02 18.28
N THR A 14 29.65 42.93 17.98
CA THR A 14 30.62 42.68 19.02
C THR A 14 31.42 43.93 19.41
N THR A 15 31.23 45.01 18.66
CA THR A 15 31.74 46.31 19.05
C THR A 15 30.60 47.33 18.93
N ALA A 16 30.54 48.25 19.88
CA ALA A 16 29.53 49.28 19.89
C ALA A 16 30.03 50.47 20.71
N SER A 17 29.79 51.67 20.20
CA SER A 17 30.18 52.89 20.90
C SER A 17 29.12 53.33 21.90
N VAL A 18 29.51 54.24 22.77
CA VAL A 18 28.61 54.73 23.80
C VAL A 18 27.33 55.29 23.18
N GLY A 19 26.20 54.93 23.78
CA GLY A 19 24.87 55.31 23.31
C GLY A 19 24.22 54.38 22.29
N GLU A 20 24.97 53.43 21.74
CA GLU A 20 24.43 52.49 20.76
C GLU A 20 23.77 51.31 21.46
N ILE A 21 23.00 50.54 20.71
CA ILE A 21 22.25 49.41 21.24
C ILE A 21 22.82 48.11 20.72
N VAL A 22 23.06 47.19 21.65
CA VAL A 22 23.49 45.83 21.33
C VAL A 22 22.35 44.89 21.68
N THR A 23 22.01 44.00 20.76
CA THR A 23 20.90 43.10 20.94
C THR A 23 21.44 41.73 21.28
N ALA A 24 21.11 41.26 22.48
CA ALA A 24 21.47 39.94 22.96
C ALA A 24 20.30 38.97 22.77
N SER A 25 20.49 38.00 21.87
CA SER A 25 19.48 36.98 21.60
C SER A 25 19.80 35.76 22.45
N ILE A 26 18.82 35.26 23.19
CA ILE A 26 19.01 34.05 24.00
C ILE A 26 18.48 32.88 23.17
N ASN A 27 19.41 32.09 22.66
CA ASN A 27 19.12 31.04 21.71
C ASN A 27 19.35 29.65 22.29
N ILE A 28 18.40 28.77 22.03
CA ILE A 28 18.55 27.37 22.35
C ILE A 28 18.67 26.55 21.07
N LYS A 29 19.34 25.42 21.20
CA LYS A 29 19.54 24.50 20.07
C LYS A 29 19.39 23.09 20.59
N ASN A 30 18.52 22.33 19.95
CA ASN A 30 18.36 20.92 20.25
C ASN A 30 18.10 20.58 21.71
N ILE A 31 17.14 21.26 22.32
CA ILE A 31 16.73 20.94 23.69
C ILE A 31 15.47 20.11 23.58
N THR A 32 15.63 18.81 23.82
CA THR A 32 14.56 17.83 23.61
C THR A 32 13.35 18.17 24.45
N ASN A 33 12.21 18.28 23.78
CA ASN A 33 10.91 18.50 24.41
C ASN A 33 10.84 19.76 25.26
N PHE A 34 11.61 20.78 24.89
CA PHE A 34 11.67 22.05 25.62
C PHE A 34 10.28 22.68 25.73
N SER A 35 9.93 23.11 26.95
CA SER A 35 8.66 23.81 27.20
C SER A 35 8.79 25.14 27.90
N GLY A 36 9.99 25.55 28.32
CA GLY A 36 10.11 26.74 29.13
C GLY A 36 11.41 26.86 29.89
N CYS A 37 11.62 28.02 30.50
CA CYS A 37 12.87 28.27 31.16
C CYS A 37 12.74 29.31 32.26
N GLN A 38 13.69 29.30 33.18
CA GLN A 38 13.93 30.42 34.11
C GLN A 38 15.42 30.71 34.02
N LEU A 39 15.76 31.99 33.84
CA LEU A 39 17.13 32.38 33.54
C LEU A 39 17.51 33.57 34.40
N ASN A 40 18.75 33.56 34.86
CA ASN A 40 19.27 34.64 35.70
C ASN A 40 20.50 35.20 34.99
N MET A 41 20.36 36.38 34.40
CA MET A 41 21.38 36.98 33.56
C MET A 41 22.11 38.13 34.26
N LYS A 42 23.44 38.06 34.27
CA LYS A 42 24.27 39.09 34.89
C LYS A 42 24.99 39.93 33.85
N TYR A 43 24.89 41.26 34.02
CA TYR A 43 25.66 42.22 33.22
C TYR A 43 26.21 43.27 34.16
N ASP A 44 27.11 44.09 33.64
CA ASP A 44 27.72 45.16 34.43
C ASP A 44 26.86 46.42 34.27
N PRO A 45 26.17 46.84 35.34
CA PRO A 45 25.24 47.96 35.21
C PRO A 45 25.93 49.34 35.06
N ALA A 46 27.25 49.40 35.23
CA ALA A 46 28.04 50.61 34.86
C ALA A 46 28.33 50.70 33.36
N VAL A 47 28.18 49.58 32.66
CA VAL A 47 28.53 49.52 31.23
C VAL A 47 27.31 49.40 30.31
N LEU A 48 26.33 48.61 30.71
CA LEU A 48 25.17 48.34 29.90
C LEU A 48 23.88 48.60 30.64
N GLN A 49 22.86 49.01 29.89
CA GLN A 49 21.53 49.27 30.42
C GLN A 49 20.51 48.54 29.58
N PRO A 50 19.74 47.61 30.19
CA PRO A 50 18.71 46.95 29.40
C PRO A 50 17.55 47.90 29.08
N VAL A 51 17.16 47.90 27.81
CA VAL A 51 16.16 48.80 27.31
C VAL A 51 15.15 48.05 26.48
N THR A 52 13.90 48.45 26.65
CA THR A 52 12.98 48.60 25.53
C THR A 52 11.48 48.51 25.79
N SER A 53 10.86 49.63 25.48
CA SER A 53 9.54 49.71 24.86
C SER A 53 9.97 50.37 23.55
N SER A 54 10.78 49.60 22.82
CA SER A 54 11.89 50.10 22.00
C SER A 54 12.45 51.47 22.46
N GLY A 55 13.37 51.43 23.42
CA GLY A 55 14.05 52.63 23.92
C GLY A 55 14.02 52.86 25.43
N VAL A 56 13.02 52.32 26.12
CA VAL A 56 12.85 52.63 27.55
C VAL A 56 13.58 51.65 28.47
N ALA A 57 14.28 52.18 29.46
CA ALA A 57 14.97 51.35 30.44
C ALA A 57 14.02 50.37 31.10
N TYR A 58 14.46 49.11 31.20
CA TYR A 58 13.70 48.11 31.98
C TYR A 58 13.55 48.61 33.40
N THR A 59 12.41 48.25 34.00
CA THR A 59 12.22 48.36 35.43
C THR A 59 12.16 46.94 36.00
N LYS A 60 11.88 46.83 37.30
CA LYS A 60 11.92 45.56 38.05
C LYS A 60 11.13 44.44 37.38
N SER A 61 9.98 44.76 36.79
CA SER A 61 9.06 43.74 36.27
C SER A 61 9.16 43.55 34.75
N THR A 62 10.05 44.31 34.10
CA THR A 62 10.13 44.27 32.64
C THR A 62 10.61 42.91 32.12
N MET A 63 9.80 42.32 31.25
CA MET A 63 10.17 41.09 30.55
C MET A 63 11.08 41.40 29.36
N PRO A 64 11.93 40.42 28.99
CA PRO A 64 12.69 40.55 27.75
C PRO A 64 11.74 40.57 26.57
N GLY A 65 12.24 40.96 25.42
CA GLY A 65 11.45 40.95 24.22
C GLY A 65 11.21 39.53 23.75
N ALA A 66 10.19 39.37 22.94
CA ALA A 66 9.83 38.06 22.36
C ALA A 66 10.91 37.59 21.41
N GLY A 67 11.12 36.27 21.38
CA GLY A 67 11.94 35.65 20.34
C GLY A 67 11.11 34.92 19.30
N THR A 68 11.61 33.77 18.84
CA THR A 68 10.99 33.03 17.74
C THR A 68 10.27 31.76 18.19
N ILE A 69 10.43 31.40 19.47
CA ILE A 69 9.69 30.28 20.07
C ILE A 69 9.10 30.77 21.39
N LEU A 70 8.30 29.92 22.06
CA LEU A 70 7.50 30.30 23.23
C LEU A 70 6.47 31.41 22.93
N ASN A 71 5.93 31.42 21.71
CA ASN A 71 4.88 32.37 21.30
C ASN A 71 3.55 31.70 21.01
N SER A 72 3.47 30.39 21.24
CA SER A 72 2.29 29.64 20.84
C SER A 72 1.26 29.50 21.95
N ASP A 73 0.10 28.96 21.59
CA ASP A 73 -1.11 29.00 22.41
C ASP A 73 -1.18 27.81 23.39
N PHE A 74 -0.23 27.78 24.33
CA PHE A 74 -0.17 26.76 25.37
C PHE A 74 -0.03 27.41 26.74
N ASN A 75 -0.69 28.56 26.92
CA ASN A 75 -0.77 29.25 28.22
C ASN A 75 0.58 29.66 28.78
N LEU A 76 1.20 30.63 28.11
CA LEU A 76 2.54 31.08 28.47
C LEU A 76 2.51 31.89 29.75
N ARG A 77 3.29 31.45 30.73
CA ARG A 77 3.47 32.17 31.96
C ARG A 77 4.75 33.00 31.84
N GLN A 78 4.71 34.26 32.28
CA GLN A 78 5.87 35.16 32.15
C GLN A 78 5.97 36.04 33.37
N VAL A 79 7.12 36.00 34.03
CA VAL A 79 7.36 36.89 35.15
C VAL A 79 8.83 37.31 35.15
N ALA A 80 9.07 38.56 35.48
CA ALA A 80 10.42 39.08 35.60
C ALA A 80 10.57 39.74 36.94
N ASP A 81 11.77 39.61 37.50
CA ASP A 81 12.15 40.27 38.73
C ASP A 81 13.63 40.69 38.58
N ASN A 82 13.84 41.89 38.07
CA ASN A 82 15.17 42.38 37.75
C ASN A 82 15.71 43.25 38.87
N ASP A 83 17.03 43.18 39.08
CA ASP A 83 17.72 44.06 40.02
C ASP A 83 18.66 44.92 39.18
N LEU A 84 18.21 46.13 38.86
CA LEU A 84 18.96 46.98 37.93
C LEU A 84 20.18 47.62 38.58
N GLU A 85 20.18 47.71 39.91
CA GLU A 85 21.34 48.22 40.63
C GLU A 85 22.51 47.24 40.56
N LYS A 86 22.19 45.95 40.70
CA LYS A 86 23.20 44.90 40.68
C LYS A 86 23.51 44.41 39.26
N GLY A 87 22.63 44.70 38.31
CA GLY A 87 22.78 44.22 36.94
C GLY A 87 22.35 42.79 36.80
N ILE A 88 21.17 42.46 37.32
CA ILE A 88 20.64 41.09 37.23
C ILE A 88 19.26 41.13 36.60
N LEU A 89 19.09 40.38 35.50
CA LEU A 89 17.77 40.12 34.94
C LEU A 89 17.37 38.72 35.29
N ASN A 90 16.20 38.56 35.90
CA ASN A 90 15.68 37.25 36.18
C ASN A 90 14.30 37.13 35.61
N PHE A 91 14.11 36.14 34.74
CA PHE A 91 12.79 35.97 34.16
C PHE A 91 12.49 34.51 33.95
N SER A 92 11.19 34.24 33.96
CA SER A 92 10.61 32.92 33.69
CA SER A 92 10.64 32.93 33.68
C SER A 92 9.69 33.06 32.51
N LYS A 93 9.76 32.10 31.60
CA LYS A 93 8.94 32.07 30.40
C LYS A 93 8.69 30.59 30.12
N ALA A 94 7.46 30.12 30.36
CA ALA A 94 7.13 28.69 30.23
C ALA A 94 5.66 28.40 29.86
N TYR A 95 5.44 27.40 29.02
CA TYR A 95 4.08 26.93 28.76
C TYR A 95 3.53 26.22 29.99
N VAL A 96 2.28 26.52 30.33
CA VAL A 96 1.59 25.88 31.45
C VAL A 96 0.67 24.75 30.97
N SER A 97 0.14 24.86 29.74
CA SER A 97 -0.75 23.82 29.19
CA SER A 97 -0.74 23.83 29.18
C SER A 97 0.09 22.72 28.54
N LEU A 98 0.76 21.95 29.39
CA LEU A 98 1.72 20.93 28.96
C LEU A 98 1.07 19.68 28.37
N ASP A 99 -0.08 19.25 28.92
CA ASP A 99 -0.79 18.11 28.32
C ASP A 99 -1.08 18.40 26.85
N ASP A 100 -1.59 19.60 26.58
CA ASP A 100 -1.98 20.00 25.22
C ASP A 100 -0.75 20.19 24.34
N TYR A 101 0.34 20.74 24.92
CA TYR A 101 1.61 20.88 24.22
C TYR A 101 2.17 19.52 23.80
N ARG A 102 2.19 18.57 24.74
CA ARG A 102 2.61 17.20 24.43
C ARG A 102 1.78 16.59 23.30
N THR A 103 0.46 16.71 23.42
CA THR A 103 -0.44 16.15 22.42
C THR A 103 -0.20 16.77 21.03
N ALA A 104 0.22 18.04 21.00
CA ALA A 104 0.56 18.71 19.74
C ALA A 104 1.80 18.09 19.06
N ALA A 105 2.66 17.46 19.86
CA ALA A 105 3.77 16.65 19.33
C ALA A 105 4.62 17.39 18.30
N ALA A 106 4.94 18.64 18.62
CA ALA A 106 5.76 19.48 17.74
C ALA A 106 6.59 20.41 18.61
N PRO A 107 7.48 19.82 19.43
CA PRO A 107 8.19 20.61 20.43
C PRO A 107 9.10 21.68 19.82
N GLU A 108 9.25 22.80 20.54
CA GLU A 108 10.05 23.92 20.08
C GLU A 108 11.46 23.79 20.67
N GLN A 109 12.32 23.05 19.97
CA GLN A 109 13.58 22.57 20.55
C GLN A 109 14.73 23.50 20.19
N THR A 110 14.49 24.37 19.22
CA THR A 110 15.52 25.26 18.71
C THR A 110 14.89 26.59 18.36
N GLY A 111 15.51 27.69 18.80
CA GLY A 111 15.09 29.03 18.43
C GLY A 111 15.50 30.02 19.48
N THR A 112 15.01 31.24 19.35
CA THR A 112 15.35 32.33 20.26
C THR A 112 14.24 32.42 21.30
N VAL A 113 14.59 32.22 22.57
CA VAL A 113 13.60 32.23 23.64
C VAL A 113 13.25 33.64 24.07
N ALA A 114 14.21 34.56 23.94
CA ALA A 114 14.01 35.95 24.33
C ALA A 114 15.14 36.81 23.80
N VAL A 115 14.88 38.11 23.74
CA VAL A 115 15.83 39.09 23.28
C VAL A 115 15.97 40.19 24.33
N VAL A 116 17.20 40.54 24.67
CA VAL A 116 17.40 41.70 25.54
C VAL A 116 18.31 42.70 24.83
N LYS A 117 17.80 43.92 24.69
CA LYS A 117 18.58 45.00 24.11
C LYS A 117 19.29 45.77 25.20
N PHE A 118 20.55 46.13 24.96
CA PHE A 118 21.37 46.85 25.95
C PHE A 118 21.90 48.13 25.33
N LYS A 119 21.76 49.23 26.04
CA LYS A 119 22.35 50.49 25.61
C LYS A 119 23.72 50.62 26.27
N VAL A 120 24.72 51.03 25.50
CA VAL A 120 26.10 51.15 26.01
C VAL A 120 26.31 52.48 26.73
N LEU A 121 26.73 52.40 27.99
CA LEU A 121 26.90 53.58 28.88
C LEU A 121 28.35 54.02 29.02
N LYS A 122 29.28 53.10 28.74
CA LYS A 122 30.72 53.30 28.97
C LYS A 122 31.52 52.45 27.99
N GLU A 123 32.64 53.00 27.53
CA GLU A 123 33.63 52.28 26.68
C GLU A 123 34.48 51.38 27.58
N GLU A 124 34.12 50.10 27.65
CA GLU A 124 34.77 49.17 28.56
C GLU A 124 34.41 47.78 28.11
N THR A 125 35.43 46.93 27.95
CA THR A 125 35.21 45.52 27.60
C THR A 125 34.41 44.87 28.74
N SER A 126 33.32 44.19 28.38
CA SER A 126 32.34 43.73 29.37
C SER A 126 31.60 42.48 28.91
N SER A 127 31.23 41.62 29.85
CA SER A 127 30.62 40.36 29.50
C SER A 127 29.21 40.23 30.06
N ILE A 128 28.42 39.36 29.44
CA ILE A 128 27.07 39.04 29.88
C ILE A 128 27.03 37.53 29.99
N SER A 129 26.55 37.03 31.13
CA SER A 129 26.53 35.60 31.44
C SER A 129 25.34 35.27 32.30
N PHE A 130 24.80 34.06 32.14
CA PHE A 130 23.88 33.51 33.13
C PHE A 130 24.69 33.11 34.36
N GLU A 131 24.15 33.36 35.54
CA GLU A 131 24.84 33.06 36.82
C GLU A 131 23.87 32.51 37.85
N ASP A 132 24.33 31.54 38.62
CA ASP A 132 23.54 31.03 39.73
C ASP A 132 23.14 32.14 40.71
N THR A 133 21.92 32.05 41.21
CA THR A 133 21.45 32.92 42.29
C THR A 133 20.91 32.00 43.36
N THR A 134 21.04 32.39 44.62
CA THR A 134 20.60 31.55 45.73
C THR A 134 19.10 31.29 45.72
N SER A 135 18.33 32.21 45.13
CA SER A 135 16.88 32.02 45.00
C SER A 135 16.47 31.03 43.90
N VAL A 136 17.39 30.24 43.37
CA VAL A 136 17.01 29.18 42.40
C VAL A 136 16.46 27.93 43.10
N PRO A 137 17.29 26.97 43.56
CA PRO A 137 18.68 26.57 43.38
C PRO A 137 18.74 25.47 42.31
N ASN A 138 19.86 24.77 42.20
CA ASN A 138 20.06 23.74 41.16
C ASN A 138 19.76 24.24 39.74
N ALA A 139 20.19 25.47 39.48
CA ALA A 139 20.32 25.95 38.11
C ALA A 139 21.65 25.41 37.60
N ILE A 140 21.79 25.32 36.28
CA ILE A 140 23.07 25.02 35.65
C ILE A 140 23.58 26.35 35.14
N ASP A 141 24.54 26.92 35.85
CA ASP A 141 25.11 28.22 35.49
C ASP A 141 24.00 29.24 35.26
N GLY A 142 23.05 29.30 36.19
CA GLY A 142 21.98 30.31 36.13
C GLY A 142 20.84 29.99 35.18
N THR A 143 20.76 28.77 34.69
CA THR A 143 19.76 28.38 33.70
C THR A 143 18.94 27.20 34.23
N VAL A 144 17.63 27.29 34.07
CA VAL A 144 16.73 26.19 34.39
C VAL A 144 15.92 26.02 33.11
N LEU A 145 16.05 24.87 32.46
CA LEU A 145 15.22 24.55 31.29
C LEU A 145 14.27 23.45 31.69
N PHE A 146 13.04 23.53 31.19
CA PHE A 146 11.99 22.55 31.50
C PHE A 146 11.62 21.78 30.24
N ASP A 147 11.30 20.50 30.42
CA ASP A 147 10.74 19.70 29.34
C ASP A 147 9.21 19.71 29.41
N TRP A 148 8.56 19.01 28.47
CA TRP A 148 7.13 19.13 28.35
C TRP A 148 6.35 18.26 29.32
N ASN A 149 7.05 17.59 30.24
CA ASN A 149 6.41 16.97 31.40
C ASN A 149 6.47 17.89 32.62
N GLY A 150 7.09 19.07 32.46
CA GLY A 150 7.26 20.03 33.55
C GLY A 150 8.45 19.74 34.43
N ASP A 151 9.33 18.86 33.97
CA ASP A 151 10.46 18.41 34.74
C ASP A 151 11.65 19.25 34.32
N ARG A 152 12.49 19.60 35.28
CA ARG A 152 13.75 20.28 35.00
C ARG A 152 14.64 19.36 34.17
N ILE A 153 15.32 19.93 33.18
CA ILE A 153 16.31 19.22 32.38
C ILE A 153 17.62 19.34 33.14
N GLN A 154 18.09 18.24 33.70
CA GLN A 154 19.18 18.31 34.67
C GLN A 154 20.56 18.09 34.09
N SER A 155 20.62 17.70 32.81
CA SER A 155 21.89 17.46 32.13
C SER A 155 21.66 17.48 30.62
N GLY A 156 22.75 17.36 29.86
CA GLY A 156 22.66 17.16 28.42
C GLY A 156 22.72 18.38 27.53
N TYR A 157 22.94 19.55 28.13
CA TYR A 157 23.11 20.77 27.35
C TYR A 157 24.25 21.60 27.91
N SER A 158 24.89 22.38 27.03
CA SER A 158 25.92 23.32 27.46
C SER A 158 25.36 24.74 27.56
N VAL A 159 25.95 25.52 28.48
CA VAL A 159 25.69 26.95 28.58
C VAL A 159 26.87 27.63 27.95
N ILE A 160 26.66 28.13 26.73
CA ILE A 160 27.71 28.69 25.93
C ILE A 160 27.79 30.20 26.15
N GLN A 161 28.86 30.62 26.84
CA GLN A 161 28.97 31.98 27.33
C GLN A 161 30.39 32.11 27.88
N PRO A 162 30.82 33.33 28.25
CA PRO A 162 30.13 34.63 28.22
C PRO A 162 29.94 35.20 26.82
N ALA A 163 28.98 36.12 26.67
CA ALA A 163 28.95 37.01 25.51
C ALA A 163 29.77 38.24 25.89
N VAL A 164 30.67 38.71 25.01
CA VAL A 164 31.58 39.79 25.38
C VAL A 164 31.44 40.94 24.37
N ILE A 165 31.32 42.16 24.89
CA ILE A 165 31.20 43.34 24.05
C ILE A 165 32.48 44.17 24.16
N ASN A 166 32.90 44.72 23.03
CA ASN A 166 34.04 45.63 22.97
C ASN A 166 35.38 45.02 23.44
N LEU A 167 35.59 43.74 23.10
CA LEU A 167 36.89 43.09 23.30
C LEU A 167 37.90 43.47 22.23
N ASP A 168 39.07 43.88 22.70
CA ASP A 168 40.20 44.17 21.84
C ASP A 168 41.06 42.90 21.72
N MET A 169 41.10 42.32 20.53
CA MET A 169 41.75 41.01 20.36
C MET A 169 43.27 41.06 20.56
N THR A 170 43.88 42.25 20.50
CA THR A 170 45.32 42.36 20.71
C THR A 170 45.64 42.75 22.15
N LYS A 171 44.87 43.70 22.68
CA LYS A 171 45.10 44.24 24.01
C LYS A 171 44.49 43.46 25.17
N ALA A 172 43.37 42.76 24.94
CA ALA A 172 42.67 42.08 26.06
C ALA A 172 43.42 40.88 26.56
N SER A 173 43.18 40.55 27.81
CA SER A 173 43.67 39.32 28.41
C SER A 173 42.60 38.26 28.27
N TYR A 174 42.95 37.13 27.66
CA TYR A 174 41.98 36.08 27.43
C TYR A 174 42.59 34.73 27.14
N ILE A 175 41.73 33.71 27.24
CA ILE A 175 42.00 32.38 26.73
C ILE A 175 40.90 32.08 25.72
N THR A 176 41.27 31.37 24.65
CA THR A 176 40.31 31.04 23.62
C THR A 176 40.74 29.77 22.91
N MET A 177 39.95 29.38 21.91
N MET A 177 39.90 29.33 21.97
CA MET A 177 40.29 28.27 21.06
CA MET A 177 40.28 28.26 21.05
C MET A 177 40.08 28.72 19.62
C MET A 177 40.12 28.81 19.64
N GLY A 178 41.04 28.43 18.75
CA GLY A 178 40.90 28.70 17.34
C GLY A 178 40.90 27.40 16.56
N TYR A 179 40.25 27.42 15.40
CA TYR A 179 40.21 26.26 14.51
C TYR A 179 41.01 26.61 13.27
N ASP A 180 41.67 25.61 12.68
CA ASP A 180 42.33 25.82 11.39
C ASP A 180 41.29 25.95 10.27
N LYS A 181 40.11 25.38 10.50
CA LYS A 181 38.98 25.56 9.59
C LYS A 181 37.68 25.37 10.38
N ASN A 182 36.64 26.13 10.03
CA ASN A 182 35.38 26.00 10.74
C ASN A 182 34.34 25.19 9.97
N ALA A 183 34.75 24.63 8.84
CA ALA A 183 33.96 23.68 8.10
C ALA A 183 34.89 22.55 7.62
N ALA A 184 34.40 21.32 7.69
CA ALA A 184 35.17 20.15 7.28
C ALA A 184 34.24 18.98 7.00
N GLU A 185 34.63 18.14 6.06
CA GLU A 185 33.81 17.01 5.64
C GLU A 185 34.04 15.80 6.55
N VAL A 186 33.16 14.80 6.46
CA VAL A 186 33.29 13.60 7.26
C VAL A 186 34.65 12.94 7.04
N GLY A 187 35.27 12.53 8.14
CA GLY A 187 36.60 11.93 8.12
C GLY A 187 37.78 12.90 8.16
N GLU A 188 37.51 14.19 7.96
CA GLU A 188 38.55 15.21 8.01
CA GLU A 188 38.55 15.22 8.00
C GLU A 188 38.77 15.62 9.45
N ILE A 189 39.96 16.16 9.72
CA ILE A 189 40.32 16.59 11.06
C ILE A 189 40.38 18.11 11.10
N ILE A 190 39.68 18.66 12.09
CA ILE A 190 39.79 20.08 12.48
C ILE A 190 40.79 20.17 13.61
N LYS A 191 41.78 21.04 13.46
CA LYS A 191 42.75 21.31 14.52
C LYS A 191 42.24 22.45 15.39
N ALA A 192 42.01 22.15 16.67
CA ALA A 192 41.57 23.13 17.65
C ALA A 192 42.75 23.50 18.54
N THR A 193 43.12 24.78 18.55
CA THR A 193 44.28 25.24 19.30
C THR A 193 43.83 26.09 20.46
N VAL A 194 44.15 25.66 21.68
CA VAL A 194 43.95 26.47 22.89
C VAL A 194 45.04 27.50 22.95
N LYS A 195 44.68 28.76 23.14
CA LYS A 195 45.68 29.82 23.15
C LYS A 195 45.30 30.94 24.08
N ILE A 196 46.31 31.65 24.55
CA ILE A 196 46.12 32.79 25.45
C ILE A 196 46.71 34.09 24.89
N ASN A 197 46.22 35.20 25.43
CA ASN A 197 46.70 36.50 25.07
C ASN A 197 46.89 37.31 26.33
N LYS A 198 48.09 37.87 26.47
CA LYS A 198 48.41 38.82 27.54
C LYS A 198 47.97 38.35 28.95
N ILE A 199 48.33 37.12 29.31
CA ILE A 199 48.15 36.64 30.69
C ILE A 199 49.42 36.88 31.50
N THR A 200 49.34 37.81 32.45
CA THR A 200 50.56 38.24 33.16
C THR A 200 51.24 37.11 33.92
N ASN A 201 52.53 36.94 33.66
CA ASN A 201 53.39 35.99 34.37
C ASN A 201 52.82 34.57 34.37
N PHE A 202 52.20 34.20 33.26
CA PHE A 202 51.56 32.89 33.12
C PHE A 202 52.54 31.73 33.30
N SER A 203 52.16 30.72 34.07
CA SER A 203 53.00 29.52 34.23
C SER A 203 52.33 28.16 33.98
N GLY A 204 51.02 28.16 33.70
CA GLY A 204 50.31 26.90 33.49
C GLY A 204 48.81 27.05 33.42
N TYR A 205 48.17 25.99 32.91
CA TYR A 205 46.73 26.00 32.67
C TYR A 205 46.13 24.65 33.02
N GLN A 206 44.83 24.69 33.28
CA GLN A 206 43.97 23.52 33.27
C GLN A 206 42.73 23.96 32.51
N VAL A 207 42.31 23.20 31.50
CA VAL A 207 41.07 23.48 30.79
C VAL A 207 40.20 22.23 30.64
N ASN A 208 38.90 22.48 30.67
CA ASN A 208 37.86 21.47 30.54
C ASN A 208 37.06 21.81 29.29
N ILE A 209 37.08 20.91 28.32
CA ILE A 209 36.56 21.15 27.01
C ILE A 209 35.46 20.11 26.73
N LYS A 210 34.32 20.59 26.25
CA LYS A 210 33.17 19.76 25.92
C LYS A 210 32.93 19.72 24.42
N TYR A 211 32.79 18.50 23.90
CA TYR A 211 32.43 18.32 22.51
C TYR A 211 31.36 17.23 22.45
N ASP A 212 30.71 17.11 21.29
CA ASP A 212 29.64 16.16 21.09
C ASP A 212 30.29 14.92 20.49
N PRO A 213 30.41 13.82 21.27
CA PRO A 213 31.15 12.66 20.73
C PRO A 213 30.41 11.88 19.64
N THR A 214 29.16 12.26 19.36
CA THR A 214 28.44 11.67 18.22
C THR A 214 28.71 12.45 16.93
N VAL A 215 29.31 13.65 17.04
CA VAL A 215 29.58 14.49 15.88
C VAL A 215 31.07 14.66 15.61
N LEU A 216 31.88 14.74 16.66
CA LEU A 216 33.33 14.86 16.59
C LEU A 216 34.03 13.81 17.46
N GLN A 217 35.18 13.35 16.99
CA GLN A 217 36.05 12.42 17.73
C GLN A 217 37.36 13.12 18.08
N ALA A 218 37.75 13.11 19.35
CA ALA A 218 39.04 13.64 19.77
C ALA A 218 40.16 12.74 19.25
N VAL A 219 41.08 13.34 18.49
CA VAL A 219 42.18 12.60 17.87
C VAL A 219 43.41 13.46 17.93
N ASN A 220 44.56 12.81 17.74
CA ASN A 220 45.81 13.47 17.48
C ASN A 220 45.66 14.32 16.21
N PRO A 221 45.98 15.62 16.29
CA PRO A 221 45.69 16.52 15.16
C PRO A 221 46.49 16.30 13.87
N LYS A 222 47.58 15.54 13.94
N LYS A 222 47.62 15.60 13.97
CA LYS A 222 48.40 15.25 12.77
CA LYS A 222 48.38 15.21 12.78
C LYS A 222 48.34 13.77 12.32
C LYS A 222 47.99 13.81 12.32
N THR A 223 48.08 12.83 13.22
CA THR A 223 48.00 11.40 12.84
C THR A 223 46.59 10.84 12.74
N GLY A 224 45.64 11.51 13.39
CA GLY A 224 44.26 11.05 13.40
C GLY A 224 43.94 9.92 14.37
N VAL A 225 44.92 9.48 15.16
CA VAL A 225 44.73 8.39 16.10
C VAL A 225 43.83 8.87 17.24
N ALA A 226 42.81 8.08 17.55
CA ALA A 226 41.84 8.43 18.59
C ALA A 226 42.49 8.66 19.94
N TYR A 227 42.12 9.75 20.60
CA TYR A 227 42.44 9.88 22.03
C TYR A 227 41.82 8.78 22.87
N THR A 228 42.59 8.36 23.87
CA THR A 228 42.07 7.58 25.00
C THR A 228 41.80 8.55 26.15
N ASN A 229 41.32 8.03 27.29
CA ASN A 229 41.10 8.88 28.46
C ASN A 229 42.36 9.43 29.16
N SER A 230 43.54 9.05 28.70
CA SER A 230 44.79 9.60 29.24
C SER A 230 45.69 10.24 28.19
N SER A 231 45.15 10.49 26.99
CA SER A 231 45.96 11.05 25.90
C SER A 231 46.45 12.46 26.19
N LEU A 232 47.70 12.72 25.82
CA LEU A 232 48.27 14.05 25.90
C LEU A 232 47.91 14.87 24.67
N PRO A 233 47.74 16.20 24.86
CA PRO A 233 47.57 17.09 23.73
C PRO A 233 48.90 17.30 23.04
N THR A 234 48.88 17.84 21.83
CA THR A 234 50.10 18.24 21.16
C THR A 234 50.48 19.63 21.66
N SER A 235 51.76 19.80 21.97
CA SER A 235 52.25 21.08 22.53
C SER A 235 52.26 22.19 21.50
N GLY A 236 52.17 23.41 22.04
CA GLY A 236 52.23 24.64 21.27
C GLY A 236 53.50 25.42 21.54
N GLU A 237 53.37 26.74 21.49
CA GLU A 237 54.47 27.67 21.64
C GLU A 237 54.89 27.84 23.08
N LEU A 238 53.94 27.74 24.02
CA LEU A 238 54.23 28.04 25.41
C LEU A 238 54.39 26.79 26.26
N LEU A 239 55.06 26.95 27.40
CA LEU A 239 55.31 25.87 28.37
C LEU A 239 56.17 24.72 27.81
N VAL A 240 57.02 25.02 26.84
CA VAL A 240 57.89 24.02 26.25
C VAL A 240 59.38 24.24 26.55
N SER A 241 59.70 25.18 27.44
CA SER A 241 61.09 25.33 27.87
C SER A 241 61.45 24.26 28.90
N GLU A 242 62.36 23.36 28.53
CA GLU A 242 62.73 22.23 29.39
C GLU A 242 63.29 22.70 30.74
N ASP A 243 63.98 23.84 30.72
CA ASP A 243 64.63 24.40 31.92
C ASP A 243 63.65 24.69 33.05
N TYR A 244 62.38 24.90 32.73
CA TYR A 244 61.40 25.22 33.77
C TYR A 244 60.52 24.03 34.21
N GLY A 245 60.88 22.83 33.75
CA GLY A 245 60.26 21.58 34.21
C GLY A 245 58.77 21.44 33.93
N PRO A 246 58.36 21.56 32.66
CA PRO A 246 56.94 21.36 32.39
C PRO A 246 56.48 19.93 32.67
N ILE A 247 55.26 19.81 33.17
CA ILE A 247 54.58 18.53 33.32
C ILE A 247 53.21 18.70 32.66
N VAL A 248 52.76 17.66 31.96
CA VAL A 248 51.47 17.72 31.24
C VAL A 248 50.73 16.41 31.53
N GLN A 249 49.41 16.51 31.62
CA GLN A 249 48.53 15.38 31.85
C GLN A 249 47.17 15.62 31.23
N GLY A 250 46.59 14.54 30.72
CA GLY A 250 45.21 14.53 30.27
C GLY A 250 44.38 13.48 31.00
N VAL A 251 43.20 13.88 31.44
CA VAL A 251 42.25 13.02 32.14
C VAL A 251 40.86 13.30 31.56
N HIS A 252 40.45 12.43 30.64
CA HIS A 252 39.28 12.68 29.83
C HIS A 252 38.19 11.68 30.11
N LYS A 253 37.01 11.99 29.57
CA LYS A 253 35.89 11.06 29.56
C LYS A 253 35.35 11.08 28.12
N ILE A 254 36.03 10.34 27.25
CA ILE A 254 35.74 10.42 25.80
C ILE A 254 34.31 9.98 25.47
N SER A 255 33.74 9.07 26.25
CA SER A 255 32.36 8.62 26.00
C SER A 255 31.33 9.73 26.23
N GLU A 256 31.72 10.74 26.99
CA GLU A 256 30.84 11.87 27.29
CA GLU A 256 30.87 11.88 27.34
C GLU A 256 31.29 13.14 26.57
N GLY A 257 32.33 13.03 25.74
CA GLY A 257 32.87 14.19 25.03
C GLY A 257 33.49 15.24 25.96
N ILE A 258 34.26 14.78 26.93
CA ILE A 258 34.92 15.69 27.89
C ILE A 258 36.43 15.46 27.85
N LEU A 259 37.18 16.52 27.58
CA LEU A 259 38.62 16.51 27.72
C LEU A 259 38.98 17.40 28.90
N ASN A 260 39.93 16.94 29.71
CA ASN A 260 40.53 17.79 30.72
C ASN A 260 42.04 17.71 30.59
N LEU A 261 42.64 18.88 30.34
CA LEU A 261 44.05 19.01 30.00
C LEU A 261 44.73 19.99 30.95
N SER A 262 45.93 19.65 31.40
CA SER A 262 46.72 20.50 32.29
C SER A 262 48.17 20.46 31.88
N ARG A 263 48.82 21.63 31.88
CA ARG A 263 50.26 21.71 31.72
C ARG A 263 50.76 22.89 32.53
N SER A 264 51.82 22.67 33.32
CA SER A 264 52.40 23.72 34.16
C SER A 264 53.91 23.60 34.19
N TYR A 265 54.60 24.73 34.26
CA TYR A 265 55.98 24.72 34.71
C TYR A 265 56.02 24.43 36.21
N THR A 266 57.05 23.70 36.63
CA THR A 266 57.28 23.40 38.04
C THR A 266 58.48 24.15 38.67
N ALA A 267 59.51 24.49 37.88
CA ALA A 267 60.68 25.19 38.41
C ALA A 267 60.38 26.67 38.30
N LEU A 268 59.50 27.13 39.17
CA LEU A 268 58.98 28.49 39.03
C LEU A 268 60.01 29.54 39.40
N GLU A 269 60.87 29.26 40.37
CA GLU A 269 61.92 30.20 40.77
C GLU A 269 62.88 30.50 39.62
N VAL A 270 63.28 29.44 38.91
CA VAL A 270 64.16 29.57 37.74
C VAL A 270 63.44 30.38 36.66
N TYR A 271 62.16 30.12 36.47
CA TYR A 271 61.35 30.86 35.50
C TYR A 271 61.27 32.36 35.88
N ARG A 272 60.91 32.64 37.13
CA ARG A 272 60.84 34.02 37.61
C ARG A 272 62.17 34.74 37.42
N ALA A 273 63.26 34.03 37.67
CA ALA A 273 64.62 34.61 37.54
C ALA A 273 64.98 35.01 36.10
N SER A 274 64.35 34.37 35.12
CA SER A 274 64.56 34.73 33.73
C SER A 274 64.04 36.13 33.40
N GLU A 275 63.08 36.62 34.19
CA GLU A 275 62.38 37.89 33.94
C GLU A 275 61.84 37.95 32.51
N SER A 276 61.43 36.79 31.97
CA SER A 276 60.90 36.71 30.62
C SER A 276 59.63 35.83 30.65
N PRO A 277 58.52 36.40 31.11
CA PRO A 277 57.30 35.60 31.21
C PRO A 277 56.68 35.27 29.84
N GLU A 278 56.04 34.10 29.75
CA GLU A 278 55.33 33.64 28.56
C GLU A 278 53.85 33.96 28.65
N GLU A 279 53.43 35.05 28.03
CA GLU A 279 52.12 35.62 28.31
C GLU A 279 51.10 35.51 27.16
N THR A 280 51.59 35.26 25.96
CA THR A 280 50.80 35.23 24.74
C THR A 280 51.30 34.12 23.85
N GLY A 281 50.42 33.24 23.42
CA GLY A 281 50.83 32.15 22.53
C GLY A 281 49.92 30.94 22.65
N THR A 282 50.24 29.93 21.87
CA THR A 282 49.46 28.70 21.87
C THR A 282 49.86 27.77 23.01
N LEU A 283 48.87 27.07 23.56
CA LEU A 283 49.08 26.18 24.71
C LEU A 283 48.97 24.71 24.38
N ALA A 284 48.09 24.35 23.43
CA ALA A 284 47.76 22.94 23.21
C ALA A 284 47.00 22.84 21.89
N VAL A 285 47.23 21.75 21.17
CA VAL A 285 46.48 21.47 19.96
C VAL A 285 45.81 20.10 20.11
N VAL A 286 44.51 20.04 19.81
CA VAL A 286 43.71 18.80 19.85
C VAL A 286 43.08 18.64 18.48
N GLY A 287 42.90 17.41 18.04
CA GLY A 287 42.24 17.21 16.77
C GLY A 287 40.81 16.78 17.00
N PHE A 288 39.94 17.20 16.10
CA PHE A 288 38.56 16.74 16.11
C PHE A 288 38.21 16.20 14.73
N LYS A 289 38.01 14.89 14.66
CA LYS A 289 37.61 14.22 13.43
C LYS A 289 36.09 14.31 13.28
N VAL A 290 35.66 14.73 12.10
CA VAL A 290 34.24 14.93 11.82
C VAL A 290 33.61 13.58 11.55
N LEU A 291 32.74 13.17 12.47
CA LEU A 291 31.97 11.92 12.34
C LEU A 291 30.72 12.11 11.49
N GLN A 292 30.08 13.27 11.64
CA GLN A 292 28.90 13.65 10.89
C GLN A 292 29.00 15.14 10.58
N LYS A 293 28.62 15.52 9.37
CA LYS A 293 28.68 16.91 8.98
C LYS A 293 27.39 17.60 9.37
N LYS A 294 27.33 18.02 10.62
CA LYS A 294 26.23 18.86 11.04
C LYS A 294 26.74 19.89 12.03
N ALA A 295 25.92 20.92 12.23
CA ALA A 295 26.36 22.07 13.01
C ALA A 295 26.61 21.62 14.44
N THR A 296 27.74 22.03 14.98
CA THR A 296 28.09 21.74 16.35
C THR A 296 29.11 22.77 16.81
N THR A 297 29.66 22.59 18.00
CA THR A 297 30.73 23.47 18.44
C THR A 297 31.53 22.71 19.47
N VAL A 298 32.61 23.36 19.90
N VAL A 298 32.61 23.34 19.94
CA VAL A 298 33.44 22.88 21.00
CA VAL A 298 33.38 22.82 21.07
C VAL A 298 33.45 24.06 21.98
C VAL A 298 33.68 23.98 22.01
N VAL A 299 33.38 23.80 23.29
CA VAL A 299 33.35 24.89 24.27
C VAL A 299 34.20 24.58 25.48
N PHE A 300 34.69 25.64 26.11
CA PHE A 300 35.15 25.56 27.49
C PHE A 300 33.90 25.47 28.35
N GLU A 301 33.90 24.50 29.27
CA GLU A 301 32.74 24.25 30.09
C GLU A 301 33.14 23.94 31.51
N ASP A 302 32.35 24.45 32.46
CA ASP A 302 32.61 24.21 33.87
C ASP A 302 32.58 22.70 34.15
N SER A 303 33.44 22.29 35.07
CA SER A 303 33.50 20.92 35.55
C SER A 303 33.34 20.90 37.07
N GLU A 304 32.66 19.88 37.58
CA GLU A 304 32.56 19.69 39.02
C GLU A 304 33.95 19.40 39.63
N THR A 305 34.92 19.00 38.79
CA THR A 305 36.29 18.79 39.23
C THR A 305 37.08 20.11 39.31
N MET A 306 36.53 21.18 38.77
CA MET A 306 37.16 22.49 38.82
C MET A 306 36.23 23.51 39.45
N PRO A 307 35.99 23.40 40.76
CA PRO A 307 35.03 24.31 41.39
C PRO A 307 35.48 25.77 41.36
N ASN A 308 36.78 26.03 41.16
CA ASN A 308 37.30 27.39 41.09
C ASN A 308 37.62 27.77 39.66
N GLY A 309 37.22 26.91 38.73
CA GLY A 309 37.39 27.20 37.31
C GLY A 309 36.50 28.35 36.90
N ILE A 310 36.96 29.06 35.87
CA ILE A 310 36.23 30.18 35.29
C ILE A 310 35.81 29.69 33.91
N THR A 311 34.53 29.35 33.76
CA THR A 311 34.02 28.72 32.55
C THR A 311 34.98 27.61 32.07
N GLY A 312 35.34 26.71 32.98
CA GLY A 312 36.16 25.54 32.62
C GLY A 312 37.64 25.84 32.45
N THR A 313 38.08 27.00 32.93
CA THR A 313 39.49 27.38 32.77
C THR A 313 40.14 27.80 34.11
N THR A 314 41.40 27.39 34.25
CA THR A 314 42.24 27.81 35.35
C THR A 314 43.60 28.18 34.77
N LEU A 315 44.03 29.39 35.08
CA LEU A 315 45.35 29.86 34.68
C LEU A 315 46.09 30.24 35.95
N PHE A 316 47.38 29.91 35.99
CA PHE A 316 48.26 30.19 37.12
C PHE A 316 49.33 31.17 36.72
N ASN A 317 49.77 31.99 37.68
CA ASN A 317 50.97 32.78 37.46
C ASN A 317 52.20 32.06 38.04
N TRP A 318 53.36 32.71 37.92
CA TRP A 318 54.60 32.08 38.28
C TRP A 318 54.93 32.07 39.78
N TYR A 319 53.98 32.48 40.62
CA TYR A 319 54.03 32.14 42.05
C TYR A 319 53.09 30.99 42.40
N GLY A 320 52.49 30.36 41.40
CA GLY A 320 51.46 29.34 41.65
C GLY A 320 50.15 29.89 42.17
N ASN A 321 49.85 31.14 41.81
CA ASN A 321 48.58 31.76 42.17
C ASN A 321 47.57 31.53 41.05
N ARG A 322 46.37 31.13 41.41
CA ARG A 322 45.24 31.05 40.47
C ARG A 322 44.89 32.49 40.07
N ILE A 323 44.73 32.73 38.78
CA ILE A 323 44.37 34.05 38.27
C ILE A 323 42.84 34.11 38.30
N GLN A 324 42.31 34.87 39.25
CA GLN A 324 40.88 34.80 39.62
C GLN A 324 40.00 35.82 38.90
N SER A 325 40.66 36.77 38.23
CA SER A 325 39.98 37.83 37.50
C SER A 325 40.93 38.44 36.49
N GLY A 326 40.37 39.32 35.65
CA GLY A 326 41.16 40.09 34.71
C GLY A 326 41.46 39.42 33.38
N TYR A 327 40.83 38.27 33.11
CA TYR A 327 40.82 37.71 31.76
C TYR A 327 39.42 37.21 31.38
N PHE A 328 39.19 37.14 30.07
CA PHE A 328 37.94 36.60 29.51
C PHE A 328 38.17 35.23 28.90
N VAL A 329 37.15 34.41 28.96
CA VAL A 329 37.10 33.15 28.24
C VAL A 329 36.29 33.42 27.00
N ILE A 330 36.92 33.24 25.84
CA ILE A 330 36.30 33.51 24.56
C ILE A 330 36.04 32.19 23.87
N GLN A 331 34.76 31.83 23.80
CA GLN A 331 34.40 30.56 23.16
C GLN A 331 34.69 30.63 21.66
N PRO A 332 35.07 29.50 21.08
CA PRO A 332 35.26 29.49 19.65
C PRO A 332 33.92 29.51 18.90
N GLY A 333 33.97 29.63 17.59
CA GLY A 333 32.75 29.65 16.80
C GLY A 333 32.10 28.29 16.57
N GLU A 334 31.08 28.31 15.74
CA GLU A 334 30.35 27.12 15.33
C GLU A 334 31.20 26.37 14.30
N ILE A 335 31.03 25.05 14.28
CA ILE A 335 31.68 24.19 13.31
C ILE A 335 30.58 23.68 12.38
N ASN A 336 30.82 23.74 11.08
CA ASN A 336 29.87 23.23 10.07
C ASN A 336 28.47 23.85 10.19
N SER A 337 28.44 25.17 10.39
CA SER A 337 27.18 25.92 10.45
C SER A 337 26.36 25.71 9.19
N ALA A 338 25.04 25.69 9.36
CA ALA A 338 24.11 25.74 8.24
C ALA A 338 23.49 27.14 8.18
N MET B 1 0.73 -4.26 -20.15
CA MET B 1 1.23 -4.15 -18.75
C MET B 1 1.79 -2.75 -18.53
N ALA B 2 2.12 -2.42 -17.29
CA ALA B 2 2.74 -1.12 -17.01
C ALA B 2 4.13 -1.09 -17.63
N PRO B 3 4.56 0.07 -18.14
CA PRO B 3 3.97 1.38 -18.19
C PRO B 3 3.16 1.70 -19.44
N THR B 4 2.86 0.69 -20.28
CA THR B 4 1.97 0.91 -21.43
C THR B 4 0.58 1.25 -20.88
N SER B 5 0.22 0.64 -19.76
CA SER B 5 -0.91 1.11 -18.95
C SER B 5 -0.35 2.16 -17.99
N SER B 6 -0.91 3.35 -18.01
CA SER B 6 -0.37 4.46 -17.24
C SER B 6 -1.37 5.58 -16.97
N ILE B 7 -1.05 6.38 -15.95
CA ILE B 7 -1.64 7.71 -15.78
C ILE B 7 -0.45 8.68 -15.80
N GLU B 8 -0.61 9.81 -16.51
CA GLU B 8 0.47 10.76 -16.77
C GLU B 8 -0.04 12.20 -16.73
N ILE B 9 0.78 13.11 -16.20
CA ILE B 9 0.51 14.53 -16.28
C ILE B 9 1.30 15.06 -17.46
N VAL B 10 0.59 15.55 -18.46
CA VAL B 10 1.19 16.01 -19.69
C VAL B 10 0.97 17.51 -19.82
N LEU B 11 2.06 18.27 -19.97
CA LEU B 11 1.98 19.73 -20.10
C LEU B 11 1.97 20.12 -21.57
N ASP B 12 1.18 21.14 -21.93
CA ASP B 12 1.12 21.56 -23.34
C ASP B 12 2.34 22.40 -23.76
N LYS B 13 3.13 22.85 -22.80
CA LYS B 13 4.40 23.51 -23.08
C LYS B 13 5.50 23.19 -22.06
N THR B 14 6.75 23.31 -22.52
CA THR B 14 7.93 23.01 -21.71
C THR B 14 8.54 24.26 -21.08
N THR B 15 8.24 25.42 -21.67
CA THR B 15 8.67 26.69 -21.15
C THR B 15 7.49 27.65 -21.16
N ALA B 16 7.45 28.55 -20.18
CA ALA B 16 6.40 29.57 -20.14
C ALA B 16 6.86 30.75 -19.30
N SER B 17 6.46 31.95 -19.70
CA SER B 17 6.81 33.18 -18.95
C SER B 17 5.71 33.54 -17.95
N VAL B 18 5.98 34.50 -17.07
CA VAL B 18 4.99 34.90 -16.06
C VAL B 18 3.70 35.37 -16.72
N GLY B 19 2.57 34.98 -16.15
CA GLY B 19 1.25 35.36 -16.65
C GLY B 19 0.71 34.41 -17.71
N GLU B 20 1.58 33.61 -18.31
CA GLU B 20 1.18 32.62 -19.32
C GLU B 20 0.49 31.44 -18.64
N ILE B 21 -0.30 30.71 -19.43
CA ILE B 21 -1.04 29.56 -18.95
C ILE B 21 -0.40 28.28 -19.46
N VAL B 22 -0.16 27.35 -18.55
CA VAL B 22 0.32 26.02 -18.87
C VAL B 22 -0.84 25.07 -18.58
N THR B 23 -1.26 24.31 -19.59
CA THR B 23 -2.32 23.32 -19.37
C THR B 23 -1.75 21.94 -19.06
N ALA B 24 -2.12 21.41 -17.89
CA ALA B 24 -1.75 20.07 -17.46
C ALA B 24 -2.92 19.13 -17.76
N SER B 25 -2.72 18.22 -18.72
CA SER B 25 -3.71 17.20 -19.08
C SER B 25 -3.39 15.92 -18.33
N ILE B 26 -4.39 15.38 -17.62
CA ILE B 26 -4.23 14.13 -16.91
C ILE B 26 -4.73 13.01 -17.80
N ASN B 27 -3.78 12.26 -18.36
CA ASN B 27 -4.04 11.28 -19.39
C ASN B 27 -3.83 9.86 -18.89
N ILE B 28 -4.82 9.01 -19.10
CA ILE B 28 -4.66 7.59 -18.83
C ILE B 28 -4.53 6.84 -20.17
N LYS B 29 -3.79 5.74 -20.12
CA LYS B 29 -3.64 4.86 -21.27
C LYS B 29 -3.88 3.41 -20.81
N ASN B 30 -4.72 2.70 -21.54
CA ASN B 30 -4.93 1.27 -21.32
C ASN B 30 -5.21 0.87 -19.87
N ILE B 31 -6.11 1.59 -19.21
CA ILE B 31 -6.57 1.18 -17.87
C ILE B 31 -7.83 0.34 -18.04
N THR B 32 -7.67 -0.98 -17.92
CA THR B 32 -8.74 -1.90 -18.18
C THR B 32 -9.99 -1.62 -17.35
N ASN B 33 -11.11 -1.44 -18.03
CA ASN B 33 -12.40 -1.23 -17.38
C ASN B 33 -12.45 -0.03 -16.43
N PHE B 34 -11.64 0.96 -16.71
CA PHE B 34 -11.61 2.20 -15.93
C PHE B 34 -13.02 2.81 -15.79
N SER B 35 -13.38 3.22 -14.58
CA SER B 35 -14.67 3.88 -14.32
C SER B 35 -14.55 5.19 -13.55
N GLY B 36 -13.36 5.54 -13.09
CA GLY B 36 -13.23 6.74 -12.27
C GLY B 36 -11.94 6.79 -11.48
N CYS B 37 -11.75 7.90 -10.79
CA CYS B 37 -10.51 8.11 -10.08
C CYS B 37 -10.67 9.10 -8.93
N GLN B 38 -9.70 9.06 -8.03
N GLN B 38 -9.75 8.99 -7.97
CA GLN B 38 -9.49 10.12 -7.06
CA GLN B 38 -9.45 10.06 -7.00
C GLN B 38 -8.00 10.40 -7.02
C GLN B 38 -7.98 10.38 -7.16
N LEU B 39 -7.66 11.67 -7.24
CA LEU B 39 -6.28 12.09 -7.46
C LEU B 39 -5.92 13.23 -6.53
N ASN B 40 -4.66 13.23 -6.11
CA ASN B 40 -4.13 14.23 -5.20
C ASN B 40 -2.85 14.77 -5.83
N MET B 41 -2.93 16.01 -6.33
CA MET B 41 -1.89 16.62 -7.16
C MET B 41 -1.20 17.75 -6.40
N LYS B 42 0.14 17.69 -6.37
CA LYS B 42 0.97 18.68 -5.69
C LYS B 42 1.70 19.56 -6.70
N TYR B 43 1.63 20.87 -6.47
CA TYR B 43 2.36 21.84 -7.26
C TYR B 43 2.89 22.88 -6.28
N ASP B 44 3.82 23.69 -6.75
CA ASP B 44 4.43 24.72 -5.90
C ASP B 44 3.61 25.99 -6.02
N PRO B 45 2.93 26.41 -4.92
CA PRO B 45 1.98 27.53 -5.00
C PRO B 45 2.64 28.91 -5.13
N ALA B 46 3.95 28.96 -4.95
CA ALA B 46 4.70 30.19 -5.17
C ALA B 46 5.02 30.36 -6.65
N VAL B 47 4.83 29.29 -7.43
CA VAL B 47 5.22 29.27 -8.85
C VAL B 47 4.05 29.18 -9.84
N LEU B 48 3.06 28.37 -9.50
CA LEU B 48 1.90 28.17 -10.34
C LEU B 48 0.61 28.40 -9.57
N GLN B 49 -0.41 28.87 -10.29
CA GLN B 49 -1.77 29.08 -9.74
C GLN B 49 -2.82 28.40 -10.61
N PRO B 50 -3.57 27.44 -10.04
CA PRO B 50 -4.58 26.81 -10.86
C PRO B 50 -5.75 27.77 -11.11
N VAL B 51 -6.09 27.93 -12.38
CA VAL B 51 -7.18 28.79 -12.80
C VAL B 51 -8.16 28.02 -13.68
N THR B 52 -9.41 28.45 -13.65
CA THR B 52 -10.44 27.82 -14.45
C THR B 52 -10.27 28.19 -15.91
N SER B 53 -11.03 27.50 -16.77
CA SER B 53 -11.28 28.02 -18.09
C SER B 53 -11.92 29.38 -17.83
N SER B 54 -11.62 30.36 -18.67
CA SER B 54 -12.05 31.75 -18.44
C SER B 54 -11.23 32.49 -17.35
N GLY B 55 -10.30 31.79 -16.70
CA GLY B 55 -9.17 32.43 -16.00
C GLY B 55 -9.26 32.78 -14.52
N VAL B 56 -10.28 32.29 -13.83
CA VAL B 56 -10.49 32.62 -12.42
C VAL B 56 -9.81 31.59 -11.52
N ALA B 57 -9.02 32.07 -10.56
CA ALA B 57 -8.30 31.18 -9.65
C ALA B 57 -9.24 30.17 -9.02
N TYR B 58 -8.77 28.92 -8.89
CA TYR B 58 -9.52 27.88 -8.15
C TYR B 58 -9.69 28.33 -6.72
N THR B 59 -10.79 27.90 -6.12
CA THR B 59 -10.99 27.99 -4.69
C THR B 59 -11.08 26.56 -4.14
N LYS B 60 -11.50 26.43 -2.88
CA LYS B 60 -11.58 25.15 -2.19
C LYS B 60 -12.28 24.03 -3.00
N SER B 61 -13.44 24.32 -3.55
CA SER B 61 -14.25 23.26 -4.16
C SER B 61 -14.18 23.22 -5.70
N THR B 62 -13.21 23.91 -6.30
CA THR B 62 -13.14 24.01 -7.76
C THR B 62 -12.64 22.70 -8.36
N MET B 63 -13.47 22.12 -9.23
N MET B 63 -13.45 22.08 -9.22
CA MET B 63 -13.13 20.92 -9.97
CA MET B 63 -13.06 20.83 -9.85
C MET B 63 -12.22 21.30 -11.13
C MET B 63 -12.38 21.16 -11.17
N PRO B 64 -11.41 20.33 -11.60
CA PRO B 64 -10.65 20.55 -12.83
C PRO B 64 -11.56 20.59 -14.04
N GLY B 65 -11.05 21.08 -15.16
CA GLY B 65 -11.85 21.13 -16.38
C GLY B 65 -12.06 19.74 -16.95
N ALA B 66 -13.08 19.62 -17.79
CA ALA B 66 -13.42 18.36 -18.41
C ALA B 66 -12.31 17.89 -19.37
N GLY B 67 -12.19 16.57 -19.51
CA GLY B 67 -11.31 15.97 -20.51
C GLY B 67 -12.12 15.32 -21.62
N THR B 68 -11.57 14.25 -22.18
CA THR B 68 -12.18 13.56 -23.32
C THR B 68 -12.91 12.28 -22.93
N ILE B 69 -12.75 11.86 -21.67
CA ILE B 69 -13.48 10.73 -21.12
C ILE B 69 -14.11 11.13 -19.75
N LEU B 70 -14.91 10.24 -19.19
CA LEU B 70 -15.74 10.53 -18.01
C LEU B 70 -16.77 11.65 -18.27
N ASN B 71 -17.19 11.77 -19.53
CA ASN B 71 -18.15 12.78 -19.93
C ASN B 71 -19.52 12.18 -20.21
N SER B 72 -19.64 10.85 -20.06
CA SER B 72 -20.88 10.16 -20.46
C SER B 72 -21.93 10.06 -19.37
N ASP B 73 -23.12 9.64 -19.79
CA ASP B 73 -24.31 9.58 -18.95
C ASP B 73 -24.36 8.32 -18.06
N PHE B 74 -23.40 8.22 -17.14
CA PHE B 74 -23.37 7.13 -16.15
C PHE B 74 -23.32 7.67 -14.70
N ASN B 75 -24.03 8.76 -14.47
CA ASN B 75 -24.13 9.39 -13.15
C ASN B 75 -22.76 9.74 -12.56
N LEU B 76 -22.07 10.64 -13.23
CA LEU B 76 -20.73 11.05 -12.81
C LEU B 76 -20.80 11.78 -11.47
N ARG B 77 -20.05 11.30 -10.48
N ARG B 77 -20.02 11.30 -10.50
CA ARG B 77 -19.85 12.04 -9.23
CA ARG B 77 -19.79 11.98 -9.23
C ARG B 77 -18.57 12.88 -9.33
C ARG B 77 -18.54 12.87 -9.34
N GLN B 78 -18.63 14.12 -8.87
CA GLN B 78 -17.49 15.05 -8.95
C GLN B 78 -17.37 15.87 -7.67
N VAL B 79 -16.25 15.73 -6.98
CA VAL B 79 -16.01 16.53 -5.76
C VAL B 79 -14.55 16.99 -5.74
N ALA B 80 -14.31 18.19 -5.23
CA ALA B 80 -12.94 18.71 -5.09
C ALA B 80 -12.73 19.28 -3.71
N ASP B 81 -11.52 19.14 -3.19
CA ASP B 81 -11.14 19.75 -1.91
C ASP B 81 -9.68 20.15 -2.01
N ASN B 82 -9.47 21.38 -2.47
CA ASN B 82 -8.14 21.88 -2.77
C ASN B 82 -7.63 22.68 -1.59
N ASP B 83 -6.33 22.57 -1.34
CA ASP B 83 -5.63 23.37 -0.33
C ASP B 83 -4.68 24.28 -1.09
N LEU B 84 -5.12 25.50 -1.36
CA LEU B 84 -4.39 26.38 -2.27
C LEU B 84 -3.16 27.03 -1.66
N GLU B 85 -3.12 27.13 -0.33
CA GLU B 85 -1.91 27.60 0.38
C GLU B 85 -0.77 26.59 0.26
N LYS B 86 -1.08 25.29 0.34
CA LYS B 86 -0.06 24.25 0.27
C LYS B 86 0.23 23.82 -1.17
N GLY B 87 -0.69 24.16 -2.07
CA GLY B 87 -0.57 23.76 -3.47
C GLY B 87 -0.96 22.30 -3.68
N ILE B 88 -2.13 21.92 -3.17
CA ILE B 88 -2.67 20.57 -3.34
C ILE B 88 -4.05 20.62 -3.99
N LEU B 89 -4.19 19.96 -5.13
CA LEU B 89 -5.50 19.73 -5.70
C LEU B 89 -5.90 18.28 -5.41
N ASN B 90 -7.07 18.10 -4.83
CA ASN B 90 -7.59 16.77 -4.58
C ASN B 90 -8.98 16.71 -5.16
N PHE B 91 -9.21 15.76 -6.07
CA PHE B 91 -10.53 15.63 -6.66
C PHE B 91 -10.88 14.20 -7.01
N SER B 92 -12.19 13.95 -7.01
CA SER B 92 -12.75 12.66 -7.37
C SER B 92 -13.73 12.84 -8.54
N LYS B 93 -13.61 11.93 -9.51
CA LYS B 93 -14.39 11.97 -10.74
C LYS B 93 -14.67 10.52 -11.10
N ALA B 94 -15.91 10.08 -10.97
CA ALA B 94 -16.19 8.66 -11.18
C ALA B 94 -17.63 8.41 -11.55
N TYR B 95 -17.85 7.44 -12.43
CA TYR B 95 -19.23 6.97 -12.71
C TYR B 95 -19.78 6.19 -11.51
N VAL B 96 -21.04 6.48 -11.16
CA VAL B 96 -21.75 5.80 -10.09
C VAL B 96 -22.69 4.70 -10.62
N SER B 97 -23.21 4.88 -11.83
CA SER B 97 -24.09 3.90 -12.46
C SER B 97 -23.28 2.80 -13.15
N LEU B 98 -22.64 1.96 -12.35
CA LEU B 98 -21.67 1.00 -12.85
C LEU B 98 -22.30 -0.21 -13.57
N ASP B 99 -23.48 -0.66 -13.13
CA ASP B 99 -24.19 -1.72 -13.86
C ASP B 99 -24.48 -1.25 -15.26
N ASP B 100 -25.04 -0.04 -15.39
CA ASP B 100 -25.33 0.55 -16.71
C ASP B 100 -24.06 0.59 -17.53
N TYR B 101 -22.98 1.03 -16.90
CA TYR B 101 -21.68 1.19 -17.56
C TYR B 101 -21.09 -0.13 -18.06
N ARG B 102 -21.10 -1.17 -17.23
CA ARG B 102 -20.63 -2.51 -17.66
C ARG B 102 -21.45 -3.03 -18.85
N THR B 103 -22.76 -2.81 -18.79
CA THR B 103 -23.69 -3.33 -19.79
C THR B 103 -23.46 -2.67 -21.16
N ALA B 104 -23.11 -1.38 -21.12
CA ALA B 104 -22.66 -0.65 -22.31
C ALA B 104 -21.44 -1.31 -22.96
N ALA B 105 -20.62 -2.00 -22.15
CA ALA B 105 -19.46 -2.74 -22.65
C ALA B 105 -18.62 -1.93 -23.64
N ALA B 106 -18.33 -0.68 -23.29
CA ALA B 106 -17.47 0.18 -24.09
C ALA B 106 -16.63 1.05 -23.14
N PRO B 107 -15.75 0.41 -22.35
CA PRO B 107 -15.11 1.11 -21.26
C PRO B 107 -14.11 2.12 -21.75
N GLU B 108 -13.99 3.20 -20.99
CA GLU B 108 -13.17 4.33 -21.36
C GLU B 108 -11.79 4.15 -20.74
N GLN B 109 -10.91 3.46 -21.48
CA GLN B 109 -9.66 2.94 -20.93
C GLN B 109 -8.50 3.86 -21.24
N THR B 110 -8.68 4.74 -22.22
CA THR B 110 -7.65 5.68 -22.67
C THR B 110 -8.32 7.02 -22.95
N GLY B 111 -7.72 8.10 -22.42
CA GLY B 111 -8.28 9.43 -22.59
C GLY B 111 -7.75 10.41 -21.56
N THR B 112 -8.15 11.66 -21.73
CA THR B 112 -7.85 12.70 -20.75
C THR B 112 -8.97 12.75 -19.72
N VAL B 113 -8.65 12.46 -18.46
CA VAL B 113 -9.68 12.41 -17.40
C VAL B 113 -10.07 13.82 -16.92
N ALA B 114 -9.12 14.73 -17.01
CA ALA B 114 -9.35 16.10 -16.57
C ALA B 114 -8.15 16.97 -16.94
N VAL B 115 -8.37 18.27 -16.94
CA VAL B 115 -7.32 19.23 -17.31
C VAL B 115 -7.26 20.31 -16.24
N VAL B 116 -6.04 20.66 -15.83
CA VAL B 116 -5.81 21.76 -14.89
C VAL B 116 -4.95 22.83 -15.56
N LYS B 117 -5.50 24.03 -15.66
CA LYS B 117 -4.76 25.13 -16.27
C LYS B 117 -4.05 25.87 -15.15
N PHE B 118 -2.77 26.17 -15.34
CA PHE B 118 -1.94 26.84 -14.33
C PHE B 118 -1.40 28.17 -14.84
N LYS B 119 -1.57 29.22 -14.04
CA LYS B 119 -0.99 30.52 -14.35
C LYS B 119 0.42 30.59 -13.78
N VAL B 120 1.39 30.99 -14.60
CA VAL B 120 2.76 31.11 -14.15
C VAL B 120 2.97 32.40 -13.35
N LEU B 121 3.36 32.25 -12.08
CA LEU B 121 3.57 33.37 -11.16
C LEU B 121 5.05 33.72 -11.05
N LYS B 122 5.93 32.78 -11.36
CA LYS B 122 7.37 32.95 -11.18
C LYS B 122 8.10 32.15 -12.22
N GLU B 123 9.20 32.71 -12.71
CA GLU B 123 10.05 31.99 -13.65
C GLU B 123 11.11 31.21 -12.83
N GLU B 124 10.79 29.94 -12.64
CA GLU B 124 11.54 29.05 -11.76
C GLU B 124 11.18 27.61 -12.17
N THR B 125 12.18 26.76 -12.33
CA THR B 125 11.93 25.37 -12.67
C THR B 125 11.07 24.73 -11.57
N SER B 126 10.00 24.04 -11.98
CA SER B 126 8.99 23.58 -11.03
C SER B 126 8.32 22.34 -11.55
N SER B 127 7.94 21.47 -10.63
CA SER B 127 7.37 20.20 -11.02
C SER B 127 5.96 20.03 -10.48
N ILE B 128 5.20 19.21 -11.19
CA ILE B 128 3.83 18.87 -10.79
C ILE B 128 3.74 17.36 -10.70
N SER B 129 3.26 16.83 -9.56
CA SER B 129 3.18 15.37 -9.33
C SER B 129 1.98 14.97 -8.51
N PHE B 130 1.47 13.77 -8.76
CA PHE B 130 0.55 13.15 -7.81
C PHE B 130 1.39 12.69 -6.61
N GLU B 131 0.84 12.86 -5.41
CA GLU B 131 1.54 12.52 -4.17
C GLU B 131 0.55 11.95 -3.17
N ASP B 132 1.00 10.96 -2.40
CA ASP B 132 0.18 10.38 -1.35
C ASP B 132 -0.19 11.43 -0.31
N THR B 133 -1.42 11.33 0.20
CA THR B 133 -1.89 12.11 1.34
C THR B 133 -2.45 11.14 2.36
N THR B 134 -2.27 11.46 3.64
CA THR B 134 -2.72 10.60 4.72
C THR B 134 -4.24 10.51 4.75
N SER B 135 -4.81 9.48 5.38
CA SER B 135 -4.09 8.37 6.00
C SER B 135 -4.62 7.08 5.40
N VAL B 136 -3.77 6.07 5.27
CA VAL B 136 -4.11 4.83 4.58
C VAL B 136 -5.10 5.12 3.45
N PRO B 137 -4.77 6.07 2.55
CA PRO B 137 -5.69 6.39 1.48
C PRO B 137 -5.76 5.22 0.51
N ASN B 138 -4.80 4.30 0.61
CA ASN B 138 -4.64 3.18 -0.32
C ASN B 138 -4.54 3.74 -1.72
N ALA B 139 -3.48 4.51 -1.94
CA ALA B 139 -3.22 5.18 -3.20
C ALA B 139 -1.86 4.74 -3.71
N ILE B 140 -1.70 4.78 -5.03
CA ILE B 140 -0.41 4.54 -5.70
C ILE B 140 0.12 5.91 -6.13
N ASP B 141 1.09 6.43 -5.38
CA ASP B 141 1.65 7.76 -5.63
C ASP B 141 0.58 8.84 -5.77
N GLY B 142 -0.41 8.83 -4.88
CA GLY B 142 -1.46 9.83 -4.91
C GLY B 142 -2.52 9.59 -5.96
N THR B 143 -2.54 8.38 -6.53
CA THR B 143 -3.59 8.01 -7.49
C THR B 143 -4.37 6.79 -7.01
N VAL B 144 -5.68 6.88 -7.18
CA VAL B 144 -6.59 5.77 -6.95
C VAL B 144 -7.46 5.68 -8.21
N LEU B 145 -7.33 4.56 -8.93
CA LEU B 145 -8.14 4.35 -10.12
C LEU B 145 -9.11 3.22 -9.79
N PHE B 146 -10.33 3.35 -10.32
CA PHE B 146 -11.40 2.39 -10.10
C PHE B 146 -11.76 1.67 -11.40
N ASP B 147 -12.09 0.37 -11.29
CA ASP B 147 -12.68 -0.38 -12.39
C ASP B 147 -14.20 -0.32 -12.35
N TRP B 148 -14.84 -0.93 -13.35
CA TRP B 148 -16.28 -0.77 -13.50
C TRP B 148 -17.12 -1.69 -12.63
N ASN B 149 -16.45 -2.48 -11.79
CA ASN B 149 -17.06 -3.14 -10.65
C ASN B 149 -17.03 -2.31 -9.36
N GLY B 150 -16.37 -1.14 -9.41
CA GLY B 150 -16.22 -0.26 -8.25
C GLY B 150 -14.99 -0.54 -7.41
N ASP B 151 -14.15 -1.48 -7.87
CA ASP B 151 -12.97 -1.90 -7.11
C ASP B 151 -11.75 -1.07 -7.47
N ARG B 152 -10.93 -0.76 -6.46
CA ARG B 152 -9.63 -0.13 -6.67
C ARG B 152 -8.71 -1.00 -7.53
N ILE B 153 -8.10 -0.40 -8.54
CA ILE B 153 -7.10 -1.10 -9.34
C ILE B 153 -5.81 -1.03 -8.55
N GLN B 154 -5.38 -2.17 -7.99
CA GLN B 154 -4.32 -2.16 -6.98
C GLN B 154 -2.92 -2.30 -7.56
N SER B 155 -2.84 -2.66 -8.84
CA SER B 155 -1.56 -2.82 -9.53
C SER B 155 -1.77 -2.70 -11.03
N GLY B 156 -0.68 -2.74 -11.78
CA GLY B 156 -0.74 -2.92 -13.22
C GLY B 156 -0.70 -1.66 -14.05
N TYR B 157 -0.50 -0.52 -13.39
CA TYR B 157 -0.31 0.74 -14.10
C TYR B 157 0.78 1.56 -13.45
N SER B 158 1.46 2.34 -14.29
CA SER B 158 2.51 3.24 -13.85
C SER B 158 1.99 4.66 -13.69
N VAL B 159 2.54 5.40 -12.72
CA VAL B 159 2.29 6.83 -12.57
C VAL B 159 3.50 7.55 -13.13
N ILE B 160 3.32 8.11 -14.32
CA ILE B 160 4.42 8.68 -15.07
C ILE B 160 4.53 10.16 -14.75
N GLN B 161 5.60 10.50 -14.06
CA GLN B 161 5.76 11.84 -13.55
C GLN B 161 7.19 11.92 -13.07
N PRO B 162 7.65 13.12 -12.68
CA PRO B 162 6.99 14.41 -12.62
C PRO B 162 6.81 15.06 -13.99
N ALA B 163 5.86 15.99 -14.07
CA ALA B 163 5.80 16.95 -15.16
C ALA B 163 6.56 18.19 -14.71
N VAL B 164 7.45 18.71 -15.57
CA VAL B 164 8.34 19.79 -15.17
C VAL B 164 8.23 20.94 -16.14
N ILE B 165 8.05 22.14 -15.61
CA ILE B 165 7.97 23.37 -16.41
C ILE B 165 9.26 24.18 -16.20
N ASN B 166 9.77 24.78 -17.27
CA ASN B 166 10.91 25.72 -17.23
C ASN B 166 12.23 25.08 -16.75
N LEU B 167 12.43 23.82 -17.11
CA LEU B 167 13.68 23.14 -16.84
C LEU B 167 14.72 23.59 -17.87
N ASP B 168 15.87 24.01 -17.37
CA ASP B 168 17.01 24.34 -18.22
C ASP B 168 17.88 23.08 -18.41
N MET B 169 17.90 22.54 -19.63
CA MET B 169 18.60 21.30 -19.88
C MET B 169 20.12 21.39 -19.73
N THR B 170 20.67 22.60 -19.79
CA THR B 170 22.09 22.83 -19.56
C THR B 170 22.42 22.95 -18.09
N LYS B 171 21.63 23.76 -17.37
CA LYS B 171 22.00 24.13 -16.00
C LYS B 171 21.34 23.31 -14.89
N ALA B 172 20.20 22.70 -15.18
CA ALA B 172 19.47 21.92 -14.18
C ALA B 172 20.24 20.66 -13.80
N SER B 173 20.07 20.24 -12.57
CA SER B 173 20.58 18.94 -12.12
C SER B 173 19.48 17.92 -12.34
N TYR B 174 19.79 16.82 -13.03
CA TYR B 174 18.77 15.80 -13.30
C TYR B 174 19.38 14.47 -13.71
N ILE B 175 18.54 13.45 -13.65
CA ILE B 175 18.82 12.15 -14.24
C ILE B 175 17.72 11.93 -15.26
N THR B 176 18.04 11.27 -16.37
CA THR B 176 17.07 11.05 -17.44
C THR B 176 17.49 9.81 -18.23
N MET B 177 16.67 9.48 -19.23
CA MET B 177 17.01 8.42 -20.17
C MET B 177 16.78 8.95 -21.56
N GLY B 178 17.68 8.59 -22.47
CA GLY B 178 17.54 8.88 -23.88
C GLY B 178 17.55 7.60 -24.69
N TYR B 179 16.94 7.66 -25.86
CA TYR B 179 16.94 6.55 -26.79
C TYR B 179 17.75 6.92 -28.02
N ASP B 180 18.42 5.95 -28.62
CA ASP B 180 19.05 6.17 -29.93
C ASP B 180 18.01 6.34 -31.05
N LYS B 181 16.84 5.75 -30.87
CA LYS B 181 15.73 5.92 -31.79
C LYS B 181 14.43 5.70 -31.03
N ASN B 182 13.40 6.47 -31.37
CA ASN B 182 12.11 6.33 -30.69
C ASN B 182 11.03 5.57 -31.46
N ALA B 183 11.43 4.98 -32.58
CA ALA B 183 10.59 4.07 -33.33
C ALA B 183 11.49 2.96 -33.85
N ALA B 184 10.98 1.73 -33.87
CA ALA B 184 11.77 0.58 -34.31
C ALA B 184 10.82 -0.56 -34.63
N GLU B 185 11.18 -1.34 -35.65
CA GLU B 185 10.36 -2.50 -36.04
C GLU B 185 10.63 -3.69 -35.12
N VAL B 186 9.73 -4.68 -35.20
CA VAL B 186 9.87 -5.89 -34.40
C VAL B 186 11.21 -6.55 -34.65
N GLY B 187 11.81 -7.01 -33.57
CA GLY B 187 13.11 -7.64 -33.59
C GLY B 187 14.28 -6.68 -33.52
N GLU B 188 14.03 -5.38 -33.71
CA GLU B 188 15.10 -4.36 -33.62
C GLU B 188 15.35 -3.94 -32.17
N ILE B 189 16.55 -3.42 -31.92
CA ILE B 189 16.95 -3.00 -30.57
C ILE B 189 16.94 -1.48 -30.48
N ILE B 190 16.32 -0.98 -29.42
CA ILE B 190 16.38 0.44 -29.04
C ILE B 190 17.40 0.52 -27.90
N LYS B 191 18.39 1.39 -28.03
CA LYS B 191 19.38 1.57 -26.97
C LYS B 191 18.91 2.67 -26.06
N ALA B 192 18.71 2.32 -24.79
CA ALA B 192 18.30 3.30 -23.78
C ALA B 192 19.50 3.61 -22.87
N THR B 193 19.84 4.90 -22.81
CA THR B 193 20.96 5.37 -22.02
C THR B 193 20.49 6.18 -20.82
N VAL B 194 20.84 5.70 -19.64
CA VAL B 194 20.66 6.47 -18.40
C VAL B 194 21.83 7.47 -18.30
N LYS B 195 21.50 8.74 -18.07
CA LYS B 195 22.52 9.80 -18.02
C LYS B 195 22.14 10.86 -17.01
N ILE B 196 23.18 11.54 -16.53
CA ILE B 196 22.99 12.64 -15.55
C ILE B 196 23.59 13.95 -16.03
N ASN B 197 23.09 15.03 -15.44
CA ASN B 197 23.57 16.36 -15.69
C ASN B 197 23.75 17.06 -14.36
N LYS B 198 24.96 17.55 -14.12
CA LYS B 198 25.27 18.39 -12.97
C LYS B 198 24.84 17.83 -11.61
N ILE B 199 25.20 16.57 -11.34
CA ILE B 199 25.04 15.99 -10.01
C ILE B 199 26.32 16.17 -9.20
N THR B 200 26.26 17.04 -8.20
CA THR B 200 27.44 17.46 -7.45
C THR B 200 28.13 16.29 -6.76
N ASN B 201 29.43 16.15 -7.05
CA ASN B 201 30.27 15.15 -6.40
C ASN B 201 29.72 13.71 -6.53
N PHE B 202 29.11 13.44 -7.68
CA PHE B 202 28.48 12.14 -7.94
C PHE B 202 29.47 10.97 -7.83
N SER B 203 29.04 9.92 -7.13
CA SER B 203 29.84 8.71 -6.93
C SER B 203 29.13 7.38 -7.22
N GLY B 204 27.83 7.41 -7.44
CA GLY B 204 27.11 6.16 -7.70
C GLY B 204 25.61 6.32 -7.82
N TYR B 205 24.99 5.29 -8.40
CA TYR B 205 23.56 5.29 -8.64
C TYR B 205 22.91 3.96 -8.32
N GLN B 206 21.61 4.02 -8.05
CA GLN B 206 20.70 2.87 -8.13
C GLN B 206 19.47 3.37 -8.86
N VAL B 207 19.04 2.67 -9.90
CA VAL B 207 17.85 3.06 -10.61
C VAL B 207 16.94 1.85 -10.77
N ASN B 208 15.65 2.12 -10.71
CA ASN B 208 14.61 1.12 -10.94
C ASN B 208 13.82 1.51 -12.18
N ILE B 209 13.84 0.63 -13.18
CA ILE B 209 13.29 0.92 -14.48
C ILE B 209 12.14 -0.05 -14.81
N LYS B 210 11.01 0.49 -15.26
CA LYS B 210 9.84 -0.31 -15.61
C LYS B 210 9.62 -0.28 -17.10
N TYR B 211 9.43 -1.46 -17.66
CA TYR B 211 9.07 -1.63 -19.07
C TYR B 211 7.99 -2.70 -19.14
N ASP B 212 7.32 -2.77 -20.28
CA ASP B 212 6.22 -3.69 -20.48
C ASP B 212 6.83 -4.92 -21.18
N PRO B 213 6.93 -6.05 -20.46
CA PRO B 213 7.66 -7.18 -21.00
C PRO B 213 6.93 -7.92 -22.12
N THR B 214 5.70 -7.51 -22.42
CA THR B 214 4.97 -8.03 -23.60
C THR B 214 5.22 -7.20 -24.85
N VAL B 215 5.85 -6.04 -24.68
CA VAL B 215 6.16 -5.17 -25.81
C VAL B 215 7.68 -5.03 -26.05
N LEU B 216 8.46 -4.95 -24.96
CA LEU B 216 9.92 -4.82 -25.04
C LEU B 216 10.61 -5.90 -24.23
N GLN B 217 11.76 -6.35 -24.70
CA GLN B 217 12.60 -7.32 -24.00
C GLN B 217 13.93 -6.68 -23.64
N ALA B 218 14.30 -6.73 -22.37
CA ALA B 218 15.61 -6.24 -21.97
C ALA B 218 16.74 -7.13 -22.50
N VAL B 219 17.67 -6.52 -23.24
CA VAL B 219 18.77 -7.20 -23.90
C VAL B 219 20.08 -6.39 -23.86
N ASN B 220 21.19 -7.07 -24.11
CA ASN B 220 22.45 -6.40 -24.35
C ASN B 220 22.23 -5.46 -25.53
N PRO B 221 22.60 -4.18 -25.38
CA PRO B 221 22.31 -3.22 -26.47
C PRO B 221 23.12 -3.45 -27.75
N LYS B 222 24.22 -4.18 -27.65
CA LYS B 222 25.06 -4.50 -28.81
C LYS B 222 24.77 -5.88 -29.39
N THR B 223 24.71 -6.89 -28.52
CA THR B 223 24.61 -8.28 -28.97
C THR B 223 23.18 -8.79 -29.10
N GLY B 224 22.25 -8.14 -28.41
CA GLY B 224 20.85 -8.54 -28.41
C GLY B 224 20.54 -9.77 -27.56
N VAL B 225 21.53 -10.26 -26.81
CA VAL B 225 21.34 -11.38 -25.88
C VAL B 225 20.44 -10.96 -24.72
N ALA B 226 19.45 -11.78 -24.39
CA ALA B 226 18.44 -11.44 -23.39
C ALA B 226 19.05 -11.29 -22.00
N TYR B 227 18.62 -10.25 -21.27
CA TYR B 227 18.99 -10.14 -19.87
C TYR B 227 18.39 -11.29 -19.09
N THR B 228 19.14 -11.74 -18.08
CA THR B 228 18.62 -12.57 -17.01
C THR B 228 18.40 -11.65 -15.81
N ASN B 229 17.89 -12.19 -14.70
CA ASN B 229 17.67 -11.36 -13.51
C ASN B 229 18.93 -10.91 -12.78
N SER B 230 20.11 -11.27 -13.29
CA SER B 230 21.36 -10.78 -12.74
C SER B 230 22.27 -10.07 -13.77
N SER B 231 21.73 -9.76 -14.96
CA SER B 231 22.58 -9.14 -15.97
C SER B 231 23.06 -7.75 -15.61
N LEU B 232 24.29 -7.46 -15.99
CA LEU B 232 24.88 -6.15 -15.80
C LEU B 232 24.55 -5.24 -16.98
N PRO B 233 24.43 -3.95 -16.71
CA PRO B 233 24.21 -3.00 -17.80
C PRO B 233 25.53 -2.73 -18.49
N THR B 234 25.48 -2.27 -19.72
CA THR B 234 26.69 -1.80 -20.39
C THR B 234 27.12 -0.44 -19.80
N SER B 235 28.42 -0.30 -19.50
CA SER B 235 28.90 0.96 -18.92
C SER B 235 28.88 2.12 -19.90
N GLY B 236 28.77 3.30 -19.32
CA GLY B 236 28.80 4.55 -20.05
C GLY B 236 30.10 5.29 -19.76
N GLU B 237 30.01 6.62 -19.70
CA GLU B 237 31.20 7.49 -19.55
C GLU B 237 31.66 7.58 -18.11
N LEU B 238 30.71 7.50 -17.19
CA LEU B 238 30.99 7.73 -15.78
C LEU B 238 31.17 6.40 -15.05
N LEU B 239 31.81 6.46 -13.88
CA LEU B 239 31.95 5.32 -12.97
C LEU B 239 32.85 4.19 -13.55
N VAL B 240 33.76 4.58 -14.44
CA VAL B 240 34.66 3.59 -15.12
C VAL B 240 36.16 3.78 -14.85
N SER B 241 36.50 4.65 -13.91
CA SER B 241 37.88 4.78 -13.50
C SER B 241 38.19 3.63 -12.55
N GLU B 242 39.08 2.73 -12.94
CA GLU B 242 39.44 1.58 -12.09
C GLU B 242 40.02 2.04 -10.74
N ASP B 243 40.74 3.15 -10.74
CA ASP B 243 41.42 3.61 -9.51
C ASP B 243 40.46 3.87 -8.36
N TYR B 244 39.18 4.09 -8.68
CA TYR B 244 38.16 4.39 -7.65
C TYR B 244 37.29 3.20 -7.26
N GLY B 245 37.60 2.02 -7.79
CA GLY B 245 37.00 0.78 -7.32
C GLY B 245 35.51 0.65 -7.57
N PRO B 246 35.10 0.78 -8.85
CA PRO B 246 33.70 0.61 -9.15
C PRO B 246 33.21 -0.83 -8.96
N ILE B 247 32.00 -0.95 -8.41
CA ILE B 247 31.28 -2.21 -8.29
C ILE B 247 29.93 -2.01 -8.94
N VAL B 248 29.46 -3.01 -9.68
CA VAL B 248 28.20 -2.93 -10.41
C VAL B 248 27.42 -4.23 -10.21
N GLN B 249 26.11 -4.09 -10.10
CA GLN B 249 25.23 -5.22 -9.87
C GLN B 249 23.86 -4.95 -10.48
N GLY B 250 23.27 -5.99 -11.08
CA GLY B 250 21.87 -5.99 -11.52
C GLY B 250 21.03 -7.01 -10.77
N VAL B 251 19.84 -6.61 -10.34
CA VAL B 251 18.89 -7.51 -9.67
C VAL B 251 17.52 -7.18 -10.23
N HIS B 252 17.06 -8.02 -11.15
CA HIS B 252 15.88 -7.70 -11.95
C HIS B 252 14.71 -8.66 -11.67
N LYS B 253 13.57 -8.30 -12.21
CA LYS B 253 12.42 -9.19 -12.30
C LYS B 253 11.90 -9.05 -13.73
N ILE B 254 12.57 -9.72 -14.67
CA ILE B 254 12.21 -9.57 -16.08
C ILE B 254 10.79 -10.01 -16.40
N SER B 255 10.26 -10.98 -15.65
CA SER B 255 8.89 -11.44 -15.87
C SER B 255 7.87 -10.33 -15.60
N GLU B 256 8.29 -9.33 -14.81
CA GLU B 256 7.45 -8.18 -14.48
C GLU B 256 7.97 -6.91 -15.17
N GLY B 257 8.96 -7.06 -16.03
CA GLY B 257 9.58 -5.91 -16.69
C GLY B 257 10.13 -4.88 -15.72
N ILE B 258 10.88 -5.35 -14.74
CA ILE B 258 11.55 -4.50 -13.77
C ILE B 258 13.06 -4.75 -13.83
N LEU B 259 13.83 -3.69 -14.08
CA LEU B 259 15.28 -3.72 -13.95
C LEU B 259 15.66 -2.90 -12.73
N ASN B 260 16.58 -3.43 -11.94
CA ASN B 260 17.18 -2.66 -10.88
C ASN B 260 18.68 -2.77 -10.99
N LEU B 261 19.30 -1.61 -11.24
CA LEU B 261 20.72 -1.49 -11.59
C LEU B 261 21.44 -0.56 -10.60
N SER B 262 22.64 -0.94 -10.18
CA SER B 262 23.43 -0.11 -9.28
C SER B 262 24.88 -0.17 -9.70
N ARG B 263 25.54 0.99 -9.65
CA ARG B 263 26.99 1.07 -9.80
C ARG B 263 27.50 2.19 -8.93
N SER B 264 28.55 1.92 -8.16
CA SER B 264 29.14 2.91 -7.26
C SER B 264 30.67 2.74 -7.24
N TYR B 265 31.37 3.86 -7.12
CA TYR B 265 32.74 3.85 -6.67
C TYR B 265 32.80 3.50 -5.18
N THR B 266 33.85 2.80 -4.79
CA THR B 266 34.07 2.43 -3.39
C THR B 266 35.27 3.13 -2.75
N ALA B 267 36.31 3.42 -3.52
CA ALA B 267 37.50 4.09 -3.01
C ALA B 267 37.28 5.59 -3.01
N LEU B 268 36.35 6.00 -2.15
CA LEU B 268 35.86 7.36 -2.14
C LEU B 268 36.91 8.36 -1.71
N GLU B 269 37.77 7.98 -0.76
CA GLU B 269 38.85 8.88 -0.32
C GLU B 269 39.78 9.24 -1.49
N VAL B 270 40.17 8.25 -2.28
CA VAL B 270 40.99 8.45 -3.47
C VAL B 270 40.30 9.35 -4.50
N TYR B 271 39.01 9.11 -4.69
CA TYR B 271 38.20 9.89 -5.62
C TYR B 271 38.09 11.36 -5.15
N ARG B 272 37.77 11.58 -3.88
CA ARG B 272 37.76 12.92 -3.29
C ARG B 272 39.11 13.63 -3.50
N ALA B 273 40.21 12.90 -3.32
CA ALA B 273 41.55 13.49 -3.43
C ALA B 273 41.85 14.00 -4.82
N SER B 274 41.19 13.44 -5.84
CA SER B 274 41.34 13.95 -7.19
C SER B 274 40.83 15.37 -7.37
N GLU B 275 39.92 15.80 -6.48
CA GLU B 275 39.23 17.10 -6.60
C GLU B 275 38.62 17.27 -7.98
N SER B 276 38.18 16.15 -8.56
CA SER B 276 37.78 16.11 -9.96
C SER B 276 36.53 15.24 -10.11
N PRO B 277 35.38 15.74 -9.65
CA PRO B 277 34.15 14.95 -9.62
C PRO B 277 33.55 14.67 -11.00
N GLU B 278 32.89 13.51 -11.14
CA GLU B 278 32.20 13.12 -12.37
C GLU B 278 30.71 13.44 -12.28
N GLU B 279 30.30 14.59 -12.81
CA GLU B 279 29.00 15.19 -12.49
C GLU B 279 27.99 15.15 -13.62
N THR B 280 28.47 14.95 -14.85
CA THR B 280 27.66 15.01 -16.04
C THR B 280 28.15 13.94 -16.99
N GLY B 281 27.23 13.12 -17.48
CA GLY B 281 27.60 12.08 -18.41
C GLY B 281 26.69 10.88 -18.34
N THR B 282 27.01 9.89 -19.17
CA THR B 282 26.18 8.68 -19.27
C THR B 282 26.58 7.68 -18.18
N LEU B 283 25.59 6.95 -17.68
CA LEU B 283 25.76 6.01 -16.55
C LEU B 283 25.66 4.55 -16.97
N ALA B 284 24.77 4.27 -17.91
CA ALA B 284 24.42 2.88 -18.22
C ALA B 284 23.69 2.85 -19.55
N VAL B 285 23.88 1.78 -20.30
CA VAL B 285 23.13 1.55 -21.52
C VAL B 285 22.48 0.16 -21.42
N VAL B 286 21.18 0.10 -21.67
CA VAL B 286 20.41 -1.14 -21.72
C VAL B 286 19.72 -1.22 -23.08
N GLY B 287 19.61 -2.43 -23.62
CA GLY B 287 18.88 -2.66 -24.85
C GLY B 287 17.44 -3.03 -24.59
N PHE B 288 16.54 -2.53 -25.44
CA PHE B 288 15.17 -3.01 -25.50
C PHE B 288 14.85 -3.49 -26.91
N LYS B 289 14.67 -4.80 -27.04
CA LYS B 289 14.29 -5.42 -28.30
C LYS B 289 12.77 -5.33 -28.45
N VAL B 290 12.30 -4.84 -29.59
CA VAL B 290 10.88 -4.65 -29.84
C VAL B 290 10.19 -5.99 -30.14
N LEU B 291 9.28 -6.38 -29.27
CA LEU B 291 8.55 -7.62 -29.40
C LEU B 291 7.27 -7.42 -30.22
N GLN B 292 6.64 -6.25 -30.04
CA GLN B 292 5.44 -5.83 -30.74
C GLN B 292 5.61 -4.34 -31.09
N LYS B 293 5.29 -3.97 -32.31
CA LYS B 293 5.36 -2.57 -32.72
C LYS B 293 4.09 -1.85 -32.31
N LYS B 294 4.05 -1.44 -31.06
CA LYS B 294 3.00 -0.60 -30.55
C LYS B 294 3.50 0.37 -29.49
N ALA B 295 2.72 1.41 -29.30
CA ALA B 295 3.08 2.50 -28.41
C ALA B 295 3.34 2.00 -26.99
N THR B 296 4.50 2.37 -26.48
CA THR B 296 4.83 2.05 -25.12
C THR B 296 5.87 3.06 -24.65
N THR B 297 6.36 2.84 -23.45
CA THR B 297 7.40 3.69 -22.92
C THR B 297 8.22 2.91 -21.90
N VAL B 298 9.27 3.54 -21.41
CA VAL B 298 10.06 2.98 -20.32
C VAL B 298 10.15 4.11 -19.30
N VAL B 299 10.10 3.78 -18.02
CA VAL B 299 10.10 4.83 -17.00
C VAL B 299 10.96 4.49 -15.79
N PHE B 300 11.45 5.53 -15.13
CA PHE B 300 11.94 5.37 -13.78
C PHE B 300 10.71 5.27 -12.90
N GLU B 301 10.69 4.29 -12.00
CA GLU B 301 9.51 4.02 -11.21
C GLU B 301 9.90 3.58 -9.81
N ASP B 302 9.20 4.11 -8.80
CA ASP B 302 9.46 3.71 -7.43
C ASP B 302 9.33 2.19 -7.23
N SER B 303 10.17 1.69 -6.34
CA SER B 303 10.20 0.29 -5.95
C SER B 303 10.07 0.22 -4.45
N GLU B 304 9.40 -0.82 -3.98
CA GLU B 304 9.30 -1.10 -2.56
C GLU B 304 10.69 -1.37 -1.95
N THR B 305 11.66 -1.78 -2.78
CA THR B 305 13.04 -2.00 -2.36
C THR B 305 13.87 -0.70 -2.24
N MET B 306 13.32 0.42 -2.69
CA MET B 306 13.96 1.72 -2.58
C MET B 306 13.01 2.67 -1.90
N PRO B 307 12.78 2.45 -0.59
CA PRO B 307 11.89 3.36 0.12
C PRO B 307 12.34 4.82 0.08
N ASN B 308 13.64 5.07 -0.10
CA ASN B 308 14.17 6.43 -0.16
C ASN B 308 14.52 6.88 -1.58
N GLY B 309 14.13 6.06 -2.56
CA GLY B 309 14.21 6.45 -3.96
C GLY B 309 13.36 7.66 -4.25
N ILE B 310 13.84 8.46 -5.19
CA ILE B 310 13.10 9.59 -5.72
C ILE B 310 12.69 9.18 -7.13
N THR B 311 11.40 8.87 -7.29
CA THR B 311 10.88 8.31 -8.54
C THR B 311 11.80 7.22 -9.08
N GLY B 312 12.14 6.27 -8.22
CA GLY B 312 12.93 5.13 -8.66
C GLY B 312 14.41 5.39 -8.81
N THR B 313 14.91 6.51 -8.27
CA THR B 313 16.31 6.85 -8.42
C THR B 313 17.00 7.16 -7.09
N THR B 314 18.23 6.69 -6.94
CA THR B 314 19.07 7.05 -5.80
C THR B 314 20.41 7.41 -6.38
N LEU B 315 20.87 8.61 -6.04
CA LEU B 315 22.19 9.11 -6.44
C LEU B 315 22.98 9.38 -5.18
N PHE B 316 24.26 8.98 -5.19
CA PHE B 316 25.17 9.18 -4.08
C PHE B 316 26.24 10.20 -4.46
N ASN B 317 26.71 10.95 -3.47
CA ASN B 317 27.93 11.76 -3.62
C ASN B 317 29.13 11.06 -3.03
N TRP B 318 30.31 11.67 -3.19
CA TRP B 318 31.55 11.00 -2.82
C TRP B 318 31.86 10.96 -1.28
N TYR B 319 30.90 11.40 -0.46
CA TYR B 319 30.90 11.16 1.00
C TYR B 319 30.03 9.94 1.37
N GLY B 320 29.39 9.33 0.38
CA GLY B 320 28.42 8.26 0.60
C GLY B 320 27.06 8.74 1.12
N ASN B 321 26.72 10.01 0.85
CA ASN B 321 25.40 10.54 1.20
C ASN B 321 24.43 10.32 0.06
N ARG B 322 23.20 9.90 0.39
CA ARG B 322 22.09 9.91 -0.56
C ARG B 322 21.77 11.36 -0.87
N ILE B 323 21.71 11.72 -2.15
CA ILE B 323 21.31 13.06 -2.55
C ILE B 323 19.77 13.14 -2.52
N GLN B 324 19.25 13.89 -1.55
CA GLN B 324 17.83 13.83 -1.19
C GLN B 324 16.96 14.89 -1.86
N SER B 325 17.62 15.88 -2.45
CA SER B 325 16.92 16.97 -3.09
C SER B 325 17.86 17.62 -4.10
N GLY B 326 17.32 18.52 -4.90
CA GLY B 326 18.16 19.33 -5.77
C GLY B 326 18.30 18.82 -7.19
N TYR B 327 17.70 17.67 -7.48
CA TYR B 327 17.69 17.18 -8.85
C TYR B 327 16.31 16.73 -9.29
N PHE B 328 16.10 16.77 -10.61
CA PHE B 328 14.88 16.29 -11.20
C PHE B 328 15.05 14.93 -11.87
N VAL B 329 13.98 14.14 -11.88
CA VAL B 329 13.94 12.89 -12.67
C VAL B 329 13.15 13.19 -13.94
N ILE B 330 13.80 13.08 -15.11
CA ILE B 330 13.17 13.43 -16.37
C ILE B 330 12.85 12.15 -17.15
N GLN B 331 11.57 11.82 -17.24
CA GLN B 331 11.18 10.61 -17.96
C GLN B 331 11.44 10.74 -19.45
N PRO B 332 11.83 9.63 -20.12
CA PRO B 332 11.98 9.68 -21.55
C PRO B 332 10.60 9.70 -22.25
N GLY B 333 10.62 9.80 -23.55
CA GLY B 333 9.39 9.85 -24.32
C GLY B 333 8.80 8.48 -24.67
N GLU B 334 7.85 8.54 -25.57
CA GLU B 334 7.14 7.36 -26.03
C GLU B 334 7.96 6.67 -27.10
N ILE B 335 7.83 5.35 -27.14
CA ILE B 335 8.41 4.49 -28.17
C ILE B 335 7.30 4.03 -29.09
N ASN B 336 7.55 4.12 -30.41
CA ASN B 336 6.59 3.67 -31.42
C ASN B 336 5.22 4.31 -31.26
N SER B 337 5.21 5.63 -31.06
CA SER B 337 3.94 6.37 -30.91
C SER B 337 3.09 6.28 -32.18
N ALA B 338 1.77 6.14 -32.00
CA ALA B 338 0.84 6.07 -33.14
C ALA B 338 0.02 7.35 -33.29
N PRO B 339 -0.70 7.47 -34.42
CA PRO B 339 -1.84 8.41 -34.53
C PRO B 339 -3.05 7.86 -33.76
N ILE B 340 -4.09 8.65 -33.48
CA ILE B 340 -4.34 9.97 -34.08
C ILE B 340 -3.50 11.11 -33.48
N ALA B 341 -2.54 11.61 -34.26
CA ALA B 341 -1.63 12.65 -33.82
C ALA B 341 -1.95 13.96 -34.54
N PRO C 3 -8.71 -16.46 4.10
CA PRO C 3 -8.30 -17.72 3.48
C PRO C 3 -7.49 -18.56 4.47
N THR C 4 -6.91 -19.66 4.01
CA THR C 4 -6.05 -20.42 4.91
C THR C 4 -4.71 -19.72 5.16
N SER C 5 -4.27 -18.87 4.23
CA SER C 5 -3.00 -18.12 4.40
C SER C 5 -3.17 -16.99 5.43
N SER C 6 -2.28 -16.94 6.42
CA SER C 6 -2.43 -15.98 7.52
C SER C 6 -1.14 -15.79 8.30
N ILE C 7 -1.08 -14.67 9.03
CA ILE C 7 -0.13 -14.44 10.12
C ILE C 7 -0.97 -14.06 11.33
N GLU C 8 -0.60 -14.58 12.50
CA GLU C 8 -1.39 -14.40 13.72
C GLU C 8 -0.49 -14.13 14.90
N ILE C 9 -1.01 -13.37 15.88
CA ILE C 9 -0.35 -13.25 17.19
C ILE C 9 -1.14 -14.05 18.20
N VAL C 10 -0.45 -15.05 18.77
CA VAL C 10 -1.02 -16.07 19.65
C VAL C 10 -0.38 -15.94 21.04
N LEU C 11 -1.17 -15.86 22.11
CA LEU C 11 -0.59 -15.83 23.46
C LEU C 11 -0.72 -17.19 24.12
N ASP C 12 0.20 -17.52 25.02
CA ASP C 12 0.16 -18.79 25.75
C ASP C 12 -0.75 -18.75 27.01
N LYS C 13 -1.24 -17.57 27.36
CA LYS C 13 -2.11 -17.36 28.52
C LYS C 13 -3.20 -16.36 28.17
N THR C 14 -4.40 -16.58 28.70
CA THR C 14 -5.52 -15.64 28.58
C THR C 14 -5.55 -14.66 29.77
N THR C 15 -5.05 -15.10 30.92
CA THR C 15 -4.97 -14.25 32.10
C THR C 15 -3.56 -14.36 32.70
N ALA C 16 -3.13 -13.30 33.36
CA ALA C 16 -1.80 -13.25 33.95
C ALA C 16 -1.74 -12.14 34.97
N SER C 17 -1.23 -12.47 36.16
CA SER C 17 -1.06 -11.49 37.24
C SER C 17 0.22 -10.69 36.96
N VAL C 18 0.31 -9.54 37.59
CA VAL C 18 1.51 -8.72 37.52
C VAL C 18 2.72 -9.57 37.87
N GLY C 19 3.75 -9.49 37.02
CA GLY C 19 5.01 -10.20 37.24
C GLY C 19 5.12 -11.50 36.48
N GLU C 20 4.00 -12.02 36.01
CA GLU C 20 4.04 -13.19 35.14
C GLU C 20 4.53 -12.82 33.78
N ILE C 21 5.04 -13.83 33.08
CA ILE C 21 5.48 -13.70 31.69
C ILE C 21 4.40 -14.29 30.80
N VAL C 22 3.96 -13.51 29.81
CA VAL C 22 3.09 -13.99 28.72
C VAL C 22 3.94 -14.08 27.45
N THR C 23 3.90 -15.24 26.78
CA THR C 23 4.65 -15.44 25.55
C THR C 23 3.75 -15.25 24.34
N ALA C 24 4.13 -14.32 23.48
CA ALA C 24 3.43 -14.04 22.23
C ALA C 24 4.17 -14.71 21.08
N SER C 25 3.49 -15.67 20.46
CA SER C 25 4.05 -16.37 19.30
C SER C 25 3.46 -15.76 18.03
N ILE C 26 4.34 -15.48 17.07
CA ILE C 26 3.97 -14.93 15.78
C ILE C 26 4.04 -16.07 14.78
N ASN C 27 2.86 -16.52 14.38
CA ASN C 27 2.73 -17.75 13.61
C ASN C 27 2.19 -17.45 12.22
N ILE C 28 2.83 -18.03 11.21
CA ILE C 28 2.30 -17.98 9.83
C ILE C 28 1.75 -19.34 9.43
N LYS C 29 0.79 -19.31 8.52
CA LYS C 29 0.21 -20.54 7.97
C LYS C 29 0.04 -20.38 6.46
N ASN C 30 0.62 -21.32 5.71
CA ASN C 30 0.43 -21.41 4.27
C ASN C 30 0.79 -20.13 3.51
N ILE C 31 1.88 -19.48 3.90
CA ILE C 31 2.40 -18.33 3.16
C ILE C 31 3.31 -18.86 2.06
N THR C 32 2.80 -18.83 0.83
CA THR C 32 3.47 -19.42 -0.32
C THR C 32 4.88 -18.86 -0.53
N ASN C 33 5.87 -19.76 -0.54
CA ASN C 33 7.27 -19.40 -0.80
C ASN C 33 7.84 -18.36 0.19
N PHE C 34 7.38 -18.38 1.42
CA PHE C 34 7.84 -17.46 2.45
C PHE C 34 9.35 -17.52 2.68
N SER C 35 9.98 -16.35 2.72
CA SER C 35 11.41 -16.26 3.01
C SER C 35 11.77 -15.27 4.14
N GLY C 36 10.78 -14.57 4.69
CA GLY C 36 11.08 -13.62 5.76
C GLY C 36 10.03 -12.54 5.90
N CYS C 37 10.26 -11.66 6.86
CA CYS C 37 9.28 -10.65 7.21
C CYS C 37 9.88 -9.40 7.83
N GLN C 38 9.06 -8.37 7.83
CA GLN C 38 9.34 -7.17 8.63
C GLN C 38 8.04 -6.85 9.32
N LEU C 39 8.11 -6.66 10.63
CA LEU C 39 6.90 -6.54 11.43
C LEU C 39 7.04 -5.35 12.34
N ASN C 40 5.93 -4.63 12.52
CA ASN C 40 5.85 -3.50 13.44
C ASN C 40 4.75 -3.78 14.46
N MET C 41 5.16 -4.14 15.67
CA MET C 41 4.27 -4.63 16.71
C MET C 41 4.08 -3.55 17.78
N LYS C 42 2.83 -3.24 18.08
CA LYS C 42 2.48 -2.23 19.09
C LYS C 42 1.87 -2.92 20.32
N TYR C 43 2.34 -2.52 21.49
CA TYR C 43 1.79 -2.97 22.77
C TYR C 43 1.75 -1.73 23.68
N ASP C 44 1.05 -1.83 24.79
CA ASP C 44 0.92 -0.71 25.74
C ASP C 44 2.07 -0.76 26.73
N PRO C 45 3.02 0.19 26.66
CA PRO C 45 4.20 0.08 27.53
C PRO C 45 3.92 0.32 29.02
N ALA C 46 2.71 0.75 29.36
CA ALA C 46 2.31 0.95 30.76
C ALA C 46 1.84 -0.38 31.34
N VAL C 47 1.49 -1.32 30.48
CA VAL C 47 0.87 -2.57 30.89
C VAL C 47 1.74 -3.81 30.67
N LEU C 48 2.50 -3.84 29.58
CA LEU C 48 3.41 -4.94 29.27
C LEU C 48 4.82 -4.44 28.96
N GLN C 49 5.81 -5.28 29.27
CA GLN C 49 7.20 -4.98 28.97
C GLN C 49 7.91 -6.17 28.31
N PRO C 50 8.39 -6.00 27.06
CA PRO C 50 9.08 -7.13 26.45
C PRO C 50 10.38 -7.45 27.19
N VAL C 51 10.62 -8.74 27.41
CA VAL C 51 11.81 -9.16 28.14
C VAL C 51 12.50 -10.33 27.46
N THR C 52 13.83 -10.29 27.54
CA THR C 52 14.65 -11.49 27.77
C THR C 52 16.10 -11.34 27.33
N SER C 53 16.98 -11.76 28.24
CA SER C 53 18.34 -12.20 27.92
C SER C 53 18.96 -13.22 28.93
N SER C 54 18.20 -13.99 29.72
CA SER C 54 16.73 -14.01 29.79
C SER C 54 16.22 -13.26 31.02
N GLY C 55 15.01 -12.70 30.92
CA GLY C 55 14.42 -11.88 32.00
C GLY C 55 14.65 -10.38 31.91
N VAL C 56 15.62 -9.94 31.11
CA VAL C 56 16.01 -8.53 31.08
C VAL C 56 15.23 -7.77 29.99
N ALA C 57 14.99 -6.49 30.24
CA ALA C 57 14.22 -5.63 29.34
C ALA C 57 14.88 -5.52 27.97
N TYR C 58 14.08 -5.50 26.91
CA TYR C 58 14.60 -5.22 25.57
C TYR C 58 15.26 -3.83 25.53
N THR C 59 16.14 -3.65 24.58
CA THR C 59 16.64 -2.31 24.24
C THR C 59 16.28 -2.07 22.78
N LYS C 60 16.72 -0.92 22.26
CA LYS C 60 16.43 -0.50 20.89
C LYS C 60 16.73 -1.57 19.83
N SER C 61 17.80 -2.33 20.03
CA SER C 61 18.28 -3.27 19.03
C SER C 61 17.98 -4.73 19.33
N THR C 62 17.21 -5.03 20.39
CA THR C 62 16.94 -6.42 20.76
C THR C 62 15.96 -7.07 19.79
N MET C 63 16.35 -8.22 19.27
CA MET C 63 15.47 -9.03 18.43
C MET C 63 14.58 -9.92 19.29
N PRO C 64 13.37 -10.24 18.79
CA PRO C 64 12.57 -11.27 19.43
C PRO C 64 13.29 -12.60 19.45
N GLY C 65 12.78 -13.52 20.25
CA GLY C 65 13.33 -14.86 20.30
C GLY C 65 13.07 -15.65 19.04
N ALA C 66 13.87 -16.70 18.85
CA ALA C 66 13.73 -17.62 17.73
C ALA C 66 12.40 -18.37 17.77
N GLY C 67 11.90 -18.71 16.58
CA GLY C 67 10.70 -19.53 16.47
C GLY C 67 11.06 -20.93 15.99
N THR C 68 10.16 -21.52 15.21
CA THR C 68 10.35 -22.87 14.66
C THR C 68 10.74 -22.87 13.19
N ILE C 69 10.63 -21.73 12.52
CA ILE C 69 11.11 -21.57 11.16
C ILE C 69 12.05 -20.37 11.10
N LEU C 70 12.69 -20.17 9.93
CA LEU C 70 13.76 -19.19 9.71
C LEU C 70 15.03 -19.51 10.48
N ASN C 71 15.19 -20.78 10.88
CA ASN C 71 16.39 -21.22 11.58
C ASN C 71 17.41 -22.00 10.72
N SER C 72 17.18 -22.07 9.41
CA SER C 72 17.94 -22.96 8.54
C SER C 72 19.08 -22.21 7.85
N ASP C 73 19.87 -22.94 7.05
CA ASP C 73 21.16 -22.45 6.56
C ASP C 73 21.03 -21.60 5.30
N PHE C 74 20.24 -20.52 5.40
CA PHE C 74 20.05 -19.61 4.27
C PHE C 74 20.37 -18.15 4.61
N ASN C 75 21.22 -17.98 5.62
CA ASN C 75 21.74 -16.69 6.07
C ASN C 75 20.67 -15.69 6.46
N LEU C 76 20.21 -15.83 7.69
CA LEU C 76 19.13 -14.98 8.20
C LEU C 76 19.71 -13.62 8.56
N ARG C 77 19.21 -12.58 7.90
CA ARG C 77 19.49 -11.19 8.30
C ARG C 77 18.47 -10.79 9.37
N GLN C 78 18.95 -10.13 10.42
CA GLN C 78 18.13 -9.70 11.55
C GLN C 78 18.47 -8.27 11.91
N VAL C 79 17.43 -7.45 12.05
CA VAL C 79 17.56 -6.05 12.45
C VAL C 79 16.34 -5.66 13.30
N ALA C 80 16.58 -4.98 14.42
CA ALA C 80 15.51 -4.51 15.29
C ALA C 80 15.74 -3.03 15.54
N ASP C 81 14.65 -2.27 15.58
CA ASP C 81 14.70 -0.85 15.93
C ASP C 81 13.47 -0.57 16.77
N ASN C 82 13.60 -0.78 18.07
CA ASN C 82 12.45 -0.72 18.98
C ASN C 82 12.30 0.65 19.58
N ASP C 83 11.07 1.04 19.88
CA ASP C 83 10.85 2.23 20.69
C ASP C 83 10.12 1.81 21.94
N LEU C 84 10.84 1.68 23.05
CA LEU C 84 10.26 1.09 24.27
C LEU C 84 9.46 2.08 25.14
N GLU C 85 9.54 3.37 24.85
CA GLU C 85 8.67 4.35 25.49
C GLU C 85 7.28 4.40 24.83
N LYS C 86 7.27 4.24 23.51
CA LYS C 86 6.03 4.23 22.71
C LYS C 86 5.35 2.85 22.74
N GLY C 87 6.14 1.82 23.00
CA GLY C 87 5.68 0.44 22.97
C GLY C 87 5.60 -0.09 21.55
N ILE C 88 6.72 0.02 20.84
CA ILE C 88 6.80 -0.46 19.45
C ILE C 88 8.02 -1.37 19.31
N LEU C 89 7.78 -2.59 18.84
CA LEU C 89 8.83 -3.49 18.43
C LEU C 89 8.81 -3.51 16.91
N ASN C 90 9.92 -3.14 16.28
CA ASN C 90 10.01 -3.23 14.82
C ASN C 90 11.21 -4.03 14.47
N PHE C 91 11.01 -5.12 13.72
CA PHE C 91 12.11 -6.01 13.43
C PHE C 91 11.94 -6.66 12.07
N SER C 92 13.07 -7.03 11.46
CA SER C 92 13.11 -7.79 10.22
C SER C 92 13.89 -9.08 10.46
N LYS C 93 13.36 -10.19 9.94
CA LYS C 93 14.00 -11.50 10.01
C LYS C 93 13.76 -12.11 8.62
N ALA C 94 14.81 -12.27 7.83
CA ALA C 94 14.63 -12.72 6.44
C ALA C 94 15.86 -13.44 5.92
N TYR C 95 15.65 -14.48 5.10
CA TYR C 95 16.78 -15.16 4.47
C TYR C 95 17.42 -14.31 3.36
N VAL C 96 18.74 -14.33 3.30
CA VAL C 96 19.49 -13.59 2.29
C VAL C 96 19.91 -14.48 1.11
N SER C 97 20.17 -15.76 1.38
CA SER C 97 20.68 -16.69 0.35
C SER C 97 19.48 -17.27 -0.40
N LEU C 98 18.84 -16.42 -1.18
CA LEU C 98 17.54 -16.74 -1.79
C LEU C 98 17.70 -17.73 -2.95
N ASP C 99 18.79 -17.64 -3.70
CA ASP C 99 18.98 -18.60 -4.80
C ASP C 99 19.14 -20.01 -4.22
N ASP C 100 19.94 -20.15 -3.15
CA ASP C 100 20.08 -21.42 -2.44
C ASP C 100 18.73 -21.92 -1.92
N TYR C 101 17.95 -20.99 -1.37
CA TYR C 101 16.66 -21.31 -0.78
C TYR C 101 15.70 -21.83 -1.86
N ARG C 102 15.65 -21.17 -3.00
CA ARG C 102 14.83 -21.65 -4.11
C ARG C 102 15.31 -23.01 -4.60
N THR C 103 16.62 -23.21 -4.64
CA THR C 103 17.18 -24.48 -5.12
C THR C 103 16.80 -25.65 -4.20
N ALA C 104 16.75 -25.38 -2.89
CA ALA C 104 16.36 -26.38 -1.91
C ALA C 104 14.90 -26.80 -2.08
N ALA C 105 14.08 -25.91 -2.64
CA ALA C 105 12.73 -26.24 -3.12
C ALA C 105 11.80 -26.80 -2.05
N ALA C 106 11.91 -26.26 -0.84
CA ALA C 106 11.09 -26.69 0.29
C ALA C 106 10.84 -25.50 1.22
N PRO C 107 10.05 -24.53 0.74
CA PRO C 107 9.95 -23.31 1.51
C PRO C 107 9.23 -23.53 2.85
N GLU C 108 9.60 -22.70 3.83
CA GLU C 108 9.02 -22.76 5.17
C GLU C 108 7.77 -21.86 5.23
N GLN C 109 6.62 -22.45 4.89
CA GLN C 109 5.36 -21.71 4.68
C GLN C 109 4.48 -21.60 5.92
N THR C 110 4.77 -22.43 6.93
CA THR C 110 3.98 -22.54 8.14
C THR C 110 4.92 -22.74 9.31
N GLY C 111 4.69 -21.98 10.39
CA GLY C 111 5.48 -22.12 11.59
C GLY C 111 5.50 -20.84 12.40
N THR C 112 6.27 -20.87 13.47
CA THR C 112 6.41 -19.69 14.33
C THR C 112 7.66 -18.96 13.89
N VAL C 113 7.48 -17.70 13.47
CA VAL C 113 8.59 -16.91 12.94
C VAL C 113 9.40 -16.23 14.06
N ALA C 114 8.73 -15.95 15.17
CA ALA C 114 9.39 -15.25 16.27
C ALA C 114 8.52 -15.34 17.52
N VAL C 115 9.16 -15.19 18.67
CA VAL C 115 8.50 -15.18 19.97
C VAL C 115 8.90 -13.94 20.75
N VAL C 116 7.93 -13.30 21.40
CA VAL C 116 8.20 -12.19 22.30
C VAL C 116 7.58 -12.50 23.66
N LYS C 117 8.42 -12.48 24.69
CA LYS C 117 7.92 -12.66 26.06
C LYS C 117 7.63 -11.29 26.64
N PHE C 118 6.47 -11.15 27.25
CA PHE C 118 6.06 -9.89 27.89
C PHE C 118 5.88 -10.11 29.37
N LYS C 119 6.55 -9.29 30.17
CA LYS C 119 6.26 -9.22 31.59
C LYS C 119 5.05 -8.32 31.81
N VAL C 120 4.12 -8.78 32.63
CA VAL C 120 2.90 -8.05 32.91
C VAL C 120 3.21 -7.02 34.00
N LEU C 121 3.04 -5.75 33.65
CA LEU C 121 3.22 -4.62 34.58
C LEU C 121 1.95 -4.26 35.35
N LYS C 122 0.79 -4.44 34.71
CA LYS C 122 -0.51 -4.10 35.25
C LYS C 122 -1.47 -5.16 34.75
N GLU C 123 -2.36 -5.61 35.64
CA GLU C 123 -3.36 -6.62 35.29
C GLU C 123 -4.63 -5.89 34.85
N GLU C 124 -4.72 -5.69 33.54
CA GLU C 124 -5.91 -5.12 32.92
C GLU C 124 -5.94 -5.48 31.46
N THR C 125 -7.12 -5.38 30.86
CA THR C 125 -7.28 -5.71 29.45
C THR C 125 -6.27 -4.92 28.62
N SER C 126 -5.54 -5.62 27.76
CA SER C 126 -4.50 -4.97 26.97
C SER C 126 -4.29 -5.76 25.70
N SER C 127 -3.98 -5.06 24.61
CA SER C 127 -3.89 -5.72 23.30
C SER C 127 -2.53 -5.51 22.63
N ILE C 128 -2.17 -6.45 21.77
CA ILE C 128 -0.93 -6.43 21.03
C ILE C 128 -1.34 -6.65 19.59
N SER C 129 -0.84 -5.81 18.69
CA SER C 129 -1.21 -5.87 17.29
C SER C 129 -0.09 -5.32 16.43
N PHE C 130 0.01 -5.84 15.21
CA PHE C 130 0.86 -5.21 14.22
C PHE C 130 0.11 -3.96 13.76
N GLU C 131 0.83 -2.87 13.51
CA GLU C 131 0.25 -1.60 13.09
C GLU C 131 1.09 -0.96 12.01
N ASP C 132 0.45 -0.31 11.04
CA ASP C 132 1.17 0.47 10.04
C ASP C 132 2.00 1.58 10.71
N THR C 133 3.15 1.88 10.11
CA THR C 133 4.04 2.95 10.56
C THR C 133 4.59 3.63 9.31
N THR C 134 4.86 4.93 9.39
CA THR C 134 5.26 5.71 8.22
C THR C 134 6.59 5.25 7.60
N SER C 135 7.49 4.73 8.43
CA SER C 135 8.74 4.14 7.93
C SER C 135 8.54 2.76 7.29
N VAL C 136 7.28 2.33 7.09
CA VAL C 136 7.00 1.06 6.39
C VAL C 136 7.31 1.17 4.89
N PRO C 137 6.43 1.79 4.07
CA PRO C 137 5.05 2.27 4.19
C PRO C 137 4.01 1.42 3.41
N ASN C 138 4.43 0.31 2.80
CA ASN C 138 3.51 -0.58 2.07
C ASN C 138 3.02 -1.77 2.93
N ALA C 139 3.07 -1.62 4.24
CA ALA C 139 2.72 -2.71 5.14
C ALA C 139 1.23 -3.01 5.04
N ILE C 140 0.89 -4.26 5.33
CA ILE C 140 -0.49 -4.72 5.41
C ILE C 140 -0.79 -4.91 6.89
N ASP C 141 -1.49 -3.93 7.47
CA ASP C 141 -1.68 -3.87 8.93
C ASP C 141 -0.40 -4.16 9.70
N GLY C 142 0.65 -3.44 9.33
CA GLY C 142 1.93 -3.52 10.04
C GLY C 142 2.80 -4.72 9.70
N THR C 143 2.42 -5.47 8.66
CA THR C 143 3.13 -6.69 8.27
C THR C 143 3.64 -6.57 6.84
N VAL C 144 4.87 -7.02 6.65
CA VAL C 144 5.47 -7.18 5.32
C VAL C 144 6.05 -8.61 5.28
N LEU C 145 5.52 -9.45 4.39
CA LEU C 145 5.99 -10.82 4.22
C LEU C 145 6.68 -10.91 2.86
N PHE C 146 7.84 -11.55 2.81
CA PHE C 146 8.63 -11.70 1.60
C PHE C 146 8.55 -13.12 1.08
N ASP C 147 8.56 -13.24 -0.25
CA ASP C 147 8.69 -14.53 -0.88
C ASP C 147 10.16 -14.79 -1.26
N TRP C 148 10.43 -15.96 -1.82
CA TRP C 148 11.79 -16.39 -2.05
C TRP C 148 12.42 -15.81 -3.32
N ASN C 149 11.69 -14.95 -4.01
CA ASN C 149 12.28 -14.07 -5.03
C ASN C 149 12.71 -12.70 -4.48
N GLY C 150 12.51 -12.50 -3.19
CA GLY C 150 12.80 -11.22 -2.53
C GLY C 150 11.65 -10.21 -2.64
N ASP C 151 10.49 -10.66 -3.10
CA ASP C 151 9.35 -9.77 -3.37
C ASP C 151 8.39 -9.73 -2.20
N ARG C 152 7.81 -8.55 -1.94
CA ARG C 152 6.75 -8.44 -0.97
C ARG C 152 5.52 -9.18 -1.49
N ILE C 153 4.91 -9.97 -0.62
CA ILE C 153 3.65 -10.63 -0.90
C ILE C 153 2.57 -9.58 -0.64
N GLN C 154 1.90 -9.10 -1.70
CA GLN C 154 1.02 -7.91 -1.63
C GLN C 154 -0.45 -8.17 -1.28
N SER C 155 -0.86 -9.44 -1.27
CA SER C 155 -2.24 -9.81 -1.00
C SER C 155 -2.34 -11.30 -0.66
N GLY C 156 -3.54 -11.75 -0.31
CA GLY C 156 -3.83 -13.18 -0.18
C GLY C 156 -3.60 -13.80 1.17
N TYR C 157 -3.23 -13.01 2.18
CA TYR C 157 -3.19 -13.51 3.56
C TYR C 157 -3.96 -12.62 4.53
N SER C 158 -4.45 -13.23 5.61
CA SER C 158 -5.12 -12.49 6.67
C SER C 158 -4.16 -12.21 7.81
N VAL C 159 -4.44 -11.13 8.54
CA VAL C 159 -3.68 -10.80 9.75
C VAL C 159 -4.64 -10.98 10.93
N ILE C 160 -4.40 -12.03 11.69
CA ILE C 160 -5.29 -12.43 12.77
C ILE C 160 -4.77 -11.82 14.07
N GLN C 161 -5.48 -10.79 14.52
CA GLN C 161 -5.06 -9.92 15.62
C GLN C 161 -6.25 -9.02 15.98
N PRO C 162 -6.18 -8.32 17.12
CA PRO C 162 -5.10 -8.30 18.12
C PRO C 162 -5.10 -9.55 18.98
N ALA C 163 -3.98 -9.77 19.65
CA ALA C 163 -3.89 -10.70 20.76
C ALA C 163 -4.21 -9.88 22.00
N VAL C 164 -5.06 -10.43 22.85
CA VAL C 164 -5.53 -9.71 24.04
C VAL C 164 -5.31 -10.52 25.32
N ILE C 165 -4.72 -9.87 26.32
CA ILE C 165 -4.46 -10.48 27.61
C ILE C 165 -5.37 -9.83 28.67
N ASN C 166 -5.81 -10.64 29.63
CA ASN C 166 -6.60 -10.15 30.78
C ASN C 166 -7.91 -9.43 30.41
N LEU C 167 -8.61 -9.97 29.42
CA LEU C 167 -9.89 -9.40 29.04
C LEU C 167 -10.87 -9.48 30.21
N ASP C 168 -11.45 -8.33 30.54
CA ASP C 168 -12.51 -8.23 31.54
C ASP C 168 -13.82 -8.08 30.75
N MET C 169 -14.60 -9.15 30.68
CA MET C 169 -15.79 -9.17 29.81
CA MET C 169 -15.79 -9.18 29.81
C MET C 169 -16.87 -8.22 30.29
N THR C 170 -16.81 -7.82 31.57
CA THR C 170 -17.75 -6.87 32.15
C THR C 170 -17.29 -5.43 32.01
N LYS C 171 -16.06 -5.16 32.41
CA LYS C 171 -15.54 -3.77 32.49
C LYS C 171 -15.00 -3.17 31.20
N ALA C 172 -14.40 -4.00 30.35
CA ALA C 172 -13.77 -3.52 29.13
C ALA C 172 -14.80 -3.12 28.09
N SER C 173 -14.45 -2.11 27.29
CA SER C 173 -15.22 -1.74 26.11
C SER C 173 -14.69 -2.51 24.89
N TYR C 174 -15.57 -3.21 24.18
CA TYR C 174 -15.15 -4.06 23.06
C TYR C 174 -16.29 -4.37 22.12
N ILE C 175 -15.90 -4.81 20.93
CA ILE C 175 -16.77 -5.52 19.99
C ILE C 175 -16.18 -6.91 19.86
N THR C 176 -17.04 -7.92 19.81
CA THR C 176 -16.62 -9.31 19.63
C THR C 176 -17.57 -10.08 18.76
N MET C 177 -17.14 -11.30 18.41
CA MET C 177 -18.00 -12.29 17.78
C MET C 177 -17.94 -13.54 18.62
N GLY C 178 -19.11 -14.10 18.92
CA GLY C 178 -19.22 -15.33 19.70
C GLY C 178 -19.91 -16.38 18.87
N TYR C 179 -19.53 -17.64 19.06
CA TYR C 179 -20.21 -18.76 18.38
C TYR C 179 -21.10 -19.50 19.39
N ASP C 180 -22.21 -20.07 18.92
CA ASP C 180 -23.02 -20.97 19.76
C ASP C 180 -22.29 -22.27 20.08
N LYS C 181 -21.39 -22.68 19.18
CA LYS C 181 -20.56 -23.87 19.33
C LYS C 181 -19.33 -23.70 18.48
N ASN C 182 -18.17 -24.16 18.95
CA ASN C 182 -16.91 -24.04 18.18
C ASN C 182 -16.45 -25.36 17.54
N ALA C 183 -17.33 -26.36 17.58
CA ALA C 183 -17.14 -27.61 16.86
C ALA C 183 -18.48 -28.02 16.26
N ALA C 184 -18.46 -28.49 15.01
CA ALA C 184 -19.67 -28.88 14.30
C ALA C 184 -19.35 -29.78 13.09
N GLU C 185 -20.23 -30.73 12.81
CA GLU C 185 -20.08 -31.63 11.66
C GLU C 185 -20.46 -30.89 10.38
N VAL C 186 -20.01 -31.43 9.25
CA VAL C 186 -20.39 -30.93 7.94
C VAL C 186 -21.92 -30.92 7.84
N GLY C 187 -22.44 -29.81 7.34
CA GLY C 187 -23.87 -29.54 7.26
C GLY C 187 -24.49 -28.78 8.41
N GLU C 188 -23.88 -28.84 9.60
CA GLU C 188 -24.36 -28.08 10.74
C GLU C 188 -24.06 -26.58 10.56
N ILE C 189 -24.83 -25.79 11.29
CA ILE C 189 -24.76 -24.33 11.21
C ILE C 189 -24.26 -23.79 12.54
N ILE C 190 -23.16 -23.06 12.46
CA ILE C 190 -22.67 -22.32 13.61
C ILE C 190 -23.30 -20.92 13.57
N LYS C 191 -23.89 -20.50 14.69
CA LYS C 191 -24.45 -19.16 14.80
C LYS C 191 -23.38 -18.23 15.34
N ALA C 192 -23.01 -17.21 14.56
CA ALA C 192 -21.96 -16.25 14.91
C ALA C 192 -22.62 -14.92 15.24
N THR C 193 -22.54 -14.52 16.51
CA THR C 193 -23.20 -13.31 17.00
C THR C 193 -22.17 -12.19 17.22
N VAL C 194 -22.36 -11.10 16.50
CA VAL C 194 -21.58 -9.87 16.74
C VAL C 194 -22.21 -9.10 17.90
N LYS C 195 -21.40 -8.69 18.88
CA LYS C 195 -21.94 -8.03 20.08
C LYS C 195 -20.93 -7.04 20.65
N ILE C 196 -21.44 -6.05 21.38
CA ILE C 196 -20.61 -5.02 22.00
C ILE C 196 -20.82 -4.95 23.50
N ASN C 197 -19.83 -4.37 24.18
CA ASN C 197 -19.88 -4.10 25.60
C ASN C 197 -19.35 -2.70 25.85
N LYS C 198 -20.15 -1.90 26.55
CA LYS C 198 -19.72 -0.57 27.01
C LYS C 198 -19.15 0.35 25.94
N ILE C 199 -19.87 0.47 24.83
CA ILE C 199 -19.52 1.45 23.80
C ILE C 199 -20.35 2.72 24.01
N THR C 200 -19.67 3.82 24.32
CA THR C 200 -20.34 5.01 24.78
C THR C 200 -21.21 5.63 23.67
N ASN C 201 -22.48 5.80 23.97
CA ASN C 201 -23.45 6.46 23.09
C ASN C 201 -23.55 5.83 21.70
N PHE C 202 -23.37 4.52 21.65
CA PHE C 202 -23.37 3.76 20.40
C PHE C 202 -24.65 3.94 19.58
N SER C 203 -24.49 4.15 18.28
CA SER C 203 -25.64 4.38 17.37
C SER C 203 -25.58 3.58 16.07
N GLY C 204 -24.47 2.86 15.81
CA GLY C 204 -24.39 2.06 14.59
C GLY C 204 -23.00 1.48 14.35
N TYR C 205 -22.96 0.46 13.49
CA TYR C 205 -21.73 -0.25 13.18
C TYR C 205 -21.57 -0.46 11.68
N GLN C 206 -20.32 -0.69 11.28
CA GLN C 206 -20.00 -1.39 10.05
C GLN C 206 -18.89 -2.37 10.42
N VAL C 207 -19.05 -3.64 10.00
CA VAL C 207 -17.97 -4.62 10.18
C VAL C 207 -17.69 -5.36 8.89
N ASN C 208 -16.42 -5.75 8.74
CA ASN C 208 -15.93 -6.51 7.62
C ASN C 208 -15.39 -7.82 8.18
N ILE C 209 -15.92 -8.92 7.66
CA ILE C 209 -15.69 -10.25 8.22
C ILE C 209 -15.12 -11.11 7.11
N LYS C 210 -14.03 -11.81 7.42
CA LYS C 210 -13.37 -12.73 6.50
C LYS C 210 -13.49 -14.17 6.99
N TYR C 211 -13.94 -15.02 6.08
CA TYR C 211 -13.99 -16.46 6.29
C TYR C 211 -13.49 -17.20 5.05
N ASP C 212 -13.22 -18.49 5.21
CA ASP C 212 -12.75 -19.33 4.13
C ASP C 212 -13.97 -19.98 3.48
N PRO C 213 -14.33 -19.51 2.26
CA PRO C 213 -15.60 -19.95 1.68
C PRO C 213 -15.59 -21.37 1.10
N THR C 214 -14.44 -22.05 1.16
CA THR C 214 -14.34 -23.46 0.80
C THR C 214 -14.58 -24.36 2.03
N VAL C 215 -14.53 -23.77 3.22
CA VAL C 215 -14.74 -24.50 4.47
C VAL C 215 -16.05 -24.13 5.19
N LEU C 216 -16.44 -22.86 5.11
CA LEU C 216 -17.69 -22.38 5.68
C LEU C 216 -18.51 -21.63 4.64
N GLN C 217 -19.84 -21.77 4.70
CA GLN C 217 -20.73 -21.02 3.85
C GLN C 217 -21.57 -20.09 4.72
N ALA C 218 -21.62 -18.81 4.31
CA ALA C 218 -22.45 -17.84 4.99
C ALA C 218 -23.91 -18.14 4.70
N VAL C 219 -24.69 -18.34 5.75
CA VAL C 219 -26.11 -18.68 5.64
C VAL C 219 -26.92 -17.91 6.70
N ASN C 220 -28.23 -17.86 6.49
CA ASN C 220 -29.15 -17.42 7.54
C ASN C 220 -29.03 -18.41 8.70
N PRO C 221 -28.72 -17.93 9.93
CA PRO C 221 -28.40 -18.83 11.03
C PRO C 221 -29.57 -19.69 11.52
N LYS C 222 -30.81 -19.28 11.22
CA LYS C 222 -32.01 -20.06 11.58
C LYS C 222 -32.51 -20.96 10.46
N THR C 223 -32.52 -20.48 9.21
CA THR C 223 -33.11 -21.23 8.08
C THR C 223 -32.09 -21.98 7.23
N GLY C 224 -30.81 -21.63 7.35
CA GLY C 224 -29.75 -22.28 6.57
C GLY C 224 -29.68 -21.89 5.10
N VAL C 225 -30.49 -20.93 4.68
CA VAL C 225 -30.48 -20.44 3.30
C VAL C 225 -29.20 -19.61 3.06
N ALA C 226 -28.51 -19.88 1.94
CA ALA C 226 -27.25 -19.23 1.61
C ALA C 226 -27.39 -17.74 1.45
N TYR C 227 -26.41 -17.01 1.97
CA TYR C 227 -26.37 -15.58 1.74
C TYR C 227 -26.00 -15.33 0.30
N THR C 228 -26.59 -14.26 -0.25
CA THR C 228 -26.18 -13.67 -1.51
C THR C 228 -25.28 -12.49 -1.17
N ASN C 229 -24.76 -11.82 -2.19
CA ASN C 229 -23.92 -10.64 -1.95
C ASN C 229 -24.65 -9.40 -1.43
N SER C 230 -25.96 -9.48 -1.25
CA SER C 230 -26.74 -8.39 -0.68
C SER C 230 -27.58 -8.82 0.55
N SER C 231 -27.30 -10.01 1.09
CA SER C 231 -28.03 -10.52 2.24
C SER C 231 -27.91 -9.64 3.48
N LEU C 232 -29.03 -9.41 4.14
CA LEU C 232 -29.04 -8.74 5.45
C LEU C 232 -28.69 -9.72 6.56
N PRO C 233 -27.99 -9.26 7.58
CA PRO C 233 -27.74 -10.12 8.72
C PRO C 233 -29.02 -10.16 9.52
N THR C 234 -29.15 -11.15 10.40
CA THR C 234 -30.26 -11.19 11.35
C THR C 234 -29.98 -10.19 12.46
N SER C 235 -30.99 -9.43 12.85
CA SER C 235 -30.80 -8.41 13.88
C SER C 235 -30.59 -9.01 15.25
N GLY C 236 -30.04 -8.18 16.14
CA GLY C 236 -29.83 -8.51 17.54
C GLY C 236 -30.71 -7.65 18.44
N GLU C 237 -30.28 -7.49 19.68
CA GLU C 237 -30.99 -6.71 20.70
C GLU C 237 -30.92 -5.21 20.46
N LEU C 238 -29.79 -4.77 19.94
CA LEU C 238 -29.55 -3.35 19.70
C LEU C 238 -29.95 -2.96 18.29
N LEU C 239 -30.18 -1.67 18.11
CA LEU C 239 -30.48 -1.07 16.79
C LEU C 239 -31.82 -1.49 16.18
N VAL C 240 -32.78 -1.87 17.01
CA VAL C 240 -34.09 -2.27 16.55
C VAL C 240 -35.25 -1.39 17.02
N SER C 241 -34.95 -0.28 17.72
CA SER C 241 -36.01 0.68 18.06
C SER C 241 -36.51 1.43 16.84
N GLU C 242 -37.78 1.24 16.49
CA GLU C 242 -38.36 1.86 15.30
C GLU C 242 -38.27 3.38 15.35
N ASP C 243 -38.47 3.94 16.53
CA ASP C 243 -38.44 5.40 16.71
C ASP C 243 -37.13 6.07 16.33
N TYR C 244 -36.02 5.33 16.31
CA TYR C 244 -34.72 5.92 16.00
C TYR C 244 -34.28 5.67 14.55
N GLY C 245 -35.16 5.06 13.75
CA GLY C 245 -34.94 4.98 12.31
C GLY C 245 -33.74 4.13 11.88
N PRO C 246 -33.71 2.84 12.27
CA PRO C 246 -32.61 2.00 11.81
C PRO C 246 -32.66 1.71 10.32
N ILE C 247 -31.49 1.72 9.68
CA ILE C 247 -31.30 1.28 8.30
C ILE C 247 -30.19 0.22 8.32
N VAL C 248 -30.31 -0.82 7.49
CA VAL C 248 -29.34 -1.90 7.46
C VAL C 248 -29.08 -2.27 6.00
N GLN C 249 -27.85 -2.66 5.73
CA GLN C 249 -27.42 -3.08 4.39
C GLN C 249 -26.26 -4.07 4.47
N GLY C 250 -26.26 -5.05 3.56
CA GLY C 250 -25.12 -5.93 3.38
C GLY C 250 -24.57 -5.84 1.96
N VAL C 251 -23.25 -5.78 1.86
CA VAL C 251 -22.55 -5.75 0.57
C VAL C 251 -21.37 -6.70 0.68
N HIS C 252 -21.54 -7.91 0.15
CA HIS C 252 -20.61 -9.01 0.37
C HIS C 252 -19.90 -9.41 -0.91
N LYS C 253 -18.86 -10.23 -0.74
CA LYS C 253 -18.20 -10.92 -1.85
C LYS C 253 -18.09 -12.38 -1.40
N ILE C 254 -19.20 -13.09 -1.53
CA ILE C 254 -19.31 -14.46 -1.06
C ILE C 254 -18.23 -15.36 -1.67
N SER C 255 -17.88 -15.13 -2.92
CA SER C 255 -16.86 -15.94 -3.60
C SER C 255 -15.46 -15.77 -2.98
N GLU C 256 -15.25 -14.65 -2.28
CA GLU C 256 -13.98 -14.36 -1.63
C GLU C 256 -14.06 -14.53 -0.12
N GLY C 257 -15.22 -14.97 0.37
CA GLY C 257 -15.44 -15.14 1.79
C GLY C 257 -15.33 -13.82 2.54
N ILE C 258 -15.96 -12.77 2.01
CA ILE C 258 -16.00 -11.46 2.67
C ILE C 258 -17.45 -11.03 2.87
N LEU C 259 -17.82 -10.75 4.13
CA LEU C 259 -19.07 -10.10 4.46
C LEU C 259 -18.79 -8.67 4.89
N ASN C 260 -19.61 -7.74 4.41
CA ASN C 260 -19.58 -6.38 4.94
C ASN C 260 -21.01 -5.96 5.30
N LEU C 261 -21.21 -5.68 6.60
CA LEU C 261 -22.53 -5.40 7.17
C LEU C 261 -22.51 -4.04 7.86
N SER C 262 -23.58 -3.29 7.68
CA SER C 262 -23.77 -2.00 8.34
C SER C 262 -25.20 -1.86 8.82
N ARG C 263 -25.37 -1.31 10.01
CA ARG C 263 -26.66 -0.96 10.55
C ARG C 263 -26.47 0.27 11.44
N SER C 264 -27.32 1.28 11.23
CA SER C 264 -27.26 2.53 12.00
C SER C 264 -28.64 3.11 12.26
N TYR C 265 -28.78 3.72 13.43
CA TYR C 265 -29.86 4.65 13.65
C TYR C 265 -29.65 5.93 12.83
N THR C 266 -30.74 6.48 12.32
CA THR C 266 -30.72 7.75 11.60
C THR C 266 -31.37 8.92 12.32
N ALA C 267 -32.39 8.67 13.15
CA ALA C 267 -33.07 9.74 13.86
C ALA C 267 -32.30 10.00 15.15
N LEU C 268 -31.10 10.55 15.01
CA LEU C 268 -30.16 10.68 16.12
C LEU C 268 -30.60 11.71 17.14
N GLU C 269 -31.29 12.76 16.71
CA GLU C 269 -31.83 13.75 17.65
C GLU C 269 -32.82 13.10 18.63
N VAL C 270 -33.75 12.30 18.10
CA VAL C 270 -34.72 11.59 18.95
C VAL C 270 -34.01 10.61 19.88
N TYR C 271 -33.00 9.93 19.36
CA TYR C 271 -32.23 8.99 20.16
C TYR C 271 -31.50 9.70 21.32
N ARG C 272 -30.76 10.76 20.99
CA ARG C 272 -30.11 11.58 22.03
C ARG C 272 -31.11 12.05 23.12
N ALA C 273 -32.31 12.43 22.70
CA ALA C 273 -33.31 12.99 23.62
C ALA C 273 -33.81 11.96 24.62
N SER C 274 -33.67 10.67 24.29
CA SER C 274 -34.01 9.58 25.22
C SER C 274 -33.11 9.54 26.46
N GLU C 275 -31.88 10.03 26.31
CA GLU C 275 -30.85 9.92 27.36
C GLU C 275 -30.69 8.46 27.82
N SER C 276 -30.89 7.55 26.88
CA SER C 276 -30.85 6.12 27.15
C SER C 276 -30.09 5.40 26.02
N PRO C 277 -28.75 5.53 26.02
CA PRO C 277 -27.94 4.96 24.95
C PRO C 277 -27.87 3.44 25.04
N GLU C 278 -27.80 2.82 23.87
CA GLU C 278 -27.60 1.37 23.72
C GLU C 278 -26.12 1.02 23.62
N GLU C 279 -25.52 0.69 24.76
CA GLU C 279 -24.06 0.58 24.86
C GLU C 279 -23.52 -0.85 24.96
N THR C 280 -24.41 -1.80 25.29
CA THR C 280 -24.06 -3.21 25.52
C THR C 280 -25.18 -4.09 24.97
N GLY C 281 -24.82 -5.07 24.15
CA GLY C 281 -25.78 -6.01 23.60
C GLY C 281 -25.38 -6.54 22.26
N THR C 282 -26.22 -7.42 21.72
CA THR C 282 -25.95 -8.02 20.41
C THR C 282 -26.34 -7.13 19.22
N LEU C 283 -25.54 -7.20 18.15
CA LEU C 283 -25.73 -6.34 17.00
C LEU C 283 -26.26 -7.05 15.77
N ALA C 284 -25.83 -8.29 15.56
CA ALA C 284 -26.07 -9.02 14.32
C ALA C 284 -25.78 -10.49 14.56
N VAL C 285 -26.51 -11.36 13.85
CA VAL C 285 -26.26 -12.78 13.84
C VAL C 285 -26.14 -13.24 12.38
N VAL C 286 -25.06 -13.96 12.07
CA VAL C 286 -24.85 -14.59 10.79
C VAL C 286 -24.65 -16.08 11.03
N GLY C 287 -24.94 -16.90 10.03
CA GLY C 287 -24.69 -18.34 10.12
C GLY C 287 -23.50 -18.76 9.28
N PHE C 288 -22.75 -19.74 9.78
CA PHE C 288 -21.72 -20.39 8.98
C PHE C 288 -21.98 -21.90 8.94
N LYS C 289 -22.34 -22.37 7.75
CA LYS C 289 -22.59 -23.79 7.51
C LYS C 289 -21.25 -24.46 7.23
N VAL C 290 -20.99 -25.55 7.93
CA VAL C 290 -19.72 -26.27 7.79
C VAL C 290 -19.74 -27.08 6.50
N LEU C 291 -18.79 -26.79 5.61
CA LEU C 291 -18.66 -27.50 4.34
C LEU C 291 -17.59 -28.59 4.43
N GLN C 292 -16.57 -28.36 5.26
CA GLN C 292 -15.55 -29.32 5.54
C GLN C 292 -15.25 -29.26 7.02
N LYS C 293 -15.11 -30.42 7.66
CA LYS C 293 -14.78 -30.46 9.09
C LYS C 293 -13.25 -30.40 9.22
N LYS C 294 -12.73 -29.17 9.18
CA LYS C 294 -11.32 -28.91 9.46
C LYS C 294 -11.17 -27.59 10.17
N ALA C 295 -10.02 -27.41 10.81
CA ALA C 295 -9.73 -26.19 11.58
C ALA C 295 -9.81 -24.97 10.68
N THR C 296 -10.59 -23.99 11.11
CA THR C 296 -10.82 -22.79 10.32
C THR C 296 -11.15 -21.60 11.23
N THR C 297 -10.98 -20.40 10.70
CA THR C 297 -11.14 -19.20 11.50
C THR C 297 -11.93 -18.16 10.74
N VAL C 298 -12.77 -17.44 11.49
CA VAL C 298 -13.49 -16.28 10.99
C VAL C 298 -12.90 -15.11 11.74
N VAL C 299 -12.68 -14.00 11.04
CA VAL C 299 -12.13 -12.80 11.70
C VAL C 299 -12.75 -11.51 11.20
N PHE C 300 -12.79 -10.51 12.08
CA PHE C 300 -12.91 -9.13 11.65
C PHE C 300 -11.60 -8.77 10.96
N GLU C 301 -11.70 -8.19 9.77
CA GLU C 301 -10.52 -7.91 8.96
C GLU C 301 -10.63 -6.56 8.24
N ASP C 302 -9.53 -5.81 8.23
CA ASP C 302 -9.50 -4.51 7.56
C ASP C 302 -9.79 -4.66 6.07
N SER C 303 -10.48 -3.65 5.53
CA SER C 303 -10.88 -3.58 4.12
C SER C 303 -10.43 -2.23 3.60
N GLU C 304 -10.00 -2.19 2.33
CA GLU C 304 -9.72 -0.94 1.63
C GLU C 304 -10.95 -0.05 1.51
N THR C 305 -12.14 -0.66 1.55
CA THR C 305 -13.40 0.05 1.60
C THR C 305 -13.65 0.75 2.95
N MET C 306 -12.86 0.40 3.97
CA MET C 306 -13.00 0.97 5.31
C MET C 306 -11.67 1.51 5.81
N PRO C 307 -11.17 2.58 5.18
CA PRO C 307 -9.83 3.05 5.56
C PRO C 307 -9.72 3.50 7.00
N ASN C 308 -10.85 3.88 7.62
CA ASN C 308 -10.88 4.31 9.02
C ASN C 308 -11.28 3.20 9.98
N GLY C 309 -11.49 2.00 9.45
CA GLY C 309 -11.81 0.84 10.27
C GLY C 309 -10.67 0.47 11.22
N ILE C 310 -11.06 -0.09 12.36
CA ILE C 310 -10.14 -0.57 13.36
C ILE C 310 -10.34 -2.07 13.36
N THR C 311 -9.38 -2.77 12.78
CA THR C 311 -9.44 -4.22 12.58
C THR C 311 -10.81 -4.62 12.02
N GLY C 312 -11.20 -3.94 10.94
CA GLY C 312 -12.43 -4.26 10.22
C GLY C 312 -13.69 -3.81 10.91
N THR C 313 -13.57 -2.88 11.88
CA THR C 313 -14.72 -2.41 12.62
C THR C 313 -14.83 -0.90 12.66
N THR C 314 -16.04 -0.41 12.50
CA THR C 314 -16.35 1.00 12.67
C THR C 314 -17.58 1.08 13.56
N LEU C 315 -17.44 1.81 14.66
CA LEU C 315 -18.55 2.05 15.59
C LEU C 315 -18.82 3.55 15.62
N PHE C 316 -20.09 3.92 15.53
CA PHE C 316 -20.53 5.29 15.61
C PHE C 316 -21.20 5.59 16.94
N ASN C 317 -21.07 6.82 17.38
CA ASN C 317 -21.89 7.33 18.47
C ASN C 317 -22.99 8.22 17.91
N TRP C 318 -23.88 8.65 18.80
CA TRP C 318 -25.11 9.30 18.40
C TRP C 318 -24.96 10.77 17.99
N TYR C 319 -23.70 11.25 17.88
CA TYR C 319 -23.43 12.52 17.20
C TYR C 319 -23.10 12.30 15.73
N GLY C 320 -22.99 11.03 15.35
CA GLY C 320 -22.56 10.68 14.00
C GLY C 320 -21.05 10.64 13.86
N ASN C 321 -20.35 10.49 14.98
CA ASN C 321 -18.89 10.47 14.98
C ASN C 321 -18.39 9.02 15.01
N ARG C 322 -17.34 8.72 14.26
CA ARG C 322 -16.65 7.45 14.41
C ARG C 322 -15.97 7.43 15.76
N ILE C 323 -16.14 6.33 16.50
CA ILE C 323 -15.39 6.12 17.73
C ILE C 323 -13.99 5.60 17.36
N GLN C 324 -12.96 6.42 17.57
CA GLN C 324 -11.65 6.16 16.97
C GLN C 324 -10.65 5.51 17.92
N SER C 325 -11.06 5.31 19.16
CA SER C 325 -10.19 4.74 20.16
C SER C 325 -11.05 4.25 21.31
N GLY C 326 -10.43 3.49 22.22
CA GLY C 326 -11.05 3.19 23.49
C GLY C 326 -11.88 1.91 23.53
N TYR C 327 -11.82 1.12 22.46
CA TYR C 327 -12.44 -0.19 22.50
C TYR C 327 -11.56 -1.25 21.88
N PHE C 328 -11.71 -2.47 22.39
CA PHE C 328 -10.98 -3.61 21.90
C PHE C 328 -11.76 -4.35 20.82
N VAL C 329 -11.03 -4.98 19.91
CA VAL C 329 -11.64 -5.92 18.97
C VAL C 329 -11.23 -7.34 19.38
N ILE C 330 -12.22 -8.14 19.80
CA ILE C 330 -12.00 -9.47 20.31
C ILE C 330 -12.42 -10.47 19.23
N GLN C 331 -11.43 -11.12 18.61
CA GLN C 331 -11.71 -12.11 17.55
C GLN C 331 -12.33 -13.38 18.14
N PRO C 332 -13.18 -14.07 17.36
CA PRO C 332 -13.89 -15.24 17.87
C PRO C 332 -13.04 -16.51 18.07
N GLY C 333 -11.91 -16.63 17.39
CA GLY C 333 -11.13 -17.86 17.52
C GLY C 333 -11.60 -18.99 16.63
N GLU C 334 -10.95 -20.14 16.78
CA GLU C 334 -11.01 -21.19 15.78
C GLU C 334 -12.24 -22.10 15.92
N ILE C 335 -12.72 -22.55 14.77
CA ILE C 335 -13.79 -23.55 14.64
C ILE C 335 -13.15 -24.88 14.27
N ASN C 336 -13.66 -25.95 14.85
CA ASN C 336 -13.14 -27.31 14.60
C ASN C 336 -11.61 -27.46 14.72
N SER C 337 -11.06 -26.93 15.82
CA SER C 337 -9.63 -27.05 16.12
C SER C 337 -9.17 -28.51 16.21
N THR D 4 -22.70 -37.00 -38.05
CA THR D 4 -24.02 -37.24 -38.66
C THR D 4 -24.90 -38.17 -37.80
N SER D 5 -24.99 -37.83 -36.51
CA SER D 5 -26.11 -38.20 -35.66
C SER D 5 -26.22 -37.11 -34.62
N SER D 6 -25.29 -37.03 -33.66
CA SER D 6 -25.36 -36.00 -32.62
C SER D 6 -24.05 -35.71 -31.90
N ILE D 7 -24.01 -34.54 -31.29
CA ILE D 7 -23.07 -34.22 -30.21
C ILE D 7 -23.93 -33.76 -29.03
N GLU D 8 -23.53 -34.13 -27.81
CA GLU D 8 -24.28 -33.84 -26.59
C GLU D 8 -23.34 -33.48 -25.46
N ILE D 9 -23.83 -32.67 -24.54
CA ILE D 9 -23.15 -32.43 -23.28
C ILE D 9 -23.94 -33.14 -22.18
N VAL D 10 -23.28 -34.07 -21.49
CA VAL D 10 -23.89 -34.88 -20.44
C VAL D 10 -23.17 -34.67 -19.12
N LEU D 11 -23.93 -34.54 -18.04
CA LEU D 11 -23.34 -34.40 -16.70
C LEU D 11 -23.41 -35.70 -15.93
N ASP D 12 -22.43 -35.93 -15.07
CA ASP D 12 -22.39 -37.13 -14.21
C ASP D 12 -23.32 -37.06 -12.99
N LYS D 13 -23.86 -35.88 -12.70
CA LYS D 13 -24.88 -35.75 -11.67
C LYS D 13 -25.90 -34.69 -11.99
N THR D 14 -27.05 -34.77 -11.32
CA THR D 14 -28.15 -33.81 -11.49
C THR D 14 -28.18 -32.72 -10.43
N THR D 15 -27.59 -33.01 -9.27
CA THR D 15 -27.54 -32.09 -8.14
C THR D 15 -26.12 -32.05 -7.58
N ALA D 16 -25.71 -30.89 -7.07
CA ALA D 16 -24.36 -30.69 -6.53
C ALA D 16 -24.29 -29.40 -5.70
N SER D 17 -23.74 -29.50 -4.50
CA SER D 17 -23.61 -28.34 -3.60
C SER D 17 -22.32 -27.55 -3.82
N VAL D 18 -22.23 -26.37 -3.19
CA VAL D 18 -21.08 -25.48 -3.37
C VAL D 18 -19.73 -26.17 -3.09
N GLY D 19 -18.76 -25.95 -3.98
CA GLY D 19 -17.42 -26.54 -3.86
C GLY D 19 -17.24 -27.93 -4.45
N GLU D 20 -18.34 -28.60 -4.76
CA GLU D 20 -18.29 -29.92 -5.38
C GLU D 20 -18.14 -29.82 -6.86
N ILE D 21 -17.82 -30.95 -7.47
CA ILE D 21 -17.45 -30.99 -8.85
C ILE D 21 -18.48 -31.74 -9.67
N VAL D 22 -18.86 -31.14 -10.78
CA VAL D 22 -19.76 -31.75 -11.75
C VAL D 22 -18.94 -31.98 -13.01
N THR D 23 -19.04 -33.17 -13.57
CA THR D 23 -18.21 -33.51 -14.72
C THR D 23 -19.07 -33.55 -15.96
N ALA D 24 -18.71 -32.71 -16.93
CA ALA D 24 -19.41 -32.63 -18.19
C ALA D 24 -18.66 -33.39 -19.25
N SER D 25 -19.30 -34.39 -19.84
CA SER D 25 -18.71 -35.13 -20.93
C SER D 25 -19.33 -34.69 -22.25
N ILE D 26 -18.49 -34.38 -23.24
CA ILE D 26 -18.96 -34.01 -24.57
C ILE D 26 -18.85 -35.26 -25.43
N ASN D 27 -20.01 -35.79 -25.81
CA ASN D 27 -20.14 -37.08 -26.47
C ASN D 27 -20.69 -36.93 -27.88
N ILE D 28 -20.06 -37.60 -28.83
CA ILE D 28 -20.59 -37.67 -30.20
C ILE D 28 -21.10 -39.07 -30.49
N LYS D 29 -22.06 -39.14 -31.41
CA LYS D 29 -22.64 -40.41 -31.85
C LYS D 29 -22.78 -40.37 -33.35
N ASN D 30 -22.26 -41.40 -34.01
CA ASN D 30 -22.40 -41.61 -35.45
C ASN D 30 -22.08 -40.39 -36.33
N ILE D 31 -20.98 -39.70 -36.00
CA ILE D 31 -20.53 -38.59 -36.83
C ILE D 31 -19.64 -39.17 -37.93
N THR D 32 -20.16 -39.23 -39.14
CA THR D 32 -19.47 -39.89 -40.24
C THR D 32 -18.09 -39.30 -40.55
N ASN D 33 -17.07 -40.16 -40.48
CA ASN D 33 -15.68 -39.81 -40.80
C ASN D 33 -15.12 -38.66 -39.95
N PHE D 34 -15.62 -38.58 -38.72
CA PHE D 34 -15.19 -37.57 -37.74
C PHE D 34 -13.69 -37.61 -37.54
N SER D 35 -13.05 -36.43 -37.58
CA SER D 35 -11.61 -36.30 -37.35
C SER D 35 -11.21 -35.25 -36.32
N GLY D 36 -12.17 -34.50 -35.81
CA GLY D 36 -11.88 -33.45 -34.84
C GLY D 36 -12.96 -32.42 -34.73
N CYS D 37 -12.74 -31.44 -33.86
CA CYS D 37 -13.77 -30.46 -33.59
C CYS D 37 -13.21 -29.15 -33.05
N GLN D 38 -14.04 -28.13 -33.18
CA GLN D 38 -13.86 -26.85 -32.52
C GLN D 38 -15.20 -26.54 -31.85
N LEU D 39 -15.14 -26.26 -30.55
CA LEU D 39 -16.33 -26.09 -29.71
C LEU D 39 -16.25 -24.83 -28.86
N ASN D 40 -17.34 -24.07 -28.85
CA ASN D 40 -17.48 -22.87 -28.01
C ASN D 40 -18.51 -23.09 -26.92
N MET D 41 -18.06 -23.30 -25.68
CA MET D 41 -18.95 -23.74 -24.59
C MET D 41 -19.24 -22.59 -23.62
N LYS D 42 -20.52 -22.33 -23.38
CA LYS D 42 -20.93 -21.22 -22.52
C LYS D 42 -21.40 -21.76 -21.17
N TYR D 43 -20.86 -21.20 -20.09
CA TYR D 43 -21.34 -21.46 -18.71
C TYR D 43 -21.49 -20.14 -17.95
N ASP D 44 -22.17 -20.19 -16.81
CA ASP D 44 -22.34 -18.99 -15.97
C ASP D 44 -21.18 -18.91 -14.99
N PRO D 45 -20.29 -17.93 -15.18
CA PRO D 45 -19.09 -17.87 -14.33
C PRO D 45 -19.35 -17.42 -12.88
N ALA D 46 -20.56 -16.96 -12.60
CA ALA D 46 -21.00 -16.69 -11.24
C ALA D 46 -21.46 -17.98 -10.52
N VAL D 47 -21.77 -19.03 -11.28
CA VAL D 47 -22.36 -20.25 -10.68
C VAL D 47 -21.45 -21.49 -10.78
N LEU D 48 -20.70 -21.60 -11.88
CA LEU D 48 -19.75 -22.71 -12.08
C LEU D 48 -18.38 -22.17 -12.45
N GLN D 49 -17.33 -22.91 -12.10
CA GLN D 49 -15.95 -22.58 -12.48
C GLN D 49 -15.22 -23.82 -13.00
N PRO D 50 -14.67 -23.75 -14.23
CA PRO D 50 -13.96 -24.92 -14.71
C PRO D 50 -12.67 -25.15 -13.94
N VAL D 51 -12.40 -26.40 -13.56
CA VAL D 51 -11.14 -26.74 -12.93
C VAL D 51 -10.55 -28.00 -13.56
N THR D 52 -9.22 -28.07 -13.59
CA THR D 52 -8.52 -29.22 -14.12
C THR D 52 -8.74 -30.40 -13.16
N SER D 53 -8.48 -31.62 -13.61
CA SER D 53 -8.55 -32.78 -12.69
C SER D 53 -7.47 -32.70 -11.61
N SER D 54 -6.48 -31.83 -11.82
CA SER D 54 -5.51 -31.47 -10.78
C SER D 54 -6.01 -30.36 -9.83
N GLY D 55 -7.29 -29.96 -9.97
CA GLY D 55 -7.94 -29.04 -9.02
C GLY D 55 -7.76 -27.54 -9.27
N VAL D 56 -6.77 -27.18 -10.08
CA VAL D 56 -6.45 -25.78 -10.35
C VAL D 56 -7.45 -25.19 -11.33
N ALA D 57 -7.63 -23.87 -11.26
CA ALA D 57 -8.56 -23.17 -12.14
C ALA D 57 -8.03 -23.12 -13.58
N TYR D 58 -8.92 -23.36 -14.55
CA TYR D 58 -8.58 -23.15 -15.96
C TYR D 58 -8.06 -21.74 -16.11
N THR D 59 -6.95 -21.63 -16.84
CA THR D 59 -6.43 -20.35 -17.23
C THR D 59 -6.70 -20.21 -18.72
N LYS D 60 -6.24 -19.12 -19.30
N LYS D 60 -6.21 -19.12 -19.30
CA LYS D 60 -6.25 -18.97 -20.76
CA LYS D 60 -6.16 -18.95 -20.74
C LYS D 60 -5.48 -20.16 -21.33
C LYS D 60 -5.44 -20.15 -21.35
N SER D 61 -5.97 -20.65 -22.46
CA SER D 61 -5.32 -21.77 -23.18
C SER D 61 -5.34 -23.14 -22.45
N THR D 62 -6.04 -23.25 -21.32
CA THR D 62 -6.19 -24.56 -20.69
C THR D 62 -7.16 -25.43 -21.51
N MET D 63 -6.68 -26.59 -21.97
CA MET D 63 -7.52 -27.54 -22.71
C MET D 63 -8.40 -28.33 -21.75
N PRO D 64 -9.59 -28.76 -22.23
CA PRO D 64 -10.37 -29.73 -21.46
C PRO D 64 -9.65 -31.08 -21.30
N GLY D 65 -10.12 -31.88 -20.36
CA GLY D 65 -9.61 -33.25 -20.22
C GLY D 65 -9.84 -34.15 -21.42
N ALA D 66 -9.04 -35.21 -21.50
CA ALA D 66 -9.12 -36.21 -22.56
C ALA D 66 -10.40 -37.03 -22.41
N GLY D 67 -10.93 -37.49 -23.54
CA GLY D 67 -12.09 -38.38 -23.55
C GLY D 67 -11.70 -39.79 -23.98
N THR D 68 -12.59 -40.45 -24.70
CA THR D 68 -12.36 -41.85 -25.12
C THR D 68 -11.96 -41.99 -26.58
N ILE D 69 -12.08 -40.91 -27.36
CA ILE D 69 -11.64 -40.89 -28.74
C ILE D 69 -10.75 -39.69 -28.95
N LEU D 70 -10.15 -39.60 -30.14
CA LEU D 70 -9.11 -38.59 -30.47
C LEU D 70 -7.81 -38.79 -29.65
N ASN D 71 -7.54 -40.03 -29.25
CA ASN D 71 -6.38 -40.36 -28.43
C ASN D 71 -5.39 -41.22 -29.20
N SER D 72 -5.73 -41.52 -30.46
CA SER D 72 -4.93 -42.39 -31.30
C SER D 72 -3.83 -41.65 -32.07
N ASP D 73 -3.01 -42.42 -32.76
CA ASP D 73 -1.76 -41.92 -33.34
C ASP D 73 -1.95 -41.28 -34.71
N PHE D 74 -2.68 -40.17 -34.75
CA PHE D 74 -2.86 -39.40 -35.99
C PHE D 74 -2.62 -37.93 -35.75
N ASN D 75 -1.80 -37.67 -34.73
CA ASN D 75 -1.27 -36.36 -34.41
C ASN D 75 -2.32 -35.30 -34.12
N LEU D 76 -2.82 -35.34 -32.88
CA LEU D 76 -3.86 -34.45 -32.43
C LEU D 76 -3.32 -33.04 -32.21
N ARG D 77 -3.84 -32.06 -32.95
CA ARG D 77 -3.58 -30.63 -32.66
C ARG D 77 -4.56 -30.15 -31.61
N GLN D 78 -4.10 -29.24 -30.74
CA GLN D 78 -4.94 -28.74 -29.66
C GLN D 78 -4.74 -27.24 -29.50
N VAL D 79 -5.84 -26.52 -29.32
CA VAL D 79 -5.77 -25.08 -29.07
C VAL D 79 -6.93 -24.74 -28.17
N ALA D 80 -6.66 -23.92 -27.15
CA ALA D 80 -7.72 -23.39 -26.30
C ALA D 80 -7.55 -21.88 -26.18
N ASP D 81 -8.68 -21.19 -26.04
CA ASP D 81 -8.71 -19.76 -25.83
C ASP D 81 -9.93 -19.45 -25.00
N ASN D 82 -9.79 -19.62 -23.68
CA ASN D 82 -10.91 -19.50 -22.75
C ASN D 82 -11.09 -18.05 -22.28
N ASP D 83 -12.34 -17.60 -22.17
CA ASP D 83 -12.62 -16.28 -21.53
C ASP D 83 -13.33 -16.60 -20.22
N LEU D 84 -12.56 -16.63 -19.15
CA LEU D 84 -13.07 -17.09 -17.86
C LEU D 84 -13.91 -16.02 -17.15
N GLU D 85 -13.78 -14.76 -17.56
CA GLU D 85 -14.64 -13.68 -17.04
C GLU D 85 -16.06 -13.78 -17.59
N LYS D 86 -16.17 -14.06 -18.89
CA LYS D 86 -17.47 -14.21 -19.55
C LYS D 86 -18.05 -15.62 -19.40
N GLY D 87 -17.18 -16.57 -19.03
CA GLY D 87 -17.59 -17.97 -18.89
C GLY D 87 -17.69 -18.69 -20.23
N ILE D 88 -16.64 -18.58 -21.03
CA ILE D 88 -16.58 -19.21 -22.36
C ILE D 88 -15.36 -20.08 -22.44
N LEU D 89 -15.52 -21.36 -22.73
CA LEU D 89 -14.39 -22.22 -23.11
C LEU D 89 -14.43 -22.40 -24.61
N ASN D 90 -13.34 -22.08 -25.27
CA ASN D 90 -13.21 -22.34 -26.68
C ASN D 90 -11.97 -23.19 -26.92
N PHE D 91 -12.15 -24.32 -27.58
CA PHE D 91 -11.04 -25.19 -27.85
C PHE D 91 -11.25 -25.98 -29.13
N SER D 92 -10.13 -26.40 -29.71
CA SER D 92 -10.10 -27.31 -30.85
CA SER D 92 -10.13 -27.34 -30.83
C SER D 92 -9.29 -28.54 -30.46
N LYS D 93 -9.77 -29.72 -30.88
CA LYS D 93 -9.06 -30.99 -30.77
C LYS D 93 -9.24 -31.67 -32.11
N ALA D 94 -8.18 -31.86 -32.89
CA ALA D 94 -8.34 -32.45 -34.23
C ALA D 94 -7.11 -33.19 -34.75
N TYR D 95 -7.32 -34.30 -35.43
CA TYR D 95 -6.20 -35.01 -36.04
C TYR D 95 -5.64 -34.23 -37.23
N VAL D 96 -4.31 -34.20 -37.31
CA VAL D 96 -3.56 -33.54 -38.39
C VAL D 96 -3.19 -34.50 -39.52
N SER D 97 -2.90 -35.75 -39.16
CA SER D 97 -2.44 -36.76 -40.13
C SER D 97 -3.62 -37.40 -40.82
N LEU D 98 -4.29 -36.60 -41.65
CA LEU D 98 -5.57 -36.99 -42.21
C LEU D 98 -5.45 -38.05 -43.30
N ASP D 99 -4.42 -37.95 -44.14
CA ASP D 99 -4.20 -39.00 -45.14
C ASP D 99 -3.99 -40.35 -44.45
N ASP D 100 -3.14 -40.37 -43.43
CA ASP D 100 -2.95 -41.61 -42.65
C ASP D 100 -4.30 -42.10 -42.09
N TYR D 101 -5.07 -41.16 -41.56
CA TYR D 101 -6.34 -41.49 -40.91
C TYR D 101 -7.33 -42.09 -41.90
N ARG D 102 -7.46 -41.46 -43.08
CA ARG D 102 -8.30 -42.01 -44.16
C ARG D 102 -7.80 -43.40 -44.57
N THR D 103 -6.48 -43.57 -44.64
CA THR D 103 -5.89 -44.85 -45.07
C THR D 103 -6.21 -45.97 -44.11
N ALA D 104 -6.23 -45.64 -42.81
CA ALA D 104 -6.61 -46.59 -41.77
C ALA D 104 -8.06 -47.06 -41.88
N ALA D 105 -8.92 -46.22 -42.45
CA ALA D 105 -10.29 -46.61 -42.84
C ALA D 105 -11.15 -47.09 -41.69
N ALA D 106 -10.96 -46.48 -40.52
CA ALA D 106 -11.68 -46.88 -39.31
C ALA D 106 -11.96 -45.67 -38.45
N PRO D 107 -12.85 -44.79 -38.92
CA PRO D 107 -13.03 -43.52 -38.24
C PRO D 107 -13.69 -43.63 -36.88
N GLU D 108 -13.32 -42.71 -35.99
CA GLU D 108 -13.79 -42.67 -34.62
C GLU D 108 -15.04 -41.79 -34.62
N GLN D 109 -16.20 -42.41 -34.81
CA GLN D 109 -17.46 -41.71 -35.07
C GLN D 109 -18.36 -41.54 -33.84
N THR D 110 -18.08 -42.29 -32.78
CA THR D 110 -18.85 -42.31 -31.54
C THR D 110 -17.93 -42.37 -30.34
N GLY D 111 -18.17 -41.53 -29.34
CA GLY D 111 -17.31 -41.51 -28.16
C GLY D 111 -17.26 -40.16 -27.47
N THR D 112 -16.50 -40.10 -26.38
CA THR D 112 -16.36 -38.85 -25.64
C THR D 112 -15.15 -38.09 -26.19
N VAL D 113 -15.38 -36.89 -26.70
CA VAL D 113 -14.30 -36.08 -27.32
C VAL D 113 -13.50 -35.33 -26.27
N ALA D 114 -14.15 -34.95 -25.16
CA ALA D 114 -13.51 -34.13 -24.12
C ALA D 114 -14.32 -34.16 -22.84
N VAL D 115 -13.70 -33.85 -21.70
CA VAL D 115 -14.39 -33.78 -20.42
C VAL D 115 -13.98 -32.48 -19.72
N VAL D 116 -14.96 -31.73 -19.19
CA VAL D 116 -14.69 -30.52 -18.41
C VAL D 116 -15.29 -30.67 -17.02
N LYS D 117 -14.46 -30.41 -16.01
CA LYS D 117 -14.87 -30.47 -14.63
C LYS D 117 -15.18 -29.06 -14.13
N PHE D 118 -16.35 -28.90 -13.51
CA PHE D 118 -16.82 -27.61 -13.00
C PHE D 118 -17.01 -27.66 -11.50
N LYS D 119 -16.46 -26.65 -10.83
CA LYS D 119 -16.68 -26.45 -9.41
C LYS D 119 -17.95 -25.62 -9.24
N VAL D 120 -18.79 -26.05 -8.31
CA VAL D 120 -20.03 -25.33 -8.03
C VAL D 120 -19.74 -24.16 -7.09
N LEU D 121 -19.99 -22.95 -7.59
CA LEU D 121 -19.89 -21.71 -6.79
C LEU D 121 -21.23 -21.35 -6.09
N LYS D 122 -22.34 -21.70 -6.73
CA LYS D 122 -23.69 -21.50 -6.21
C LYS D 122 -24.56 -22.69 -6.59
N GLU D 123 -25.37 -23.17 -5.64
CA GLU D 123 -26.29 -24.29 -5.90
C GLU D 123 -27.66 -23.74 -6.35
N GLU D 124 -27.80 -23.59 -7.66
CA GLU D 124 -29.01 -23.05 -8.26
C GLU D 124 -29.06 -23.53 -9.70
N THR D 125 -30.26 -23.55 -10.27
CA THR D 125 -30.40 -24.04 -11.63
C THR D 125 -29.44 -23.29 -12.56
N SER D 126 -28.65 -24.03 -13.34
CA SER D 126 -27.67 -23.43 -14.23
C SER D 126 -27.44 -24.34 -15.42
N SER D 127 -27.08 -23.75 -16.56
CA SER D 127 -26.95 -24.49 -17.79
C SER D 127 -25.62 -24.27 -18.49
N ILE D 128 -25.24 -25.30 -19.23
CA ILE D 128 -24.05 -25.32 -20.04
C ILE D 128 -24.48 -25.70 -21.45
N SER D 129 -24.03 -24.90 -22.41
CA SER D 129 -24.38 -25.10 -23.82
C SER D 129 -23.25 -24.62 -24.70
N PHE D 130 -23.13 -25.25 -25.87
CA PHE D 130 -22.36 -24.65 -26.94
C PHE D 130 -23.16 -23.48 -27.51
N GLU D 131 -22.45 -22.42 -27.88
CA GLU D 131 -23.01 -21.18 -28.41
C GLU D 131 -22.15 -20.55 -29.50
N ASP D 132 -22.82 -20.01 -30.51
CA ASP D 132 -22.13 -19.35 -31.62
C ASP D 132 -21.36 -18.15 -31.07
N THR D 133 -20.25 -17.85 -31.75
CA THR D 133 -19.35 -16.76 -31.34
C THR D 133 -18.65 -16.20 -32.57
N THR D 134 -18.28 -14.92 -32.53
CA THR D 134 -17.62 -14.24 -33.65
C THR D 134 -16.30 -14.89 -34.05
N SER D 135 -15.59 -15.44 -33.07
CA SER D 135 -14.28 -16.05 -33.29
C SER D 135 -14.36 -17.36 -34.08
N VAL D 136 -15.57 -17.91 -34.22
CA VAL D 136 -15.80 -19.17 -34.92
C VAL D 136 -17.07 -19.03 -35.77
N PRO D 137 -16.97 -18.32 -36.91
CA PRO D 137 -18.15 -18.11 -37.74
C PRO D 137 -18.69 -19.38 -38.40
N ASN D 138 -20.00 -19.40 -38.63
CA ASN D 138 -20.73 -20.56 -39.19
C ASN D 138 -20.59 -21.87 -38.41
N ALA D 139 -20.38 -21.76 -37.10
CA ALA D 139 -20.56 -22.90 -36.21
C ALA D 139 -22.03 -23.28 -36.24
N ILE D 140 -22.34 -24.52 -35.86
CA ILE D 140 -23.71 -24.98 -35.72
C ILE D 140 -24.00 -25.04 -34.22
N ASP D 141 -24.70 -24.03 -33.70
CA ASP D 141 -24.90 -23.92 -32.25
C ASP D 141 -23.57 -24.00 -31.50
N GLY D 142 -22.56 -23.29 -31.99
CA GLY D 142 -21.28 -23.25 -31.32
C GLY D 142 -20.40 -24.47 -31.53
N THR D 143 -20.80 -25.36 -32.44
CA THR D 143 -20.04 -26.57 -32.75
C THR D 143 -19.56 -26.57 -34.19
N VAL D 144 -18.32 -26.99 -34.38
CA VAL D 144 -17.74 -27.22 -35.71
C VAL D 144 -17.15 -28.64 -35.66
N LEU D 145 -17.67 -29.54 -36.47
CA LEU D 145 -17.17 -30.92 -36.50
C LEU D 145 -16.48 -31.11 -37.85
N PHE D 146 -15.33 -31.77 -37.86
CA PHE D 146 -14.59 -31.96 -39.08
C PHE D 146 -14.64 -33.39 -39.51
N ASP D 147 -14.70 -33.60 -40.83
CA ASP D 147 -14.57 -34.94 -41.38
C ASP D 147 -13.11 -35.20 -41.72
N TRP D 148 -12.79 -36.40 -42.19
CA TRP D 148 -11.38 -36.75 -42.41
C TRP D 148 -10.75 -36.25 -43.71
N ASN D 149 -11.51 -35.47 -44.47
CA ASN D 149 -10.93 -34.62 -45.52
C ASN D 149 -10.55 -33.22 -45.00
N GLY D 150 -10.74 -32.97 -43.70
CA GLY D 150 -10.51 -31.64 -43.11
C GLY D 150 -11.64 -30.65 -43.36
N ASP D 151 -12.74 -31.12 -43.94
CA ASP D 151 -13.90 -30.28 -44.26
C ASP D 151 -14.86 -30.22 -43.08
N ARG D 152 -15.49 -29.05 -42.88
CA ARG D 152 -16.51 -28.91 -41.86
C ARG D 152 -17.75 -29.70 -42.28
N ILE D 153 -18.35 -30.41 -41.33
CA ILE D 153 -19.59 -31.15 -41.56
C ILE D 153 -20.74 -30.14 -41.41
N GLN D 154 -21.38 -29.82 -42.53
CA GLN D 154 -22.27 -28.66 -42.63
C GLN D 154 -23.71 -28.95 -42.24
N SER D 155 -24.05 -30.21 -42.08
CA SER D 155 -25.42 -30.63 -41.76
C SER D 155 -25.47 -32.08 -41.31
N GLY D 156 -26.66 -32.52 -40.90
CA GLY D 156 -26.93 -33.92 -40.59
C GLY D 156 -26.75 -34.40 -39.17
N TYR D 157 -26.40 -33.50 -38.24
CA TYR D 157 -26.33 -33.88 -36.81
C TYR D 157 -27.07 -32.89 -35.91
N SER D 158 -27.52 -33.40 -34.77
CA SER D 158 -28.16 -32.57 -33.76
C SER D 158 -27.21 -32.25 -32.63
N VAL D 159 -27.41 -31.07 -32.05
CA VAL D 159 -26.69 -30.64 -30.86
C VAL D 159 -27.62 -30.77 -29.66
N ILE D 160 -27.40 -31.79 -28.83
CA ILE D 160 -28.28 -32.10 -27.73
C ILE D 160 -27.76 -31.37 -26.48
N GLN D 161 -28.46 -30.29 -26.14
CA GLN D 161 -28.08 -29.37 -25.09
C GLN D 161 -29.30 -28.50 -24.78
N PRO D 162 -29.24 -27.70 -23.70
CA PRO D 162 -28.18 -27.57 -22.72
C PRO D 162 -28.08 -28.73 -21.77
N ALA D 163 -26.93 -28.83 -21.10
CA ALA D 163 -26.83 -29.64 -19.88
C ALA D 163 -27.22 -28.71 -18.74
N VAL D 164 -28.03 -29.23 -17.82
CA VAL D 164 -28.54 -28.45 -16.69
C VAL D 164 -28.21 -29.11 -15.37
N ILE D 165 -27.72 -28.31 -14.43
CA ILE D 165 -27.37 -28.80 -13.09
C ILE D 165 -28.29 -28.12 -12.08
N ASN D 166 -28.66 -28.85 -11.04
CA ASN D 166 -29.40 -28.26 -9.90
C ASN D 166 -30.76 -27.66 -10.29
N LEU D 167 -31.43 -28.29 -11.25
CA LEU D 167 -32.80 -27.91 -11.59
C LEU D 167 -33.71 -27.96 -10.36
N ASP D 168 -34.36 -26.83 -10.09
CA ASP D 168 -35.40 -26.69 -9.09
C ASP D 168 -36.70 -26.67 -9.87
N MET D 169 -37.39 -27.80 -9.89
CA MET D 169 -38.55 -27.96 -10.78
CA MET D 169 -38.57 -28.00 -10.73
C MET D 169 -39.72 -27.05 -10.40
N THR D 170 -39.79 -26.61 -9.15
CA THR D 170 -40.79 -25.64 -8.72
C THR D 170 -40.40 -24.20 -8.99
N LYS D 171 -39.17 -23.82 -8.65
CA LYS D 171 -38.78 -22.40 -8.68
C LYS D 171 -38.19 -21.90 -9.97
N ALA D 172 -37.51 -22.77 -10.74
CA ALA D 172 -36.88 -22.34 -11.99
C ALA D 172 -37.91 -22.07 -13.07
N SER D 173 -37.58 -21.14 -13.96
CA SER D 173 -38.38 -20.85 -15.14
C SER D 173 -37.87 -21.71 -16.30
N TYR D 174 -38.77 -22.46 -16.95
CA TYR D 174 -38.33 -23.37 -17.99
C TYR D 174 -39.44 -23.85 -18.90
N ILE D 175 -39.00 -24.34 -20.06
CA ILE D 175 -39.82 -25.14 -20.96
C ILE D 175 -39.19 -26.51 -21.04
N THR D 176 -40.04 -27.54 -21.07
CA THR D 176 -39.59 -28.92 -21.16
C THR D 176 -40.58 -29.76 -21.95
N MET D 177 -40.18 -31.02 -22.20
CA MET D 177 -41.07 -32.04 -22.77
C MET D 177 -41.02 -33.24 -21.84
N GLY D 178 -42.19 -33.77 -21.46
CA GLY D 178 -42.29 -35.01 -20.72
C GLY D 178 -42.95 -36.11 -21.54
N TYR D 179 -42.65 -37.35 -21.20
CA TYR D 179 -43.23 -38.52 -21.82
C TYR D 179 -44.10 -39.24 -20.79
N ASP D 180 -45.20 -39.85 -21.23
CA ASP D 180 -45.96 -40.72 -20.34
C ASP D 180 -45.19 -42.01 -20.01
N LYS D 181 -44.31 -42.45 -20.91
CA LYS D 181 -43.39 -43.58 -20.68
C LYS D 181 -42.14 -43.39 -21.49
N ASN D 182 -40.99 -43.91 -21.02
CA ASN D 182 -39.72 -43.78 -21.78
C ASN D 182 -39.26 -45.06 -22.46
N ALA D 183 -40.13 -46.06 -22.43
CA ALA D 183 -39.90 -47.33 -23.12
C ALA D 183 -41.22 -47.82 -23.68
N ALA D 184 -41.19 -48.41 -24.87
CA ALA D 184 -42.41 -48.83 -25.53
C ALA D 184 -42.05 -49.74 -26.69
N GLU D 185 -42.93 -50.70 -26.95
CA GLU D 185 -42.77 -51.64 -28.07
C GLU D 185 -43.11 -51.01 -29.40
N VAL D 186 -42.62 -51.63 -30.47
CA VAL D 186 -43.02 -51.23 -31.81
C VAL D 186 -44.55 -51.19 -31.89
N GLY D 187 -45.11 -50.08 -32.40
CA GLY D 187 -46.56 -49.94 -32.55
C GLY D 187 -47.20 -49.12 -31.43
N GLU D 188 -46.56 -49.09 -30.27
CA GLU D 188 -47.08 -48.32 -29.14
C GLU D 188 -46.79 -46.86 -29.36
N ILE D 189 -47.55 -46.02 -28.67
CA ILE D 189 -47.47 -44.58 -28.80
C ILE D 189 -47.00 -43.97 -27.49
N ILE D 190 -45.99 -43.12 -27.58
CA ILE D 190 -45.49 -42.34 -26.47
C ILE D 190 -46.12 -40.97 -26.57
N LYS D 191 -46.74 -40.51 -25.47
CA LYS D 191 -47.38 -39.20 -25.42
C LYS D 191 -46.33 -38.23 -24.91
N ALA D 192 -45.99 -37.25 -25.74
CA ALA D 192 -45.01 -36.21 -25.44
C ALA D 192 -45.70 -34.89 -25.18
N THR D 193 -45.55 -34.37 -23.97
CA THR D 193 -46.18 -33.14 -23.57
C THR D 193 -45.16 -32.02 -23.41
N VAL D 194 -45.37 -30.94 -24.16
CA VAL D 194 -44.60 -29.70 -24.02
C VAL D 194 -45.30 -28.89 -22.93
N LYS D 195 -44.53 -28.46 -21.94
CA LYS D 195 -45.04 -27.73 -20.78
C LYS D 195 -44.02 -26.71 -20.28
N ILE D 196 -44.53 -25.70 -19.55
CA ILE D 196 -43.70 -24.62 -19.01
C ILE D 196 -43.93 -24.47 -17.52
N ASN D 197 -42.97 -23.79 -16.88
CA ASN D 197 -43.04 -23.47 -15.47
C ASN D 197 -42.55 -22.05 -15.27
N LYS D 198 -43.39 -21.23 -14.64
N LYS D 198 -43.38 -21.23 -14.63
CA LYS D 198 -43.03 -19.87 -14.24
CA LYS D 198 -43.01 -19.87 -14.24
C LYS D 198 -42.42 -19.02 -15.37
C LYS D 198 -42.40 -19.03 -15.39
N ILE D 199 -43.07 -19.03 -16.54
CA ILE D 199 -42.72 -18.12 -17.64
C ILE D 199 -43.54 -16.86 -17.48
N THR D 200 -42.85 -15.76 -17.17
CA THR D 200 -43.49 -14.50 -16.80
C THR D 200 -44.34 -13.90 -17.91
N ASN D 201 -45.62 -13.73 -17.60
CA ASN D 201 -46.57 -13.08 -18.51
C ASN D 201 -46.66 -13.77 -19.87
N PHE D 202 -46.51 -15.09 -19.83
CA PHE D 202 -46.50 -15.91 -21.05
C PHE D 202 -47.75 -15.73 -21.89
N SER D 203 -47.57 -15.53 -23.20
CA SER D 203 -48.70 -15.41 -24.12
C SER D 203 -48.66 -16.30 -25.37
N GLY D 204 -47.59 -17.05 -25.58
CA GLY D 204 -47.48 -17.90 -26.76
C GLY D 204 -46.12 -18.50 -26.96
N TYR D 205 -46.08 -19.54 -27.81
CA TYR D 205 -44.85 -20.26 -28.10
C TYR D 205 -44.67 -20.54 -29.57
N GLN D 206 -43.41 -20.74 -29.94
CA GLN D 206 -43.04 -21.48 -31.14
C GLN D 206 -41.95 -22.45 -30.72
N VAL D 207 -42.12 -23.73 -31.08
CA VAL D 207 -41.09 -24.74 -30.83
C VAL D 207 -40.79 -25.55 -32.08
N ASN D 208 -39.53 -25.93 -32.19
CA ASN D 208 -39.00 -26.75 -33.25
C ASN D 208 -38.43 -28.02 -32.63
N ILE D 209 -38.98 -29.16 -33.06
CA ILE D 209 -38.73 -30.46 -32.47
C ILE D 209 -38.14 -31.39 -33.53
N LYS D 210 -37.02 -32.03 -33.18
CA LYS D 210 -36.32 -32.97 -34.06
C LYS D 210 -36.42 -34.36 -33.53
N TYR D 211 -36.84 -35.29 -34.39
CA TYR D 211 -36.93 -36.70 -34.07
C TYR D 211 -36.39 -37.49 -35.24
N ASP D 212 -36.07 -38.75 -34.99
CA ASP D 212 -35.56 -39.64 -36.04
C ASP D 212 -36.76 -40.29 -36.69
N PRO D 213 -37.08 -39.91 -37.95
CA PRO D 213 -38.35 -40.37 -38.51
C PRO D 213 -38.37 -41.84 -38.97
N THR D 214 -37.21 -42.48 -38.92
CA THR D 214 -37.12 -43.94 -39.15
C THR D 214 -37.35 -44.74 -37.89
N VAL D 215 -37.31 -44.08 -36.74
CA VAL D 215 -37.51 -44.75 -35.44
C VAL D 215 -38.85 -44.40 -34.78
N LEU D 216 -39.27 -43.15 -34.95
CA LEU D 216 -40.54 -42.66 -34.39
C LEU D 216 -41.38 -41.97 -35.47
N GLN D 217 -42.69 -42.15 -35.39
CA GLN D 217 -43.64 -41.47 -36.27
C GLN D 217 -44.54 -40.52 -35.48
N ALA D 218 -44.58 -39.26 -35.92
CA ALA D 218 -45.42 -38.26 -35.26
C ALA D 218 -46.88 -38.60 -35.58
N VAL D 219 -47.68 -38.75 -34.51
CA VAL D 219 -49.10 -39.09 -34.59
C VAL D 219 -49.91 -38.34 -33.54
N ASN D 220 -51.21 -38.29 -33.76
CA ASN D 220 -52.15 -37.89 -32.70
C ASN D 220 -52.07 -38.95 -31.61
N PRO D 221 -51.73 -38.54 -30.36
CA PRO D 221 -51.47 -39.50 -29.30
C PRO D 221 -52.70 -40.32 -28.87
N LYS D 222 -53.89 -39.77 -29.10
N LYS D 222 -53.89 -39.77 -29.09
CA LYS D 222 -55.13 -40.43 -28.73
CA LYS D 222 -55.13 -40.45 -28.73
C LYS D 222 -55.71 -41.30 -29.84
C LYS D 222 -55.65 -41.33 -29.86
N THR D 223 -55.64 -40.82 -31.10
CA THR D 223 -56.27 -41.54 -32.23
C THR D 223 -55.29 -42.38 -33.06
N GLY D 224 -53.99 -42.10 -32.90
CA GLY D 224 -52.94 -42.79 -33.64
C GLY D 224 -52.80 -42.37 -35.08
N VAL D 225 -53.56 -41.35 -35.49
CA VAL D 225 -53.53 -40.86 -36.89
C VAL D 225 -52.23 -40.09 -37.15
N ALA D 226 -51.57 -40.42 -38.25
CA ALA D 226 -50.28 -39.82 -38.54
C ALA D 226 -50.38 -38.33 -38.81
N TYR D 227 -49.40 -37.58 -38.31
CA TYR D 227 -49.28 -36.18 -38.67
C TYR D 227 -48.91 -36.05 -40.14
N THR D 228 -49.51 -35.03 -40.76
CA THR D 228 -49.07 -34.50 -42.04
C THR D 228 -48.24 -33.24 -41.74
N ASN D 229 -47.71 -32.61 -42.77
CA ASN D 229 -46.92 -31.40 -42.62
C ASN D 229 -47.68 -30.15 -42.19
N SER D 230 -49.00 -30.26 -42.07
CA SER D 230 -49.83 -29.17 -41.53
C SER D 230 -50.60 -29.54 -40.27
N SER D 231 -50.32 -30.69 -39.67
CA SER D 231 -51.09 -31.15 -38.51
C SER D 231 -50.93 -30.22 -37.30
N LEU D 232 -52.05 -29.98 -36.62
CA LEU D 232 -52.06 -29.30 -35.34
C LEU D 232 -51.70 -30.25 -34.21
N PRO D 233 -51.03 -29.73 -33.19
CA PRO D 233 -50.85 -30.53 -31.99
C PRO D 233 -52.16 -30.63 -31.20
N THR D 234 -52.21 -31.51 -30.22
CA THR D 234 -53.30 -31.53 -29.26
C THR D 234 -53.05 -30.43 -28.23
N SER D 235 -54.10 -29.71 -27.86
CA SER D 235 -53.96 -28.59 -26.96
C SER D 235 -53.67 -29.08 -25.56
N GLY D 236 -53.09 -28.20 -24.75
CA GLY D 236 -52.88 -28.43 -23.32
C GLY D 236 -53.76 -27.50 -22.48
N GLU D 237 -53.32 -27.27 -21.26
CA GLU D 237 -54.04 -26.47 -20.25
C GLU D 237 -54.00 -24.99 -20.58
N LEU D 238 -52.88 -24.55 -21.15
CA LEU D 238 -52.67 -23.14 -21.41
C LEU D 238 -53.03 -22.80 -22.84
N LEU D 239 -53.24 -21.49 -23.06
CA LEU D 239 -53.60 -20.97 -24.37
C LEU D 239 -54.94 -21.43 -24.94
N VAL D 240 -55.89 -21.78 -24.08
CA VAL D 240 -57.20 -22.21 -24.57
C VAL D 240 -58.37 -21.31 -24.19
N SER D 241 -58.07 -20.13 -23.63
CA SER D 241 -59.09 -19.12 -23.35
C SER D 241 -59.60 -18.50 -24.63
N GLU D 242 -60.88 -18.70 -24.93
CA GLU D 242 -61.47 -18.14 -26.14
C GLU D 242 -61.39 -16.62 -26.16
N ASP D 243 -61.57 -16.00 -25.00
CA ASP D 243 -61.60 -14.54 -24.91
C ASP D 243 -60.28 -13.87 -25.32
N TYR D 244 -59.19 -14.62 -25.30
CA TYR D 244 -57.89 -14.06 -25.61
C TYR D 244 -57.44 -14.38 -27.05
N GLY D 245 -58.29 -15.03 -27.84
CA GLY D 245 -58.04 -15.20 -29.27
C GLY D 245 -56.83 -16.05 -29.65
N PRO D 246 -56.77 -17.31 -29.18
CA PRO D 246 -55.68 -18.18 -29.61
C PRO D 246 -55.71 -18.57 -31.08
N ILE D 247 -54.53 -18.55 -31.69
CA ILE D 247 -54.36 -19.10 -33.04
C ILE D 247 -53.25 -20.13 -32.95
N VAL D 248 -53.40 -21.23 -33.67
CA VAL D 248 -52.43 -22.33 -33.64
C VAL D 248 -52.13 -22.73 -35.10
N GLN D 249 -50.89 -23.09 -35.36
CA GLN D 249 -50.45 -23.55 -36.67
C GLN D 249 -49.31 -24.54 -36.54
N GLY D 250 -49.28 -25.53 -37.43
CA GLY D 250 -48.18 -26.48 -37.55
C GLY D 250 -47.64 -26.45 -38.96
N VAL D 251 -46.31 -26.37 -39.07
CA VAL D 251 -45.60 -26.43 -40.36
C VAL D 251 -44.39 -27.35 -40.18
N HIS D 252 -44.52 -28.59 -40.65
CA HIS D 252 -43.57 -29.65 -40.37
C HIS D 252 -42.86 -30.11 -41.64
N LYS D 253 -41.78 -30.84 -41.44
CA LYS D 253 -41.16 -31.63 -42.50
C LYS D 253 -41.01 -33.06 -41.93
N ILE D 254 -42.06 -33.86 -42.01
CA ILE D 254 -42.04 -35.18 -41.36
C ILE D 254 -41.06 -36.14 -42.02
N SER D 255 -40.75 -35.94 -43.29
CA SER D 255 -39.71 -36.72 -43.96
C SER D 255 -38.32 -36.52 -43.33
N GLU D 256 -38.11 -35.36 -42.70
CA GLU D 256 -36.85 -35.03 -42.04
C GLU D 256 -36.97 -35.13 -40.51
N GLY D 257 -38.14 -35.54 -40.03
CA GLY D 257 -38.44 -35.62 -38.58
C GLY D 257 -38.34 -34.28 -37.86
N ILE D 258 -38.97 -33.27 -38.47
CA ILE D 258 -39.00 -31.92 -37.92
C ILE D 258 -40.44 -31.51 -37.77
N LEU D 259 -40.82 -31.14 -36.54
CA LEU D 259 -42.10 -30.51 -36.25
C LEU D 259 -41.83 -29.06 -35.87
N ASN D 260 -42.67 -28.18 -36.38
CA ASN D 260 -42.64 -26.80 -35.93
C ASN D 260 -44.05 -26.38 -35.61
N LEU D 261 -44.23 -25.99 -34.35
CA LEU D 261 -45.51 -25.74 -33.75
C LEU D 261 -45.55 -24.36 -33.12
N SER D 262 -46.66 -23.64 -33.36
CA SER D 262 -46.90 -22.31 -32.80
C SER D 262 -48.32 -22.12 -32.32
N ARG D 263 -48.48 -21.54 -31.13
CA ARG D 263 -49.78 -21.13 -30.62
C ARG D 263 -49.58 -19.88 -29.77
N SER D 264 -50.40 -18.87 -30.03
CA SER D 264 -50.33 -17.59 -29.31
C SER D 264 -51.72 -17.02 -29.11
N TYR D 265 -51.90 -16.33 -28.00
CA TYR D 265 -53.02 -15.42 -27.86
C TYR D 265 -52.78 -14.16 -28.70
N THR D 266 -53.85 -13.58 -29.21
CA THR D 266 -53.82 -12.38 -30.04
C THR D 266 -54.49 -11.17 -29.37
N ALA D 267 -55.49 -11.42 -28.52
CA ALA D 267 -56.20 -10.33 -27.85
C ALA D 267 -55.46 -9.99 -26.56
N LEU D 268 -54.26 -9.43 -26.73
CA LEU D 268 -53.31 -9.26 -25.62
C LEU D 268 -53.80 -8.21 -24.61
N GLU D 269 -54.51 -7.20 -25.07
CA GLU D 269 -55.05 -6.18 -24.17
C GLU D 269 -56.05 -6.77 -23.19
N VAL D 270 -56.95 -7.59 -23.71
CA VAL D 270 -57.94 -8.27 -22.89
C VAL D 270 -57.22 -9.18 -21.88
N TYR D 271 -56.19 -9.86 -22.35
CA TYR D 271 -55.42 -10.77 -21.53
C TYR D 271 -54.68 -10.02 -20.42
N ARG D 272 -53.99 -8.94 -20.77
CA ARG D 272 -53.31 -8.11 -19.76
C ARG D 272 -54.30 -7.60 -18.71
N ALA D 273 -55.52 -7.29 -19.16
CA ALA D 273 -56.57 -6.73 -18.26
C ALA D 273 -57.00 -7.70 -17.19
N SER D 274 -56.85 -9.00 -17.48
CA SER D 274 -57.24 -10.04 -16.53
C SER D 274 -56.36 -10.06 -15.28
N GLU D 275 -55.13 -9.60 -15.43
CA GLU D 275 -54.14 -9.59 -14.36
C GLU D 275 -53.91 -11.00 -13.82
N SER D 276 -54.02 -11.97 -14.73
CA SER D 276 -53.92 -13.38 -14.39
C SER D 276 -53.15 -14.11 -15.51
N PRO D 277 -51.83 -13.97 -15.52
CA PRO D 277 -51.05 -14.61 -16.57
C PRO D 277 -50.97 -16.12 -16.44
N GLU D 278 -50.91 -16.79 -17.59
CA GLU D 278 -50.77 -18.25 -17.67
C GLU D 278 -49.30 -18.63 -17.75
N GLU D 279 -48.68 -18.84 -16.60
CA GLU D 279 -47.24 -18.93 -16.52
C GLU D 279 -46.72 -20.35 -16.34
N THR D 280 -47.60 -21.26 -15.93
CA THR D 280 -47.22 -22.65 -15.61
C THR D 280 -48.30 -23.58 -16.09
N GLY D 281 -47.90 -24.62 -16.84
CA GLY D 281 -48.89 -25.58 -17.35
C GLY D 281 -48.49 -26.16 -18.69
N THR D 282 -49.31 -27.07 -19.19
CA THR D 282 -49.02 -27.74 -20.45
C THR D 282 -49.43 -26.87 -21.65
N LEU D 283 -48.65 -27.01 -22.74
CA LEU D 283 -48.83 -26.22 -23.97
C LEU D 283 -49.33 -27.02 -25.16
N ALA D 284 -48.86 -28.25 -25.28
CA ALA D 284 -49.11 -29.03 -26.47
C ALA D 284 -48.81 -30.49 -26.18
N VAL D 285 -49.56 -31.36 -26.81
CA VAL D 285 -49.30 -32.80 -26.76
C VAL D 285 -49.20 -33.35 -28.19
N VAL D 286 -48.14 -34.12 -28.41
CA VAL D 286 -47.89 -34.81 -29.69
C VAL D 286 -47.60 -36.27 -29.37
N GLY D 287 -47.89 -37.15 -30.31
CA GLY D 287 -47.62 -38.58 -30.12
C GLY D 287 -46.45 -39.03 -30.93
N PHE D 288 -45.67 -39.95 -30.37
CA PHE D 288 -44.64 -40.62 -31.15
C PHE D 288 -44.89 -42.10 -31.10
N LYS D 289 -45.23 -42.64 -32.27
CA LYS D 289 -45.43 -44.07 -32.46
C LYS D 289 -44.10 -44.75 -32.75
N VAL D 290 -43.83 -45.85 -32.03
CA VAL D 290 -42.53 -46.54 -32.18
C VAL D 290 -42.48 -47.38 -33.46
N LEU D 291 -41.53 -47.05 -34.35
CA LEU D 291 -41.31 -47.79 -35.59
C LEU D 291 -40.26 -48.85 -35.40
N GLN D 292 -39.25 -48.54 -34.59
CA GLN D 292 -38.19 -49.47 -34.20
C GLN D 292 -37.89 -49.32 -32.72
N LYS D 293 -37.70 -50.44 -32.03
CA LYS D 293 -37.40 -50.39 -30.60
C LYS D 293 -35.89 -50.30 -30.42
N LYS D 294 -35.39 -49.07 -30.44
CA LYS D 294 -34.00 -48.81 -30.24
C LYS D 294 -33.86 -47.42 -29.64
N ALA D 295 -32.72 -47.20 -28.98
CA ALA D 295 -32.51 -45.96 -28.23
C ALA D 295 -32.59 -44.78 -29.18
N THR D 296 -33.40 -43.80 -28.80
CA THR D 296 -33.65 -42.67 -29.66
C THR D 296 -34.01 -41.48 -28.80
N THR D 297 -33.83 -40.30 -29.34
CA THR D 297 -34.14 -39.09 -28.56
C THR D 297 -34.90 -38.09 -29.40
N VAL D 298 -35.72 -37.32 -28.71
CA VAL D 298 -36.46 -36.22 -29.30
C VAL D 298 -35.86 -34.99 -28.65
N VAL D 299 -35.68 -33.91 -29.41
CA VAL D 299 -35.11 -32.70 -28.85
C VAL D 299 -35.66 -31.44 -29.44
N PHE D 300 -35.65 -30.41 -28.61
CA PHE D 300 -35.89 -29.07 -29.08
C PHE D 300 -34.60 -28.70 -29.79
N GLU D 301 -34.71 -28.20 -31.01
CA GLU D 301 -33.52 -27.92 -31.81
C GLU D 301 -33.66 -26.65 -32.61
N ASP D 302 -32.62 -25.83 -32.59
CA ASP D 302 -32.59 -24.61 -33.39
C ASP D 302 -32.85 -24.89 -34.90
N SER D 303 -33.54 -23.95 -35.51
CA SER D 303 -33.83 -23.95 -36.94
C SER D 303 -33.43 -22.60 -37.53
N GLU D 304 -32.92 -22.61 -38.76
CA GLU D 304 -32.67 -21.35 -39.49
C GLU D 304 -33.95 -20.53 -39.69
N THR D 305 -35.12 -21.17 -39.56
CA THR D 305 -36.39 -20.46 -39.61
C THR D 305 -36.68 -19.69 -38.33
N MET D 306 -35.90 -19.95 -37.28
CA MET D 306 -36.07 -19.31 -35.99
C MET D 306 -34.74 -18.75 -35.54
N PRO D 307 -34.26 -17.68 -36.20
CA PRO D 307 -32.92 -17.19 -35.84
C PRO D 307 -32.79 -16.69 -34.40
N ASN D 308 -33.90 -16.29 -33.79
CA ASN D 308 -33.88 -15.76 -32.45
C ASN D 308 -34.31 -16.80 -31.45
N GLY D 309 -34.53 -18.02 -31.93
CA GLY D 309 -34.86 -19.15 -31.07
C GLY D 309 -33.76 -19.49 -30.07
N ILE D 310 -34.20 -19.97 -28.90
CA ILE D 310 -33.32 -20.36 -27.85
C ILE D 310 -33.44 -21.87 -27.76
N THR D 311 -32.46 -22.58 -28.32
CA THR D 311 -32.49 -24.03 -28.44
C THR D 311 -33.87 -24.48 -28.98
N GLY D 312 -34.25 -23.88 -30.11
CA GLY D 312 -35.48 -24.27 -30.79
C GLY D 312 -36.77 -23.83 -30.13
N THR D 313 -36.69 -22.84 -29.24
CA THR D 313 -37.88 -22.35 -28.51
C THR D 313 -37.96 -20.81 -28.57
N THR D 314 -39.17 -20.33 -28.78
CA THR D 314 -39.49 -18.93 -28.66
C THR D 314 -40.73 -18.82 -27.78
N LEU D 315 -40.59 -18.07 -26.69
CA LEU D 315 -41.69 -17.77 -25.77
C LEU D 315 -41.96 -16.27 -25.81
N PHE D 316 -43.24 -15.92 -25.90
CA PHE D 316 -43.65 -14.52 -25.91
C PHE D 316 -44.33 -14.17 -24.61
N ASN D 317 -44.26 -12.89 -24.26
CA ASN D 317 -45.05 -12.35 -23.18
C ASN D 317 -46.22 -11.51 -23.73
N TRP D 318 -47.07 -11.05 -22.83
CA TRP D 318 -48.32 -10.43 -23.23
C TRP D 318 -48.21 -8.98 -23.71
N TYR D 319 -46.97 -8.48 -23.82
CA TYR D 319 -46.68 -7.24 -24.54
C TYR D 319 -46.32 -7.53 -25.99
N GLY D 320 -46.19 -8.81 -26.33
CA GLY D 320 -45.76 -9.23 -27.67
C GLY D 320 -44.25 -9.27 -27.79
N ASN D 321 -43.55 -9.36 -26.65
CA ASN D 321 -42.10 -9.37 -26.63
C ASN D 321 -41.61 -10.80 -26.59
N ARG D 322 -40.54 -11.08 -27.34
CA ARG D 322 -39.82 -12.34 -27.20
C ARG D 322 -39.09 -12.31 -25.87
N ILE D 323 -39.21 -13.41 -25.13
CA ILE D 323 -38.52 -13.56 -23.86
C ILE D 323 -37.12 -14.08 -24.21
N GLN D 324 -36.11 -13.22 -24.03
CA GLN D 324 -34.79 -13.47 -24.60
C GLN D 324 -33.81 -14.09 -23.61
N SER D 325 -34.24 -14.24 -22.36
CA SER D 325 -33.39 -14.75 -21.30
C SER D 325 -34.24 -15.11 -20.10
N GLY D 326 -33.63 -15.78 -19.12
CA GLY D 326 -34.27 -16.08 -17.84
C GLY D 326 -35.05 -17.38 -17.77
N TYR D 327 -35.08 -18.17 -18.85
CA TYR D 327 -35.64 -19.50 -18.77
C TYR D 327 -34.70 -20.57 -19.32
N PHE D 328 -34.88 -21.79 -18.82
CA PHE D 328 -34.13 -22.96 -19.25
C PHE D 328 -34.90 -23.82 -20.23
N VAL D 329 -34.19 -24.42 -21.17
CA VAL D 329 -34.78 -25.47 -22.04
C VAL D 329 -34.31 -26.81 -21.51
N ILE D 330 -35.26 -27.62 -21.08
CA ILE D 330 -34.98 -28.91 -20.48
C ILE D 330 -35.38 -30.01 -21.46
N GLN D 331 -34.38 -30.64 -22.06
CA GLN D 331 -34.62 -31.71 -23.05
C GLN D 331 -35.25 -32.93 -22.39
N PRO D 332 -36.07 -33.68 -23.15
CA PRO D 332 -36.79 -34.81 -22.53
C PRO D 332 -35.96 -36.05 -22.23
N GLY D 333 -34.83 -36.23 -22.91
CA GLY D 333 -34.00 -37.43 -22.66
C GLY D 333 -34.46 -38.63 -23.49
N GLU D 334 -33.85 -39.77 -23.25
CA GLU D 334 -33.89 -40.89 -24.21
C GLU D 334 -35.10 -41.82 -24.06
N ILE D 335 -35.58 -42.32 -25.20
CA ILE D 335 -36.66 -43.31 -25.32
C ILE D 335 -36.00 -44.66 -25.65
N ASN D 336 -36.46 -45.73 -25.00
CA ASN D 336 -35.93 -47.09 -25.24
C ASN D 336 -34.42 -47.16 -25.05
N SER D 337 -33.95 -46.57 -23.95
CA SER D 337 -32.54 -46.61 -23.61
C SER D 337 -32.06 -48.04 -23.48
N ALA D 338 -30.79 -48.24 -23.80
CA ALA D 338 -30.16 -49.55 -23.70
C ALA D 338 -29.68 -49.79 -22.27
N PRO D 339 -29.41 -51.06 -21.94
CA PRO D 339 -28.54 -51.43 -20.82
C PRO D 339 -27.07 -51.56 -21.24
N ILE D 340 -26.81 -51.37 -22.54
CA ILE D 340 -25.48 -51.42 -23.15
C ILE D 340 -24.43 -50.60 -22.39
C1 EDO E . -3.78 21.55 29.89
O1 EDO E . -2.57 21.13 29.23
C2 EDO E . -3.85 20.93 31.28
O2 EDO E . -2.78 21.39 32.11
C1 EDO F . 29.49 40.91 33.91
O1 EDO F . 28.91 39.60 33.87
C2 EDO F . 29.90 41.23 35.34
O2 EDO F . 28.86 41.94 36.00
C1 EDO G . 29.83 32.11 22.49
O1 EDO G . 30.51 32.09 21.22
C2 EDO G . 29.95 33.48 23.10
O2 EDO G . 28.65 34.00 23.42
C1 EDO H . 44.23 16.68 33.82
O1 EDO H . 43.86 18.00 33.45
C2 EDO H . 44.77 16.69 35.24
O2 EDO H . 43.69 16.69 36.18
C1 EDO I . 13.05 53.60 34.48
O1 EDO I . 12.59 52.93 33.28
C2 EDO I . 14.42 53.10 34.97
O2 EDO I . 14.48 51.67 35.22
C1 EDO J . 18.56 18.31 26.43
O1 EDO J . 18.21 17.85 25.11
C2 EDO J . 18.76 17.11 27.34
O2 EDO J . 17.56 16.32 27.41
C1 PDO K . 15.14 45.75 43.43
O1 PDO K . 16.34 46.50 43.68
C2 PDO K . 15.48 44.26 43.28
C3 PDO K . 14.37 43.50 42.57
O3 PDO K . 14.90 42.38 41.84
C1 EDO L . 41.11 45.03 25.58
C1 EDO L . 41.17 45.06 26.93
C1 EDO L . 39.38 46.30 28.68
O1 EDO L . 39.71 44.71 25.56
O1 EDO L . 40.34 45.86 26.10
O1 EDO L . 39.83 46.29 27.32
C2 EDO L . 41.72 45.00 26.97
C2 EDO L . 41.00 45.43 28.38
C2 EDO L . 40.01 45.19 29.48
O2 EDO L . 41.69 46.28 27.58
O2 EDO L . 39.62 45.54 28.69
O2 EDO L . 39.62 43.94 28.93
C1 EDO M . -12.26 6.95 -2.84
O1 EDO M . -10.91 6.51 -2.61
C2 EDO M . -12.27 7.85 -4.06
O2 EDO M . -13.50 7.82 -4.81
C1 EDO N . -26.74 1.01 -11.19
O1 EDO N . -25.94 1.21 -12.39
C2 EDO N . -25.86 0.84 -9.94
O2 EDO N . -25.05 -0.36 -9.96
C1 EDO O . 21.57 -4.20 -6.45
O1 EDO O . 20.52 -3.99 -5.50
C2 EDO O . 20.97 -4.07 -7.84
O2 EDO O . 20.62 -2.72 -8.12
C1 EDO P . 13.90 19.26 -7.18
O1 EDO P . 14.87 20.29 -7.04
C2 EDO P . 13.96 18.30 -5.98
O2 EDO P . 14.31 18.97 -4.75
C1 EDO Q . 13.00 21.53 -21.75
O1 EDO Q . 14.05 22.24 -21.09
C2 EDO Q . 12.62 20.28 -20.94
O2 EDO Q . 11.29 19.87 -21.25
O1 HEZ R . 29.94 -2.60 -20.16
C1 HEZ R . 31.22 -2.15 -19.74
C2 HEZ R . 31.51 -2.74 -18.36
C3 HEZ R . 32.57 -1.92 -17.62
C4 HEZ R . 33.94 -2.58 -17.57
C5 HEZ R . 35.02 -1.56 -17.25
C6 HEZ R . 34.98 -1.18 -15.78
O6 HEZ R . 35.65 0.05 -15.48
C1 EDO S . -5.41 -13.51 17.83
O1 EDO S . -4.91 -13.85 19.13
C2 EDO S . -6.92 -13.40 17.90
O2 EDO S . -7.54 -14.65 18.23
C1 EDO T . -21.78 2.04 6.07
O1 EDO T . -20.73 1.12 5.86
C2 EDO T . -22.11 2.15 7.55
O2 EDO T . -21.52 3.30 8.16
C1 EDO U . 4.94 5.69 28.83
O1 EDO U . 5.97 4.90 28.22
C2 EDO U . 3.89 4.78 29.45
O2 EDO U . 4.51 3.77 30.25
C1 EDO V . 26.96 -20.35 8.59
O1 EDO V . 26.72 -21.49 7.74
C2 EDO V . 27.20 -20.80 10.03
O2 EDO V . 26.03 -21.44 10.56
C1 EDO W . -22.91 -1.11 3.18
O1 EDO W . -21.62 -0.61 2.87
C2 EDO W . -22.80 -2.55 3.68
O2 EDO W . -22.01 -2.63 4.86
C1 EDO X . -8.17 -16.08 7.89
O1 EDO X . -7.52 -17.31 8.20
C2 EDO X . -9.68 -16.17 8.05
O2 EDO X . -10.23 -17.24 7.27
C1 EDO Y . -10.08 -6.68 1.02
O1 EDO Y . -9.45 -5.39 1.20
C2 EDO Y . -9.93 -7.56 2.27
O2 EDO Y . -11.17 -7.67 3.03
C1 EDO Z . 5.84 -26.02 6.20
O1 EDO Z . 5.56 -25.30 4.99
C2 EDO Z . 6.99 -25.34 6.94
O2 EDO Z . 7.01 -25.76 8.30
C1 PDO AA . -2.00 -2.06 20.05
O1 PDO AA . -3.07 -3.03 19.98
C2 PDO AA . -1.73 -1.61 21.50
C3 PDO AA . -1.84 -0.10 21.70
O3 PDO AA . -0.85 0.47 22.60
C1 EDO BA . -45.85 -21.60 -38.06
O1 EDO BA . -44.56 -21.08 -38.38
C2 EDO BA . -45.69 -23.03 -37.57
O2 EDO BA . -45.08 -23.06 -36.28
C1 EDO CA . -24.87 -39.15 -26.20
O1 EDO CA . -24.11 -39.89 -27.17
C2 EDO CA . -24.23 -39.26 -24.82
O2 EDO CA . -24.79 -40.30 -24.00
C1 EDO DA . -33.23 -36.01 -32.48
O1 EDO DA . -33.22 -37.35 -32.96
C2 EDO DA . -31.88 -35.70 -31.88
O2 EDO DA . -30.90 -36.62 -32.36
C1 EDO EA . -53.84 -35.52 -37.99
O1 EDO EA . -53.71 -34.14 -38.36
C2 EDO EA . -53.47 -35.72 -36.52
O2 EDO EA . -54.56 -35.37 -35.64
C1 EDO FA . -8.64 -44.51 -36.10
O1 EDO FA . -8.67 -45.25 -37.32
C2 EDO FA . -8.06 -45.37 -34.99
O2 EDO FA . -8.11 -44.66 -33.76
C1 EDO GA . -29.87 -42.67 -19.27
O1 EDO GA . -30.50 -41.86 -20.27
C2 EDO GA . -29.92 -41.99 -17.91
O2 EDO GA . -29.41 -40.64 -17.96
C1 EDO HA . -54.58 -21.70 -16.62
O1 EDO HA . -55.93 -21.19 -16.51
C2 EDO HA . -53.77 -21.35 -15.38
O2 EDO HA . -53.00 -20.14 -15.60
#